data_7ZAR
# 
_entry.id   7ZAR 
# 
_audit_conform.dict_name       mmcif_pdbx.dic 
_audit_conform.dict_version    5.384 
_audit_conform.dict_location   http://mmcif.pdb.org/dictionaries/ascii/mmcif_pdbx.dic 
# 
loop_
_database_2.database_id 
_database_2.database_code 
_database_2.pdbx_database_accession 
_database_2.pdbx_DOI 
PDB   7ZAR         pdb_00007zar 10.2210/pdb7zar/pdb 
WWPDB D_1292121879 ?            ?                   
# 
loop_
_pdbx_audit_revision_history.ordinal 
_pdbx_audit_revision_history.data_content_type 
_pdbx_audit_revision_history.major_revision 
_pdbx_audit_revision_history.minor_revision 
_pdbx_audit_revision_history.revision_date 
1 'Structure model' 1 0 2022-11-23 
2 'Structure model' 1 1 2022-12-07 
3 'Structure model' 1 2 2023-01-11 
4 'Structure model' 1 3 2024-01-31 
# 
_pdbx_audit_revision_details.ordinal             1 
_pdbx_audit_revision_details.revision_ordinal    1 
_pdbx_audit_revision_details.data_content_type   'Structure model' 
_pdbx_audit_revision_details.provider            repository 
_pdbx_audit_revision_details.type                'Initial release' 
_pdbx_audit_revision_details.description         ? 
_pdbx_audit_revision_details.details             ? 
# 
loop_
_pdbx_audit_revision_group.ordinal 
_pdbx_audit_revision_group.revision_ordinal 
_pdbx_audit_revision_group.data_content_type 
_pdbx_audit_revision_group.group 
1 2 'Structure model' 'Database references'    
2 3 'Structure model' 'Database references'    
3 4 'Structure model' 'Data collection'        
4 4 'Structure model' 'Refinement description' 
# 
loop_
_pdbx_audit_revision_category.ordinal 
_pdbx_audit_revision_category.revision_ordinal 
_pdbx_audit_revision_category.data_content_type 
_pdbx_audit_revision_category.category 
1 2 'Structure model' citation                      
2 2 'Structure model' citation_author               
3 3 'Structure model' citation_author               
4 4 'Structure model' chem_comp_atom                
5 4 'Structure model' chem_comp_bond                
6 4 'Structure model' pdbx_initial_refinement_model 
# 
loop_
_pdbx_audit_revision_item.ordinal 
_pdbx_audit_revision_item.revision_ordinal 
_pdbx_audit_revision_item.data_content_type 
_pdbx_audit_revision_item.item 
1 2 'Structure model' '_citation.journal_volume'          
2 2 'Structure model' '_citation.page_first'              
3 2 'Structure model' '_citation.page_last'               
4 2 'Structure model' '_citation_author.identifier_ORCID' 
5 3 'Structure model' '_citation_author.identifier_ORCID' 
# 
_pdbx_database_status.status_code                     REL 
_pdbx_database_status.status_code_sf                  REL 
_pdbx_database_status.status_code_mr                  ? 
_pdbx_database_status.entry_id                        7ZAR 
_pdbx_database_status.recvd_initial_deposition_date   2022-03-22 
_pdbx_database_status.SG_entry                        N 
_pdbx_database_status.deposit_site                    PDBE 
_pdbx_database_status.process_site                    PDBE 
_pdbx_database_status.status_code_cs                  ? 
_pdbx_database_status.status_code_nmr_data            ? 
_pdbx_database_status.methods_development_category    ? 
_pdbx_database_status.pdb_format_compatible           N 
# 
_pdbx_contact_author.id                 2 
_pdbx_contact_author.email              martin.noble@ncl.ac.uk 
_pdbx_contact_author.name_first         Martin 
_pdbx_contact_author.name_last          Noble 
_pdbx_contact_author.name_mi            E.M 
_pdbx_contact_author.role               'principal investigator/group leader' 
_pdbx_contact_author.identifier_ORCID   0000-0002-3595-9807 
# 
loop_
_audit_author.name 
_audit_author.pdbx_ordinal 
_audit_author.identifier_ORCID 
'Turberville, S.' 1 0000-0003-2173-9675 
'Martin, M.P.'    2 0000-0003-4810-3351 
'Hope, I.'        3 ?                   
'Noble, M.E.M.'   4 0000-0002-3595-9807 
# 
_citation.abstract                  ? 
_citation.abstract_id_CAS           ? 
_citation.book_id_ISBN              ? 
_citation.book_publisher            ? 
_citation.book_publisher_city       ? 
_citation.book_title                ? 
_citation.coordinate_linkage        ? 
_citation.country                   US 
_citation.database_id_Medline       ? 
_citation.details                   ? 
_citation.id                        primary 
_citation.journal_abbrev            J.Med.Chem. 
_citation.journal_id_ASTM           JMCMAR 
_citation.journal_id_CSD            0151 
_citation.journal_id_ISSN           0022-2623 
_citation.journal_full              ? 
_citation.journal_issue             ? 
_citation.journal_volume            65 
_citation.language                  ? 
_citation.page_first                15416 
_citation.page_last                 15432 
_citation.title                     
;Mapping Ligand Interactions of Bromodomains BRD4 and ATAD2 with FragLites and PepLites&#9472;Halogenated Probes of Druglike and Peptide-like Molecular Interactions.
;
_citation.year                      2022 
_citation.database_id_CSD           ? 
_citation.pdbx_database_id_DOI      10.1021/acs.jmedchem.2c01357 
_citation.pdbx_database_id_PubMed   36367089 
_citation.pdbx_database_id_patent   ? 
_citation.unpublished_flag          ? 
# 
loop_
_citation_author.citation_id 
_citation_author.name 
_citation_author.ordinal 
_citation_author.identifier_ORCID 
primary 'Davison, G.'       1  0000-0001-5466-2702 
primary 'Martin, M.P.'      2  ?                   
primary 'Turberville, S.'   3  ?                   
primary 'Dormen, S.'        4  ?                   
primary 'Heath, R.'         5  ?                   
primary 'Heptinstall, A.B.' 6  ?                   
primary 'Lawson, M.'        7  ?                   
primary 'Miller, D.C.'      8  0000-0001-6846-2007 
primary 'Ng, Y.M.'          9  ?                   
primary 'Sanderson, J.N.'   10 0000-0003-1000-2897 
primary 'Hope, I.'          11 0000-0002-8002-5026 
primary 'Wood, D.J.'        12 ?                   
primary 'Cano, C.'          13 0000-0002-2032-2272 
primary 'Endicott, J.A.'    14 ?                   
primary 'Hardcastle, I.R.'  15 0000-0001-7495-3769 
primary 'Noble, M.E.M.'     16 ?                   
primary 'Waring, M.J.'      17 0000-0002-9110-8783 
# 
loop_
_entity.id 
_entity.type 
_entity.src_method 
_entity.pdbx_description 
_entity.formula_weight 
_entity.pdbx_number_of_molecules 
_entity.pdbx_ec 
_entity.pdbx_mutation 
_entity.pdbx_fragment 
_entity.details 
1 polymer     man 'Isoform C of Bromodomain-containing protein 4' 15294.578 1   ? ? ? ? 
2 non-polymer syn GLYCEROL                                        92.094    1   ? ? ? ? 
3 non-polymer syn '(4-bromanylpyridin-2-yl)methanol'              188.022   1   ? ? ? ? 
4 water       nat water                                           18.015    156 ? ? ? ? 
# 
_entity_name_com.entity_id   1 
_entity_name_com.name        'Protein HUNK1' 
# 
_entity_poly.entity_id                      1 
_entity_poly.type                           'polypeptide(L)' 
_entity_poly.nstd_linkage                   no 
_entity_poly.nstd_monomer                   no 
_entity_poly.pdbx_seq_one_letter_code       
;GSHMNPPPPETSNPNKPKRQTNQLQYLLRVVLKTLWKHQFAWPFQQPVDAVKLNLPDYYKIIKTPMDMGTIKKRLENNYY
WNAQECIQDFNTMFTNCYIYNKPGDDIVLMAEALEKLFLQKINELPTEE
;
_entity_poly.pdbx_seq_one_letter_code_can   
;GSHMNPPPPETSNPNKPKRQTNQLQYLLRVVLKTLWKHQFAWPFQQPVDAVKLNLPDYYKIIKTPMDMGTIKKRLENNYY
WNAQECIQDFNTMFTNCYIYNKPGDDIVLMAEALEKLFLQKINELPTEE
;
_entity_poly.pdbx_strand_id                 AAA 
_entity_poly.pdbx_target_identifier         ? 
# 
loop_
_pdbx_entity_nonpoly.entity_id 
_pdbx_entity_nonpoly.name 
_pdbx_entity_nonpoly.comp_id 
2 GLYCEROL                           GOL 
3 '(4-bromanylpyridin-2-yl)methanol' IJF 
4 water                              HOH 
# 
loop_
_entity_poly_seq.entity_id 
_entity_poly_seq.num 
_entity_poly_seq.mon_id 
_entity_poly_seq.hetero 
1 1   GLY n 
1 2   SER n 
1 3   HIS n 
1 4   MET n 
1 5   ASN n 
1 6   PRO n 
1 7   PRO n 
1 8   PRO n 
1 9   PRO n 
1 10  GLU n 
1 11  THR n 
1 12  SER n 
1 13  ASN n 
1 14  PRO n 
1 15  ASN n 
1 16  LYS n 
1 17  PRO n 
1 18  LYS n 
1 19  ARG n 
1 20  GLN n 
1 21  THR n 
1 22  ASN n 
1 23  GLN n 
1 24  LEU n 
1 25  GLN n 
1 26  TYR n 
1 27  LEU n 
1 28  LEU n 
1 29  ARG n 
1 30  VAL n 
1 31  VAL n 
1 32  LEU n 
1 33  LYS n 
1 34  THR n 
1 35  LEU n 
1 36  TRP n 
1 37  LYS n 
1 38  HIS n 
1 39  GLN n 
1 40  PHE n 
1 41  ALA n 
1 42  TRP n 
1 43  PRO n 
1 44  PHE n 
1 45  GLN n 
1 46  GLN n 
1 47  PRO n 
1 48  VAL n 
1 49  ASP n 
1 50  ALA n 
1 51  VAL n 
1 52  LYS n 
1 53  LEU n 
1 54  ASN n 
1 55  LEU n 
1 56  PRO n 
1 57  ASP n 
1 58  TYR n 
1 59  TYR n 
1 60  LYS n 
1 61  ILE n 
1 62  ILE n 
1 63  LYS n 
1 64  THR n 
1 65  PRO n 
1 66  MET n 
1 67  ASP n 
1 68  MET n 
1 69  GLY n 
1 70  THR n 
1 71  ILE n 
1 72  LYS n 
1 73  LYS n 
1 74  ARG n 
1 75  LEU n 
1 76  GLU n 
1 77  ASN n 
1 78  ASN n 
1 79  TYR n 
1 80  TYR n 
1 81  TRP n 
1 82  ASN n 
1 83  ALA n 
1 84  GLN n 
1 85  GLU n 
1 86  CYS n 
1 87  ILE n 
1 88  GLN n 
1 89  ASP n 
1 90  PHE n 
1 91  ASN n 
1 92  THR n 
1 93  MET n 
1 94  PHE n 
1 95  THR n 
1 96  ASN n 
1 97  CYS n 
1 98  TYR n 
1 99  ILE n 
1 100 TYR n 
1 101 ASN n 
1 102 LYS n 
1 103 PRO n 
1 104 GLY n 
1 105 ASP n 
1 106 ASP n 
1 107 ILE n 
1 108 VAL n 
1 109 LEU n 
1 110 MET n 
1 111 ALA n 
1 112 GLU n 
1 113 ALA n 
1 114 LEU n 
1 115 GLU n 
1 116 LYS n 
1 117 LEU n 
1 118 PHE n 
1 119 LEU n 
1 120 GLN n 
1 121 LYS n 
1 122 ILE n 
1 123 ASN n 
1 124 GLU n 
1 125 LEU n 
1 126 PRO n 
1 127 THR n 
1 128 GLU n 
1 129 GLU n 
# 
_entity_src_gen.entity_id                          1 
_entity_src_gen.pdbx_src_id                        1 
_entity_src_gen.pdbx_alt_source_flag               sample 
_entity_src_gen.pdbx_seq_type                      'Biological sequence' 
_entity_src_gen.pdbx_beg_seq_num                   1 
_entity_src_gen.pdbx_end_seq_num                   129 
_entity_src_gen.gene_src_common_name               human 
_entity_src_gen.gene_src_genus                     ? 
_entity_src_gen.pdbx_gene_src_gene                 'BRD4, HUNK1' 
_entity_src_gen.gene_src_species                   ? 
_entity_src_gen.gene_src_strain                    ? 
_entity_src_gen.gene_src_tissue                    ? 
_entity_src_gen.gene_src_tissue_fraction           ? 
_entity_src_gen.gene_src_details                   ? 
_entity_src_gen.pdbx_gene_src_fragment             ? 
_entity_src_gen.pdbx_gene_src_scientific_name      'Homo sapiens' 
_entity_src_gen.pdbx_gene_src_ncbi_taxonomy_id     9606 
_entity_src_gen.pdbx_gene_src_variant              ? 
_entity_src_gen.pdbx_gene_src_cell_line            ? 
_entity_src_gen.pdbx_gene_src_atcc                 ? 
_entity_src_gen.pdbx_gene_src_organ                ? 
_entity_src_gen.pdbx_gene_src_organelle            ? 
_entity_src_gen.pdbx_gene_src_cell                 ? 
_entity_src_gen.pdbx_gene_src_cellular_location    ? 
_entity_src_gen.host_org_common_name               ? 
_entity_src_gen.pdbx_host_org_scientific_name      'Escherichia coli BL21(DE3)' 
_entity_src_gen.pdbx_host_org_ncbi_taxonomy_id     469008 
_entity_src_gen.host_org_genus                     ? 
_entity_src_gen.pdbx_host_org_gene                 ? 
_entity_src_gen.pdbx_host_org_organ                ? 
_entity_src_gen.host_org_species                   ? 
_entity_src_gen.pdbx_host_org_tissue               ? 
_entity_src_gen.pdbx_host_org_tissue_fraction      ? 
_entity_src_gen.pdbx_host_org_strain               ? 
_entity_src_gen.pdbx_host_org_variant              ? 
_entity_src_gen.pdbx_host_org_cell_line            ? 
_entity_src_gen.pdbx_host_org_atcc                 ? 
_entity_src_gen.pdbx_host_org_culture_collection   ? 
_entity_src_gen.pdbx_host_org_cell                 ? 
_entity_src_gen.pdbx_host_org_organelle            ? 
_entity_src_gen.pdbx_host_org_cellular_location    ? 
_entity_src_gen.pdbx_host_org_vector_type          ? 
_entity_src_gen.pdbx_host_org_vector               ? 
_entity_src_gen.host_org_details                   ? 
_entity_src_gen.expression_system_id               ? 
_entity_src_gen.plasmid_name                       pET28b 
_entity_src_gen.plasmid_details                    ? 
_entity_src_gen.pdbx_description                   ? 
# 
loop_
_chem_comp.id 
_chem_comp.type 
_chem_comp.mon_nstd_flag 
_chem_comp.name 
_chem_comp.pdbx_synonyms 
_chem_comp.formula 
_chem_comp.formula_weight 
ALA 'L-peptide linking' y ALANINE                            ?                               'C3 H7 N O2'     89.093  
ARG 'L-peptide linking' y ARGININE                           ?                               'C6 H15 N4 O2 1' 175.209 
ASN 'L-peptide linking' y ASPARAGINE                         ?                               'C4 H8 N2 O3'    132.118 
ASP 'L-peptide linking' y 'ASPARTIC ACID'                    ?                               'C4 H7 N O4'     133.103 
CYS 'L-peptide linking' y CYSTEINE                           ?                               'C3 H7 N O2 S'   121.158 
GLN 'L-peptide linking' y GLUTAMINE                          ?                               'C5 H10 N2 O3'   146.144 
GLU 'L-peptide linking' y 'GLUTAMIC ACID'                    ?                               'C5 H9 N O4'     147.129 
GLY 'peptide linking'   y GLYCINE                            ?                               'C2 H5 N O2'     75.067  
GOL non-polymer         . GLYCEROL                           'GLYCERIN; PROPANE-1,2,3-TRIOL' 'C3 H8 O3'       92.094  
HIS 'L-peptide linking' y HISTIDINE                          ?                               'C6 H10 N3 O2 1' 156.162 
HOH non-polymer         . WATER                              ?                               'H2 O'           18.015  
IJF non-polymer         . '(4-bromanylpyridin-2-yl)methanol' ?                               'C6 H6 Br N O'   188.022 
ILE 'L-peptide linking' y ISOLEUCINE                         ?                               'C6 H13 N O2'    131.173 
LEU 'L-peptide linking' y LEUCINE                            ?                               'C6 H13 N O2'    131.173 
LYS 'L-peptide linking' y LYSINE                             ?                               'C6 H15 N2 O2 1' 147.195 
MET 'L-peptide linking' y METHIONINE                         ?                               'C5 H11 N O2 S'  149.211 
PHE 'L-peptide linking' y PHENYLALANINE                      ?                               'C9 H11 N O2'    165.189 
PRO 'L-peptide linking' y PROLINE                            ?                               'C5 H9 N O2'     115.130 
SER 'L-peptide linking' y SERINE                             ?                               'C3 H7 N O3'     105.093 
THR 'L-peptide linking' y THREONINE                          ?                               'C4 H9 N O3'     119.119 
TRP 'L-peptide linking' y TRYPTOPHAN                         ?                               'C11 H12 N2 O2'  204.225 
TYR 'L-peptide linking' y TYROSINE                           ?                               'C9 H11 N O3'    181.189 
VAL 'L-peptide linking' y VALINE                             ?                               'C5 H11 N O2'    117.146 
# 
loop_
_pdbx_poly_seq_scheme.asym_id 
_pdbx_poly_seq_scheme.entity_id 
_pdbx_poly_seq_scheme.seq_id 
_pdbx_poly_seq_scheme.mon_id 
_pdbx_poly_seq_scheme.ndb_seq_num 
_pdbx_poly_seq_scheme.pdb_seq_num 
_pdbx_poly_seq_scheme.auth_seq_num 
_pdbx_poly_seq_scheme.pdb_mon_id 
_pdbx_poly_seq_scheme.auth_mon_id 
_pdbx_poly_seq_scheme.pdb_strand_id 
_pdbx_poly_seq_scheme.pdb_ins_code 
_pdbx_poly_seq_scheme.hetero 
A 1 1   GLY 1   40  40  GLY GLY AAA . n 
A 1 2   SER 2   41  41  SER SER AAA . n 
A 1 3   HIS 3   42  42  HIS HIS AAA . n 
A 1 4   MET 4   43  43  MET MET AAA . n 
A 1 5   ASN 5   44  44  ASN ASN AAA . n 
A 1 6   PRO 6   45  45  PRO PRO AAA . n 
A 1 7   PRO 7   46  46  PRO PRO AAA . n 
A 1 8   PRO 8   47  47  PRO PRO AAA . n 
A 1 9   PRO 9   48  48  PRO PRO AAA . n 
A 1 10  GLU 10  49  49  GLU GLU AAA . n 
A 1 11  THR 11  50  50  THR THR AAA . n 
A 1 12  SER 12  51  51  SER SER AAA . n 
A 1 13  ASN 13  52  52  ASN ASN AAA . n 
A 1 14  PRO 14  53  53  PRO PRO AAA . n 
A 1 15  ASN 15  54  54  ASN ASN AAA . n 
A 1 16  LYS 16  55  55  LYS LYS AAA . n 
A 1 17  PRO 17  56  56  PRO PRO AAA . n 
A 1 18  LYS 18  57  57  LYS LYS AAA . n 
A 1 19  ARG 19  58  58  ARG ARG AAA . n 
A 1 20  GLN 20  59  59  GLN GLN AAA . n 
A 1 21  THR 21  60  60  THR THR AAA . n 
A 1 22  ASN 22  61  61  ASN ASN AAA . n 
A 1 23  GLN 23  62  62  GLN GLN AAA . n 
A 1 24  LEU 24  63  63  LEU LEU AAA . n 
A 1 25  GLN 25  64  64  GLN GLN AAA . n 
A 1 26  TYR 26  65  65  TYR TYR AAA . n 
A 1 27  LEU 27  66  66  LEU LEU AAA . n 
A 1 28  LEU 28  67  67  LEU LEU AAA . n 
A 1 29  ARG 29  68  68  ARG ARG AAA . n 
A 1 30  VAL 30  69  69  VAL VAL AAA . n 
A 1 31  VAL 31  70  70  VAL VAL AAA . n 
A 1 32  LEU 32  71  71  LEU LEU AAA . n 
A 1 33  LYS 33  72  72  LYS LYS AAA . n 
A 1 34  THR 34  73  73  THR THR AAA . n 
A 1 35  LEU 35  74  74  LEU LEU AAA . n 
A 1 36  TRP 36  75  75  TRP TRP AAA . n 
A 1 37  LYS 37  76  76  LYS LYS AAA . n 
A 1 38  HIS 38  77  77  HIS HIS AAA . n 
A 1 39  GLN 39  78  78  GLN GLN AAA . n 
A 1 40  PHE 40  79  79  PHE PHE AAA . n 
A 1 41  ALA 41  80  80  ALA ALA AAA . n 
A 1 42  TRP 42  81  81  TRP TRP AAA . n 
A 1 43  PRO 43  82  82  PRO PRO AAA . n 
A 1 44  PHE 44  83  83  PHE PHE AAA . n 
A 1 45  GLN 45  84  84  GLN GLN AAA . n 
A 1 46  GLN 46  85  85  GLN GLN AAA . n 
A 1 47  PRO 47  86  86  PRO PRO AAA . n 
A 1 48  VAL 48  87  87  VAL VAL AAA . n 
A 1 49  ASP 49  88  88  ASP ASP AAA . n 
A 1 50  ALA 50  89  89  ALA ALA AAA . n 
A 1 51  VAL 51  90  90  VAL VAL AAA . n 
A 1 52  LYS 52  91  91  LYS LYS AAA . n 
A 1 53  LEU 53  92  92  LEU LEU AAA . n 
A 1 54  ASN 54  93  93  ASN ASN AAA . n 
A 1 55  LEU 55  94  94  LEU LEU AAA . n 
A 1 56  PRO 56  95  95  PRO PRO AAA . n 
A 1 57  ASP 57  96  96  ASP ASP AAA . n 
A 1 58  TYR 58  97  97  TYR TYR AAA . n 
A 1 59  TYR 59  98  98  TYR TYR AAA . n 
A 1 60  LYS 60  99  99  LYS LYS AAA . n 
A 1 61  ILE 61  100 100 ILE ILE AAA . n 
A 1 62  ILE 62  101 101 ILE ILE AAA . n 
A 1 63  LYS 63  102 102 LYS LYS AAA . n 
A 1 64  THR 64  103 103 THR THR AAA . n 
A 1 65  PRO 65  104 104 PRO PRO AAA . n 
A 1 66  MET 66  105 105 MET MET AAA . n 
A 1 67  ASP 67  106 106 ASP ASP AAA . n 
A 1 68  MET 68  107 107 MET MET AAA . n 
A 1 69  GLY 69  108 108 GLY GLY AAA . n 
A 1 70  THR 70  109 109 THR THR AAA . n 
A 1 71  ILE 71  110 110 ILE ILE AAA . n 
A 1 72  LYS 72  111 111 LYS LYS AAA . n 
A 1 73  LYS 73  112 112 LYS LYS AAA . n 
A 1 74  ARG 74  113 113 ARG ARG AAA . n 
A 1 75  LEU 75  114 114 LEU LEU AAA . n 
A 1 76  GLU 76  115 115 GLU GLU AAA . n 
A 1 77  ASN 77  116 116 ASN ASN AAA . n 
A 1 78  ASN 78  117 117 ASN ASN AAA . n 
A 1 79  TYR 79  118 118 TYR TYR AAA . n 
A 1 80  TYR 80  119 119 TYR TYR AAA . n 
A 1 81  TRP 81  120 120 TRP TRP AAA . n 
A 1 82  ASN 82  121 121 ASN ASN AAA . n 
A 1 83  ALA 83  122 122 ALA ALA AAA . n 
A 1 84  GLN 84  123 123 GLN GLN AAA . n 
A 1 85  GLU 85  124 124 GLU GLU AAA . n 
A 1 86  CYS 86  125 125 CYS CYS AAA . n 
A 1 87  ILE 87  126 126 ILE ILE AAA . n 
A 1 88  GLN 88  127 127 GLN GLN AAA . n 
A 1 89  ASP 89  128 128 ASP ASP AAA . n 
A 1 90  PHE 90  129 129 PHE PHE AAA . n 
A 1 91  ASN 91  130 130 ASN ASN AAA . n 
A 1 92  THR 92  131 131 THR THR AAA . n 
A 1 93  MET 93  132 132 MET MET AAA . n 
A 1 94  PHE 94  133 133 PHE PHE AAA . n 
A 1 95  THR 95  134 134 THR THR AAA . n 
A 1 96  ASN 96  135 135 ASN ASN AAA . n 
A 1 97  CYS 97  136 136 CYS CYS AAA . n 
A 1 98  TYR 98  137 137 TYR TYR AAA . n 
A 1 99  ILE 99  138 138 ILE ILE AAA . n 
A 1 100 TYR 100 139 139 TYR TYR AAA . n 
A 1 101 ASN 101 140 140 ASN ASN AAA . n 
A 1 102 LYS 102 141 141 LYS LYS AAA . n 
A 1 103 PRO 103 142 142 PRO PRO AAA . n 
A 1 104 GLY 104 143 143 GLY GLY AAA . n 
A 1 105 ASP 105 144 144 ASP ASP AAA . n 
A 1 106 ASP 106 145 145 ASP ASP AAA . n 
A 1 107 ILE 107 146 146 ILE ILE AAA . n 
A 1 108 VAL 108 147 147 VAL VAL AAA . n 
A 1 109 LEU 109 148 148 LEU LEU AAA . n 
A 1 110 MET 110 149 149 MET MET AAA . n 
A 1 111 ALA 111 150 150 ALA ALA AAA . n 
A 1 112 GLU 112 151 151 GLU GLU AAA . n 
A 1 113 ALA 113 152 152 ALA ALA AAA . n 
A 1 114 LEU 114 153 153 LEU LEU AAA . n 
A 1 115 GLU 115 154 154 GLU GLU AAA . n 
A 1 116 LYS 116 155 155 LYS LYS AAA . n 
A 1 117 LEU 117 156 156 LEU LEU AAA . n 
A 1 118 PHE 118 157 157 PHE PHE AAA . n 
A 1 119 LEU 119 158 158 LEU LEU AAA . n 
A 1 120 GLN 120 159 159 GLN GLN AAA . n 
A 1 121 LYS 121 160 160 LYS LYS AAA . n 
A 1 122 ILE 122 161 161 ILE ILE AAA . n 
A 1 123 ASN 123 162 162 ASN ASN AAA . n 
A 1 124 GLU 124 163 163 GLU GLU AAA . n 
A 1 125 LEU 125 164 164 LEU LEU AAA . n 
A 1 126 PRO 126 165 165 PRO PRO AAA . n 
A 1 127 THR 127 166 166 THR THR AAA . n 
A 1 128 GLU 128 167 167 GLU GLU AAA . n 
A 1 129 GLU 129 168 168 GLU GLU AAA . n 
# 
loop_
_pdbx_nonpoly_scheme.asym_id 
_pdbx_nonpoly_scheme.entity_id 
_pdbx_nonpoly_scheme.mon_id 
_pdbx_nonpoly_scheme.ndb_seq_num 
_pdbx_nonpoly_scheme.pdb_seq_num 
_pdbx_nonpoly_scheme.auth_seq_num 
_pdbx_nonpoly_scheme.pdb_mon_id 
_pdbx_nonpoly_scheme.auth_mon_id 
_pdbx_nonpoly_scheme.pdb_strand_id 
_pdbx_nonpoly_scheme.pdb_ins_code 
B 2 GOL 1   201 1   GOL GOL AAA . 
C 3 IJF 1   202 2   IJF DRG AAA . 
D 4 HOH 1   301 89  HOH HOH AAA . 
D 4 HOH 2   302 135 HOH HOH AAA . 
D 4 HOH 3   303 14  HOH HOH AAA . 
D 4 HOH 4   304 99  HOH HOH AAA . 
D 4 HOH 5   305 36  HOH HOH AAA . 
D 4 HOH 6   306 49  HOH HOH AAA . 
D 4 HOH 7   307 137 HOH HOH AAA . 
D 4 HOH 8   308 81  HOH HOH AAA . 
D 4 HOH 9   309 93  HOH HOH AAA . 
D 4 HOH 10  310 27  HOH HOH AAA . 
D 4 HOH 11  311 4   HOH HOH AAA . 
D 4 HOH 12  312 47  HOH HOH AAA . 
D 4 HOH 13  313 114 HOH HOH AAA . 
D 4 HOH 14  314 122 HOH HOH AAA . 
D 4 HOH 15  315 86  HOH HOH AAA . 
D 4 HOH 16  316 74  HOH HOH AAA . 
D 4 HOH 17  317 147 HOH HOH AAA . 
D 4 HOH 18  318 37  HOH HOH AAA . 
D 4 HOH 19  319 10  HOH HOH AAA . 
D 4 HOH 20  320 124 HOH HOH AAA . 
D 4 HOH 21  321 29  HOH HOH AAA . 
D 4 HOH 22  322 131 HOH HOH AAA . 
D 4 HOH 23  323 90  HOH HOH AAA . 
D 4 HOH 24  324 75  HOH HOH AAA . 
D 4 HOH 25  325 34  HOH HOH AAA . 
D 4 HOH 26  326 60  HOH HOH AAA . 
D 4 HOH 27  327 127 HOH HOH AAA . 
D 4 HOH 28  328 26  HOH HOH AAA . 
D 4 HOH 29  329 102 HOH HOH AAA . 
D 4 HOH 30  330 22  HOH HOH AAA . 
D 4 HOH 31  331 25  HOH HOH AAA . 
D 4 HOH 32  332 126 HOH HOH AAA . 
D 4 HOH 33  333 50  HOH HOH AAA . 
D 4 HOH 34  334 11  HOH HOH AAA . 
D 4 HOH 35  335 40  HOH HOH AAA . 
D 4 HOH 36  336 64  HOH HOH AAA . 
D 4 HOH 37  337 129 HOH HOH AAA . 
D 4 HOH 38  338 73  HOH HOH AAA . 
D 4 HOH 39  339 19  HOH HOH AAA . 
D 4 HOH 40  340 43  HOH HOH AAA . 
D 4 HOH 41  341 92  HOH HOH AAA . 
D 4 HOH 42  342 63  HOH HOH AAA . 
D 4 HOH 43  343 140 HOH HOH AAA . 
D 4 HOH 44  344 79  HOH HOH AAA . 
D 4 HOH 45  345 132 HOH HOH AAA . 
D 4 HOH 46  346 44  HOH HOH AAA . 
D 4 HOH 47  347 52  HOH HOH AAA . 
D 4 HOH 48  348 123 HOH HOH AAA . 
D 4 HOH 49  349 48  HOH HOH AAA . 
D 4 HOH 50  350 6   HOH HOH AAA . 
D 4 HOH 51  351 69  HOH HOH AAA . 
D 4 HOH 52  352 57  HOH HOH AAA . 
D 4 HOH 53  353 158 HOH HOH AAA . 
D 4 HOH 54  354 61  HOH HOH AAA . 
D 4 HOH 55  355 53  HOH HOH AAA . 
D 4 HOH 56  356 56  HOH HOH AAA . 
D 4 HOH 57  357 110 HOH HOH AAA . 
D 4 HOH 58  358 80  HOH HOH AAA . 
D 4 HOH 59  359 72  HOH HOH AAA . 
D 4 HOH 60  360 39  HOH HOH AAA . 
D 4 HOH 61  361 150 HOH HOH AAA . 
D 4 HOH 62  362 153 HOH HOH AAA . 
D 4 HOH 63  363 146 HOH HOH AAA . 
D 4 HOH 64  364 116 HOH HOH AAA . 
D 4 HOH 65  365 51  HOH HOH AAA . 
D 4 HOH 66  366 46  HOH HOH AAA . 
D 4 HOH 67  367 8   HOH HOH AAA . 
D 4 HOH 68  368 106 HOH HOH AAA . 
D 4 HOH 69  369 130 HOH HOH AAA . 
D 4 HOH 70  370 17  HOH HOH AAA . 
D 4 HOH 71  371 2   HOH HOH AAA . 
D 4 HOH 72  372 35  HOH HOH AAA . 
D 4 HOH 73  373 12  HOH HOH AAA . 
D 4 HOH 74  374 13  HOH HOH AAA . 
D 4 HOH 75  375 1   HOH HOH AAA . 
D 4 HOH 76  376 24  HOH HOH AAA . 
D 4 HOH 77  377 144 HOH HOH AAA . 
D 4 HOH 78  378 121 HOH HOH AAA . 
D 4 HOH 79  379 62  HOH HOH AAA . 
D 4 HOH 80  380 128 HOH HOH AAA . 
D 4 HOH 81  381 100 HOH HOH AAA . 
D 4 HOH 82  382 30  HOH HOH AAA . 
D 4 HOH 83  383 9   HOH HOH AAA . 
D 4 HOH 84  384 148 HOH HOH AAA . 
D 4 HOH 85  385 157 HOH HOH AAA . 
D 4 HOH 86  386 87  HOH HOH AAA . 
D 4 HOH 87  387 143 HOH HOH AAA . 
D 4 HOH 88  388 70  HOH HOH AAA . 
D 4 HOH 89  389 23  HOH HOH AAA . 
D 4 HOH 90  390 85  HOH HOH AAA . 
D 4 HOH 91  391 7   HOH HOH AAA . 
D 4 HOH 92  392 96  HOH HOH AAA . 
D 4 HOH 93  393 156 HOH HOH AAA . 
D 4 HOH 94  394 21  HOH HOH AAA . 
D 4 HOH 95  395 118 HOH HOH AAA . 
D 4 HOH 96  396 33  HOH HOH AAA . 
D 4 HOH 97  397 117 HOH HOH AAA . 
D 4 HOH 98  398 42  HOH HOH AAA . 
D 4 HOH 99  399 94  HOH HOH AAA . 
D 4 HOH 100 400 18  HOH HOH AAA . 
D 4 HOH 101 401 31  HOH HOH AAA . 
D 4 HOH 102 402 125 HOH HOH AAA . 
D 4 HOH 103 403 38  HOH HOH AAA . 
D 4 HOH 104 404 98  HOH HOH AAA . 
D 4 HOH 105 405 5   HOH HOH AAA . 
D 4 HOH 106 406 149 HOH HOH AAA . 
D 4 HOH 107 407 88  HOH HOH AAA . 
D 4 HOH 108 408 109 HOH HOH AAA . 
D 4 HOH 109 409 136 HOH HOH AAA . 
D 4 HOH 110 410 67  HOH HOH AAA . 
D 4 HOH 111 411 58  HOH HOH AAA . 
D 4 HOH 112 412 152 HOH HOH AAA . 
D 4 HOH 113 413 82  HOH HOH AAA . 
D 4 HOH 114 414 3   HOH HOH AAA . 
D 4 HOH 115 415 154 HOH HOH AAA . 
D 4 HOH 116 416 145 HOH HOH AAA . 
D 4 HOH 117 417 41  HOH HOH AAA . 
D 4 HOH 118 418 78  HOH HOH AAA . 
D 4 HOH 119 419 32  HOH HOH AAA . 
D 4 HOH 120 420 95  HOH HOH AAA . 
D 4 HOH 121 421 104 HOH HOH AAA . 
D 4 HOH 122 422 155 HOH HOH AAA . 
D 4 HOH 123 423 45  HOH HOH AAA . 
D 4 HOH 124 424 15  HOH HOH AAA . 
D 4 HOH 125 425 91  HOH HOH AAA . 
D 4 HOH 126 426 120 HOH HOH AAA . 
D 4 HOH 127 427 151 HOH HOH AAA . 
D 4 HOH 128 428 133 HOH HOH AAA . 
D 4 HOH 129 429 113 HOH HOH AAA . 
D 4 HOH 130 430 139 HOH HOH AAA . 
D 4 HOH 131 431 138 HOH HOH AAA . 
D 4 HOH 132 432 68  HOH HOH AAA . 
D 4 HOH 133 433 84  HOH HOH AAA . 
D 4 HOH 134 434 111 HOH HOH AAA . 
D 4 HOH 135 435 119 HOH HOH AAA . 
D 4 HOH 136 436 66  HOH HOH AAA . 
D 4 HOH 137 437 55  HOH HOH AAA . 
D 4 HOH 138 438 83  HOH HOH AAA . 
D 4 HOH 139 439 107 HOH HOH AAA . 
D 4 HOH 140 440 65  HOH HOH AAA . 
D 4 HOH 141 441 115 HOH HOH AAA . 
D 4 HOH 142 442 20  HOH HOH AAA . 
D 4 HOH 143 443 112 HOH HOH AAA . 
D 4 HOH 144 444 54  HOH HOH AAA . 
D 4 HOH 145 445 101 HOH HOH AAA . 
D 4 HOH 146 446 28  HOH HOH AAA . 
D 4 HOH 147 447 105 HOH HOH AAA . 
D 4 HOH 148 448 134 HOH HOH AAA . 
D 4 HOH 149 449 103 HOH HOH AAA . 
D 4 HOH 150 450 141 HOH HOH AAA . 
D 4 HOH 151 451 76  HOH HOH AAA . 
D 4 HOH 152 452 59  HOH HOH AAA . 
D 4 HOH 153 453 108 HOH HOH AAA . 
D 4 HOH 154 454 71  HOH HOH AAA . 
D 4 HOH 155 455 142 HOH HOH AAA . 
D 4 HOH 156 456 77  HOH HOH AAA . 
# 
loop_
_software.citation_id 
_software.classification 
_software.compiler_name 
_software.compiler_version 
_software.contact_author 
_software.contact_author_email 
_software.date 
_software.description 
_software.dependencies 
_software.hardware 
_software.language 
_software.location 
_software.mods 
_software.name 
_software.os 
_software.os_version 
_software.type 
_software.version 
_software.pdbx_ordinal 
? refinement       ? ? ? ? ? ? ? ? ? ? ? REFMAC  ? ? ? 5.8.0258 1 
? refinement       ? ? ? ? ? ? ? ? ? ? ? REFMAC  ? ? ? 5.8.0258 2 
? 'data scaling'   ? ? ? ? ? ? ? ? ? ? ? Aimless ? ? ? 0.7.4    3 
? 'data reduction' ? ? ? ? ? ? ? ? ? ? ? xia2    ? ? ? .        4 
? phasing          ? ? ? ? ? ? ? ? ? ? ? PHASER  ? ? ? .        5 
# 
_cell.angle_alpha                  90.000 
_cell.angle_alpha_esd              ? 
_cell.angle_beta                   90.000 
_cell.angle_beta_esd               ? 
_cell.angle_gamma                  90.000 
_cell.angle_gamma_esd              ? 
_cell.entry_id                     7ZAR 
_cell.details                      ? 
_cell.formula_units_Z              ? 
_cell.length_a                     38.014 
_cell.length_a_esd                 ? 
_cell.length_b                     43.232 
_cell.length_b_esd                 ? 
_cell.length_c                     79.010 
_cell.length_c_esd                 ? 
_cell.volume                       ? 
_cell.volume_esd                   ? 
_cell.Z_PDB                        4 
_cell.reciprocal_angle_alpha       ? 
_cell.reciprocal_angle_beta        ? 
_cell.reciprocal_angle_gamma       ? 
_cell.reciprocal_angle_alpha_esd   ? 
_cell.reciprocal_angle_beta_esd    ? 
_cell.reciprocal_angle_gamma_esd   ? 
_cell.reciprocal_length_a          ? 
_cell.reciprocal_length_b          ? 
_cell.reciprocal_length_c          ? 
_cell.reciprocal_length_a_esd      ? 
_cell.reciprocal_length_b_esd      ? 
_cell.reciprocal_length_c_esd      ? 
_cell.pdbx_unique_axis             ? 
# 
_symmetry.entry_id                         7ZAR 
_symmetry.cell_setting                     ? 
_symmetry.Int_Tables_number                19 
_symmetry.space_group_name_Hall            ? 
_symmetry.space_group_name_H-M             'P 21 21 21' 
_symmetry.pdbx_full_space_group_name_H-M   ? 
# 
_exptl.absorpt_coefficient_mu     ? 
_exptl.absorpt_correction_T_max   ? 
_exptl.absorpt_correction_T_min   ? 
_exptl.absorpt_correction_type    ? 
_exptl.absorpt_process_details    ? 
_exptl.entry_id                   7ZAR 
_exptl.crystals_number            1 
_exptl.details                    ? 
_exptl.method                     'X-RAY DIFFRACTION' 
_exptl.method_details             ? 
# 
_exptl_crystal.colour                      ? 
_exptl_crystal.density_diffrn              ? 
_exptl_crystal.density_Matthews            2.12 
_exptl_crystal.density_method              ? 
_exptl_crystal.density_percent_sol         42.05 
_exptl_crystal.description                 ? 
_exptl_crystal.F_000                       ? 
_exptl_crystal.id                          1 
_exptl_crystal.preparation                 ? 
_exptl_crystal.size_max                    ? 
_exptl_crystal.size_mid                    ? 
_exptl_crystal.size_min                    ? 
_exptl_crystal.size_rad                    ? 
_exptl_crystal.colour_lustre               ? 
_exptl_crystal.colour_modifier             ? 
_exptl_crystal.colour_primary              ? 
_exptl_crystal.density_meas                ? 
_exptl_crystal.density_meas_esd            ? 
_exptl_crystal.density_meas_gt             ? 
_exptl_crystal.density_meas_lt             ? 
_exptl_crystal.density_meas_temp           ? 
_exptl_crystal.density_meas_temp_esd       ? 
_exptl_crystal.density_meas_temp_gt        ? 
_exptl_crystal.density_meas_temp_lt        ? 
_exptl_crystal.pdbx_crystal_image_url      ? 
_exptl_crystal.pdbx_crystal_image_format   ? 
_exptl_crystal.pdbx_mosaicity              ? 
_exptl_crystal.pdbx_mosaicity_esd          ? 
# 
_exptl_crystal_grow.apparatus       ? 
_exptl_crystal_grow.atmosphere      ? 
_exptl_crystal_grow.crystal_id      1 
_exptl_crystal_grow.details         ? 
_exptl_crystal_grow.method          'VAPOR DIFFUSION, SITTING DROP' 
_exptl_crystal_grow.method_ref      ? 
_exptl_crystal_grow.pH              8.5 
_exptl_crystal_grow.pressure        ? 
_exptl_crystal_grow.pressure_esd    ? 
_exptl_crystal_grow.seeding         ? 
_exptl_crystal_grow.seeding_ref     ? 
_exptl_crystal_grow.temp            293 
_exptl_crystal_grow.temp_details    ? 
_exptl_crystal_grow.temp_esd        ? 
_exptl_crystal_grow.time            ? 
_exptl_crystal_grow.pdbx_details    
;0.1 M Buffer system 3 (1 M Tris, 1 M BICINE, pH 8.5), 34-44% Precipitant Solution 3 (20% PEG 4000, 40%) and 60-80 mM Halogens Mix (NaF, NaBr and NaI) solution
;
_exptl_crystal_grow.pdbx_pH_range   ? 
# 
_diffrn.ambient_environment              ? 
_diffrn.ambient_temp                     100 
_diffrn.ambient_temp_details             ? 
_diffrn.ambient_temp_esd                 ? 
_diffrn.crystal_id                       1 
_diffrn.crystal_support                  ? 
_diffrn.crystal_treatment                ? 
_diffrn.details                          ? 
_diffrn.id                               1 
_diffrn.ambient_pressure                 ? 
_diffrn.ambient_pressure_esd             ? 
_diffrn.ambient_pressure_gt              ? 
_diffrn.ambient_pressure_lt              ? 
_diffrn.ambient_temp_gt                  ? 
_diffrn.ambient_temp_lt                  ? 
_diffrn.pdbx_serial_crystal_experiment   N 
# 
_diffrn_detector.details                      ? 
_diffrn_detector.detector                     PIXEL 
_diffrn_detector.diffrn_id                    1 
_diffrn_detector.type                         'DECTRIS PILATUS 6M' 
_diffrn_detector.area_resol_mean              ? 
_diffrn_detector.dtime                        ? 
_diffrn_detector.pdbx_frames_total            ? 
_diffrn_detector.pdbx_collection_time_total   ? 
_diffrn_detector.pdbx_collection_date         2019-08-04 
_diffrn_detector.pdbx_frequency               ? 
# 
_diffrn_radiation.collimation                      ? 
_diffrn_radiation.diffrn_id                        1 
_diffrn_radiation.filter_edge                      ? 
_diffrn_radiation.inhomogeneity                    ? 
_diffrn_radiation.monochromator                    ? 
_diffrn_radiation.polarisn_norm                    ? 
_diffrn_radiation.polarisn_ratio                   ? 
_diffrn_radiation.probe                            ? 
_diffrn_radiation.type                             ? 
_diffrn_radiation.xray_symbol                      ? 
_diffrn_radiation.wavelength_id                    1 
_diffrn_radiation.pdbx_monochromatic_or_laue_m_l   M 
_diffrn_radiation.pdbx_wavelength_list             ? 
_diffrn_radiation.pdbx_wavelength                  ? 
_diffrn_radiation.pdbx_diffrn_protocol             'SINGLE WAVELENGTH' 
_diffrn_radiation.pdbx_analyzer                    ? 
_diffrn_radiation.pdbx_scattering_type             x-ray 
# 
_diffrn_radiation_wavelength.id           1 
_diffrn_radiation_wavelength.wavelength   0.953970 
_diffrn_radiation_wavelength.wt           1.0 
# 
_diffrn_source.current                     ? 
_diffrn_source.details                     ? 
_diffrn_source.diffrn_id                   1 
_diffrn_source.power                       ? 
_diffrn_source.size                        ? 
_diffrn_source.source                      SYNCHROTRON 
_diffrn_source.target                      ? 
_diffrn_source.type                        'DIAMOND BEAMLINE I04-1' 
_diffrn_source.voltage                     ? 
_diffrn_source.take-off_angle              ? 
_diffrn_source.pdbx_wavelength_list        0.953970 
_diffrn_source.pdbx_wavelength             ? 
_diffrn_source.pdbx_synchrotron_beamline   I04-1 
_diffrn_source.pdbx_synchrotron_site       Diamond 
# 
_reflns.B_iso_Wilson_estimate                          ? 
_reflns.entry_id                                       7ZAR 
_reflns.data_reduction_details                         ? 
_reflns.data_reduction_method                          ? 
_reflns.d_resolution_high                              1.14 
_reflns.d_resolution_low                               39.50 
_reflns.details                                        ? 
_reflns.limit_h_max                                    ? 
_reflns.limit_h_min                                    ? 
_reflns.limit_k_max                                    ? 
_reflns.limit_k_min                                    ? 
_reflns.limit_l_max                                    ? 
_reflns.limit_l_min                                    ? 
_reflns.number_all                                     ? 
_reflns.number_obs                                     48330 
_reflns.observed_criterion                             ? 
_reflns.observed_criterion_F_max                       ? 
_reflns.observed_criterion_F_min                       ? 
_reflns.observed_criterion_I_max                       ? 
_reflns.observed_criterion_I_min                       ? 
_reflns.observed_criterion_sigma_F                     ? 
_reflns.observed_criterion_sigma_I                     ? 
_reflns.percent_possible_obs                           100.0 
_reflns.R_free_details                                 ? 
_reflns.Rmerge_F_all                                   ? 
_reflns.Rmerge_F_obs                                   ? 
_reflns.Friedel_coverage                               ? 
_reflns.number_gt                                      ? 
_reflns.threshold_expression                           ? 
_reflns.pdbx_redundancy                                6.4 
_reflns.pdbx_Rmerge_I_obs                              0.118 
_reflns.pdbx_Rmerge_I_all                              ? 
_reflns.pdbx_Rsym_value                                ? 
_reflns.pdbx_netI_over_av_sigmaI                       ? 
_reflns.pdbx_netI_over_sigmaI                          6.4 
_reflns.pdbx_res_netI_over_av_sigmaI_2                 ? 
_reflns.pdbx_res_netI_over_sigmaI_2                    ? 
_reflns.pdbx_chi_squared                               ? 
_reflns.pdbx_scaling_rejects                           ? 
_reflns.pdbx_d_res_high_opt                            ? 
_reflns.pdbx_d_res_low_opt                             ? 
_reflns.pdbx_d_res_opt_method                          ? 
_reflns.phase_calculation_details                      ? 
_reflns.pdbx_Rrim_I_all                                0.138 
_reflns.pdbx_Rpim_I_all                                0.071 
_reflns.pdbx_d_opt                                     ? 
_reflns.pdbx_number_measured_all                       ? 
_reflns.pdbx_diffrn_id                                 1 
_reflns.pdbx_ordinal                                   1 
_reflns.pdbx_CC_half                                   0.992 
_reflns.pdbx_CC_star                                   ? 
_reflns.pdbx_R_split                                   ? 
_reflns.pdbx_aniso_diffraction_limit_axis_1_ortho[1]   ? 
_reflns.pdbx_aniso_diffraction_limit_axis_1_ortho[2]   ? 
_reflns.pdbx_aniso_diffraction_limit_axis_1_ortho[3]   ? 
_reflns.pdbx_aniso_diffraction_limit_axis_2_ortho[1]   ? 
_reflns.pdbx_aniso_diffraction_limit_axis_2_ortho[2]   ? 
_reflns.pdbx_aniso_diffraction_limit_axis_2_ortho[3]   ? 
_reflns.pdbx_aniso_diffraction_limit_axis_3_ortho[1]   ? 
_reflns.pdbx_aniso_diffraction_limit_axis_3_ortho[2]   ? 
_reflns.pdbx_aniso_diffraction_limit_axis_3_ortho[3]   ? 
_reflns.pdbx_aniso_diffraction_limit_1                 ? 
_reflns.pdbx_aniso_diffraction_limit_2                 ? 
_reflns.pdbx_aniso_diffraction_limit_3                 ? 
_reflns.pdbx_aniso_B_tensor_eigenvector_1_ortho[1]     ? 
_reflns.pdbx_aniso_B_tensor_eigenvector_1_ortho[2]     ? 
_reflns.pdbx_aniso_B_tensor_eigenvector_1_ortho[3]     ? 
_reflns.pdbx_aniso_B_tensor_eigenvector_2_ortho[1]     ? 
_reflns.pdbx_aniso_B_tensor_eigenvector_2_ortho[2]     ? 
_reflns.pdbx_aniso_B_tensor_eigenvector_2_ortho[3]     ? 
_reflns.pdbx_aniso_B_tensor_eigenvector_3_ortho[1]     ? 
_reflns.pdbx_aniso_B_tensor_eigenvector_3_ortho[2]     ? 
_reflns.pdbx_aniso_B_tensor_eigenvector_3_ortho[3]     ? 
_reflns.pdbx_aniso_B_tensor_eigenvalue_1               ? 
_reflns.pdbx_aniso_B_tensor_eigenvalue_2               ? 
_reflns.pdbx_aniso_B_tensor_eigenvalue_3               ? 
_reflns.pdbx_orthogonalization_convention              ? 
_reflns.pdbx_percent_possible_ellipsoidal              ? 
_reflns.pdbx_percent_possible_spherical                ? 
_reflns.pdbx_percent_possible_ellipsoidal_anomalous    ? 
_reflns.pdbx_percent_possible_spherical_anomalous      ? 
_reflns.pdbx_redundancy_anomalous                      ? 
_reflns.pdbx_CC_half_anomalous                         ? 
_reflns.pdbx_absDiff_over_sigma_anomalous              ? 
_reflns.pdbx_percent_possible_anomalous                ? 
_reflns.pdbx_observed_signal_threshold                 ? 
_reflns.pdbx_signal_type                               ? 
_reflns.pdbx_signal_details                            ? 
_reflns.pdbx_signal_software_id                        ? 
# 
loop_
_reflns_shell.d_res_high 
_reflns_shell.d_res_low 
_reflns_shell.meanI_over_sigI_all 
_reflns_shell.meanI_over_sigI_obs 
_reflns_shell.number_measured_all 
_reflns_shell.number_measured_obs 
_reflns_shell.number_possible 
_reflns_shell.number_unique_all 
_reflns_shell.number_unique_obs 
_reflns_shell.percent_possible_all 
_reflns_shell.percent_possible_obs 
_reflns_shell.Rmerge_F_all 
_reflns_shell.Rmerge_F_obs 
_reflns_shell.Rmerge_I_all 
_reflns_shell.Rmerge_I_obs 
_reflns_shell.meanI_over_sigI_gt 
_reflns_shell.meanI_over_uI_all 
_reflns_shell.meanI_over_uI_gt 
_reflns_shell.number_measured_gt 
_reflns_shell.number_unique_gt 
_reflns_shell.percent_possible_gt 
_reflns_shell.Rmerge_F_gt 
_reflns_shell.Rmerge_I_gt 
_reflns_shell.pdbx_redundancy 
_reflns_shell.pdbx_Rsym_value 
_reflns_shell.pdbx_chi_squared 
_reflns_shell.pdbx_netI_over_sigmaI_all 
_reflns_shell.pdbx_netI_over_sigmaI_obs 
_reflns_shell.pdbx_Rrim_I_all 
_reflns_shell.pdbx_Rpim_I_all 
_reflns_shell.pdbx_rejects 
_reflns_shell.pdbx_ordinal 
_reflns_shell.pdbx_diffrn_id 
_reflns_shell.pdbx_CC_half 
_reflns_shell.pdbx_CC_star 
_reflns_shell.pdbx_R_split 
_reflns_shell.pdbx_percent_possible_ellipsoidal 
_reflns_shell.pdbx_percent_possible_spherical 
_reflns_shell.pdbx_percent_possible_ellipsoidal_anomalous 
_reflns_shell.pdbx_percent_possible_spherical_anomalous 
_reflns_shell.pdbx_redundancy_anomalous 
_reflns_shell.pdbx_CC_half_anomalous 
_reflns_shell.pdbx_absDiff_over_sigma_anomalous 
_reflns_shell.pdbx_percent_possible_anomalous 
6.24 39.50 ? ? ? ? ? ? 362  ? ? ? ? ? 0.070 ? ? ? ? ? ? ? ? 5.8 ? ? ? ? 0.082 0.042 ? 1 1 0.991 ? ? ? ? ? ? ? ? ? ? 
1.14 1.16  ? ? ? ? ? ? 2338 ? ? ? ? ? 1.711 ? ? ? ? ? ? ? ? 3.9 ? ? ? ? 2.215 1.383 ? 2 1 0.298 ? ? ? ? ? ? ? ? ? ? 
# 
_refine.aniso_B[1][1]                            0.580 
_refine.aniso_B[1][2]                            0.000 
_refine.aniso_B[1][3]                            -0.000 
_refine.aniso_B[2][2]                            -0.679 
_refine.aniso_B[2][3]                            0.000 
_refine.aniso_B[3][3]                            0.099 
_refine.B_iso_max                                ? 
_refine.B_iso_mean                               17.073 
_refine.B_iso_min                                ? 
_refine.correlation_coeff_Fo_to_Fc               0.958 
_refine.correlation_coeff_Fo_to_Fc_free          0.946 
_refine.details                                  'Hydrogens have been added in their riding positions' 
_refine.diff_density_max                         ? 
_refine.diff_density_max_esd                     ? 
_refine.diff_density_min                         ? 
_refine.diff_density_min_esd                     ? 
_refine.diff_density_rms                         ? 
_refine.diff_density_rms_esd                     ? 
_refine.entry_id                                 7ZAR 
_refine.pdbx_refine_id                           'X-RAY DIFFRACTION' 
_refine.ls_abs_structure_details                 ? 
_refine.ls_abs_structure_Flack                   ? 
_refine.ls_abs_structure_Flack_esd               ? 
_refine.ls_abs_structure_Rogers                  ? 
_refine.ls_abs_structure_Rogers_esd              ? 
_refine.ls_d_res_high                            1.140 
_refine.ls_d_res_low                             39.50 
_refine.ls_extinction_coef                       ? 
_refine.ls_extinction_coef_esd                   ? 
_refine.ls_extinction_expression                 ? 
_refine.ls_extinction_method                     ? 
_refine.ls_goodness_of_fit_all                   ? 
_refine.ls_goodness_of_fit_all_esd               ? 
_refine.ls_goodness_of_fit_obs                   ? 
_refine.ls_goodness_of_fit_obs_esd               ? 
_refine.ls_hydrogen_treatment                    ? 
_refine.ls_matrix_type                           ? 
_refine.ls_number_constraints                    ? 
_refine.ls_number_parameters                     ? 
_refine.ls_number_reflns_all                     ? 
_refine.ls_number_reflns_obs                     48261 
_refine.ls_number_reflns_R_free                  2404 
_refine.ls_number_reflns_R_work                  45857 
_refine.ls_number_restraints                     ? 
_refine.ls_percent_reflns_obs                    99.915 
_refine.ls_percent_reflns_R_free                 4.981 
_refine.ls_R_factor_all                          0.212 
_refine.ls_R_factor_obs                          ? 
_refine.ls_R_factor_R_free                       0.2383 
_refine.ls_R_factor_R_free_error                 ? 
_refine.ls_R_factor_R_free_error_details         ? 
_refine.ls_R_factor_R_work                       0.2111 
_refine.ls_R_Fsqd_factor_obs                     ? 
_refine.ls_R_I_factor_obs                        ? 
_refine.ls_redundancy_reflns_all                 ? 
_refine.ls_redundancy_reflns_obs                 ? 
_refine.ls_restrained_S_all                      ? 
_refine.ls_restrained_S_obs                      ? 
_refine.ls_shift_over_esd_max                    ? 
_refine.ls_shift_over_esd_mean                   ? 
_refine.ls_structure_factor_coef                 ? 
_refine.ls_weighting_details                     ? 
_refine.ls_weighting_scheme                      ? 
_refine.ls_wR_factor_all                         ? 
_refine.ls_wR_factor_obs                         ? 
_refine.ls_wR_factor_R_free                      ? 
_refine.ls_wR_factor_R_work                      ? 
_refine.occupancy_max                            ? 
_refine.occupancy_min                            ? 
_refine.solvent_model_details                    'MASK BULK SOLVENT' 
_refine.solvent_model_param_bsol                 ? 
_refine.solvent_model_param_ksol                 ? 
_refine.pdbx_R_complete                          ? 
_refine.ls_R_factor_gt                           ? 
_refine.ls_goodness_of_fit_gt                    ? 
_refine.ls_goodness_of_fit_ref                   ? 
_refine.ls_shift_over_su_max                     ? 
_refine.ls_shift_over_su_max_lt                  ? 
_refine.ls_shift_over_su_mean                    ? 
_refine.ls_shift_over_su_mean_lt                 ? 
_refine.pdbx_ls_sigma_I                          ? 
_refine.pdbx_ls_sigma_F                          ? 
_refine.pdbx_ls_sigma_Fsqd                       ? 
_refine.pdbx_data_cutoff_high_absF               ? 
_refine.pdbx_data_cutoff_high_rms_absF           ? 
_refine.pdbx_data_cutoff_low_absF                ? 
_refine.pdbx_isotropic_thermal_model             ? 
_refine.pdbx_ls_cross_valid_method               'FREE R-VALUE' 
_refine.pdbx_method_to_determine_struct          'MOLECULAR REPLACEMENT' 
_refine.pdbx_starting_model                      5LRQ 
_refine.pdbx_stereochemistry_target_values       ? 
_refine.pdbx_R_Free_selection_details            ? 
_refine.pdbx_stereochem_target_val_spec_case     ? 
_refine.pdbx_overall_ESU_R                       0.043 
_refine.pdbx_overall_ESU_R_Free                  0.046 
_refine.pdbx_solvent_vdw_probe_radii             1.200 
_refine.pdbx_solvent_ion_probe_radii             0.800 
_refine.pdbx_solvent_shrinkage_radii             0.800 
_refine.pdbx_real_space_R                        ? 
_refine.pdbx_density_correlation                 ? 
_refine.pdbx_pd_number_of_powder_patterns        ? 
_refine.pdbx_pd_number_of_points                 ? 
_refine.pdbx_pd_meas_number_of_points            ? 
_refine.pdbx_pd_proc_ls_prof_R_factor            ? 
_refine.pdbx_pd_proc_ls_prof_wR_factor           ? 
_refine.pdbx_pd_Marquardt_correlation_coeff      ? 
_refine.pdbx_pd_Fsqrd_R_factor                   ? 
_refine.pdbx_pd_ls_matrix_band_width             ? 
_refine.pdbx_overall_phase_error                 ? 
_refine.pdbx_overall_SU_R_free_Cruickshank_DPI   ? 
_refine.pdbx_overall_SU_R_free_Blow_DPI          ? 
_refine.pdbx_overall_SU_R_Blow_DPI               ? 
_refine.pdbx_TLS_residual_ADP_flag               ? 
_refine.pdbx_diffrn_id                           1 
_refine.overall_SU_B                             0.847 
_refine.overall_SU_ML                            0.038 
_refine.overall_SU_R_Cruickshank_DPI             ? 
_refine.overall_SU_R_free                        ? 
_refine.overall_FOM_free_R_set                   ? 
_refine.overall_FOM_work_R_set                   ? 
_refine.pdbx_average_fsc_overall                 ? 
_refine.pdbx_average_fsc_work                    ? 
_refine.pdbx_average_fsc_free                    ? 
# 
_refine_hist.pdbx_refine_id                   'X-RAY DIFFRACTION' 
_refine_hist.cycle_id                         LAST 
_refine_hist.details                          ? 
_refine_hist.d_res_high                       1.140 
_refine_hist.d_res_low                        39.50 
_refine_hist.number_atoms_solvent             156 
_refine_hist.number_atoms_total               1247 
_refine_hist.number_reflns_all                ? 
_refine_hist.number_reflns_obs                ? 
_refine_hist.number_reflns_R_free             ? 
_refine_hist.number_reflns_R_work             ? 
_refine_hist.R_factor_all                     ? 
_refine_hist.R_factor_obs                     ? 
_refine_hist.R_factor_R_free                  ? 
_refine_hist.R_factor_R_work                  ? 
_refine_hist.pdbx_number_residues_total       ? 
_refine_hist.pdbx_B_iso_mean_ligand           ? 
_refine_hist.pdbx_B_iso_mean_solvent          ? 
_refine_hist.pdbx_number_atoms_protein        1076 
_refine_hist.pdbx_number_atoms_nucleic_acid   0 
_refine_hist.pdbx_number_atoms_ligand         15 
_refine_hist.pdbx_number_atoms_lipid          ? 
_refine_hist.pdbx_number_atoms_carb           ? 
_refine_hist.pdbx_pseudo_atom_details         ? 
# 
loop_
_refine_ls_restr.pdbx_refine_id 
_refine_ls_restr.criterion 
_refine_ls_restr.dev_ideal 
_refine_ls_restr.dev_ideal_target 
_refine_ls_restr.number 
_refine_ls_restr.rejects 
_refine_ls_restr.type 
_refine_ls_restr.weight 
_refine_ls_restr.pdbx_restraint_function 
'X-RAY DIFFRACTION' ? 0.011  0.012  1162 ? r_bond_refined_d               ? ? 
'X-RAY DIFFRACTION' ? 2.017  1.654  1588 ? r_angle_refined_deg            ? ? 
'X-RAY DIFFRACTION' ? 6.054  5.000  138  ? r_dihedral_angle_1_deg         ? ? 
'X-RAY DIFFRACTION' ? 33.694 25.085 59   ? r_dihedral_angle_2_deg         ? ? 
'X-RAY DIFFRACTION' ? 13.881 15.000 206  ? r_dihedral_angle_3_deg         ? ? 
'X-RAY DIFFRACTION' ? 26.327 15.000 3    ? r_dihedral_angle_4_deg         ? ? 
'X-RAY DIFFRACTION' ? 0.122  0.200  150  ? r_chiral_restr                 ? ? 
'X-RAY DIFFRACTION' ? 0.012  0.020  911  ? r_gen_planes_refined           ? ? 
'X-RAY DIFFRACTION' ? 0.239  0.200  578  ? r_nbd_refined                  ? ? 
'X-RAY DIFFRACTION' ? 0.328  0.200  788  ? r_nbtor_refined                ? ? 
'X-RAY DIFFRACTION' ? 0.219  0.200  98   ? r_xyhbond_nbd_refined          ? ? 
'X-RAY DIFFRACTION' ? 0.239  0.200  42   ? r_symmetry_nbd_refined         ? ? 
'X-RAY DIFFRACTION' ? 0.243  0.200  19   ? r_symmetry_xyhbond_nbd_refined ? ? 
'X-RAY DIFFRACTION' ? 1.541  1.297  537  ? r_mcbond_it                    ? ? 
'X-RAY DIFFRACTION' ? 2.204  1.943  677  ? r_mcangle_it                   ? ? 
'X-RAY DIFFRACTION' ? 3.100  1.634  625  ? r_scbond_it                    ? ? 
'X-RAY DIFFRACTION' ? 4.322  2.338  910  ? r_scangle_it                   ? ? 
'X-RAY DIFFRACTION' ? 6.323  20.097 1876 ? r_lrange_it                    ? ? 
# 
loop_
_refine_ls_shell.pdbx_refine_id 
_refine_ls_shell.d_res_high 
_refine_ls_shell.d_res_low 
_refine_ls_shell.number_reflns_all 
_refine_ls_shell.number_reflns_obs 
_refine_ls_shell.number_reflns_R_free 
_refine_ls_shell.number_reflns_R_work 
_refine_ls_shell.percent_reflns_obs 
_refine_ls_shell.percent_reflns_R_free 
_refine_ls_shell.R_factor_all 
_refine_ls_shell.R_factor_obs 
_refine_ls_shell.R_factor_R_free 
_refine_ls_shell.R_factor_R_free_error 
_refine_ls_shell.R_factor_R_work 
_refine_ls_shell.redundancy_reflns_all 
_refine_ls_shell.redundancy_reflns_obs 
_refine_ls_shell.wR_factor_all 
_refine_ls_shell.wR_factor_obs 
_refine_ls_shell.wR_factor_R_free 
_refine_ls_shell.wR_factor_R_work 
_refine_ls_shell.pdbx_R_complete 
_refine_ls_shell.pdbx_total_number_of_bins_used 
_refine_ls_shell.pdbx_phase_error 
_refine_ls_shell.pdbx_fsc_work 
_refine_ls_shell.pdbx_fsc_free 
'X-RAY DIFFRACTION' 1.140 1.170 . . 180 3327 99.4329  . . . 0.332 . 0.342 . . . . . . . . . . . 
'X-RAY DIFFRACTION' 1.170 1.202 . . 183 3260 99.9129  . . . 0.310 . 0.315 . . . . . . . . . . . 
'X-RAY DIFFRACTION' 1.202 1.236 . . 140 3176 99.9397  . . . 0.283 . 0.300 . . . . . . . . . . . 
'X-RAY DIFFRACTION' 1.236 1.275 . . 159 3095 99.9386  . . . 0.267 . 0.276 . . . . . . . . . . . 
'X-RAY DIFFRACTION' 1.275 1.316 . . 145 2997 99.9682  . . . 0.293 . 0.256 . . . . . . . . . . . 
'X-RAY DIFFRACTION' 1.316 1.362 . . 143 2909 100.0000 . . . 0.280 . 0.240 . . . . . . . . . . . 
'X-RAY DIFFRACTION' 1.362 1.414 . . 138 2806 99.9660  . . . 0.266 . 0.220 . . . . . . . . . . . 
'X-RAY DIFFRACTION' 1.414 1.472 . . 149 2684 100.0000 . . . 0.231 . 0.204 . . . . . . . . . . . 
'X-RAY DIFFRACTION' 1.472 1.537 . . 144 2584 100.0000 . . . 0.231 . 0.191 . . . . . . . . . . . 
'X-RAY DIFFRACTION' 1.537 1.612 . . 120 2500 99.9618  . . . 0.240 . 0.188 . . . . . . . . . . . 
'X-RAY DIFFRACTION' 1.612 1.699 . . 114 2367 100.0000 . . . 0.199 . 0.175 . . . . . . . . . . . 
'X-RAY DIFFRACTION' 1.699 1.802 . . 113 2279 99.9582  . . . 0.256 . 0.189 . . . . . . . . . . . 
'X-RAY DIFFRACTION' 1.802 1.927 . . 131 2084 99.9549  . . . 0.225 . 0.195 . . . . . . . . . . . 
'X-RAY DIFFRACTION' 1.927 2.081 . . 124 1955 100.0000 . . . 0.224 . 0.202 . . . . . . . . . . . 
'X-RAY DIFFRACTION' 2.081 2.279 . . 96  1824 100.0000 . . . 0.247 . 0.198 . . . . . . . . . . . 
'X-RAY DIFFRACTION' 2.279 2.548 . . 82  1680 100.0000 . . . 0.240 . 0.201 . . . . . . . . . . . 
'X-RAY DIFFRACTION' 2.548 2.942 . . 81  1472 100.0000 . . . 0.248 . 0.215 . . . . . . . . . . . 
'X-RAY DIFFRACTION' 2.942 3.602 . . 73  1267 100.0000 . . . 0.229 . 0.192 . . . . . . . . . . . 
'X-RAY DIFFRACTION' 3.602 5.088 . . 50  997  99.8093  . . . 0.168 . 0.173 . . . . . . . . . . . 
'X-RAY DIFFRACTION' 5.088 39.50 . . 39  594  100.0000 . . . 0.289 . 0.276 . . . . . . . . . . . 
# 
_struct.entry_id                     7ZAR 
_struct.title                        'BRD4 in complex with FragLite18' 
_struct.pdbx_model_details           ? 
_struct.pdbx_formula_weight          ? 
_struct.pdbx_formula_weight_method   ? 
_struct.pdbx_model_type_details      ? 
_struct.pdbx_CASP_flag               N 
# 
_struct_keywords.entry_id        7ZAR 
_struct_keywords.text            'BRD4, INHIBITOR, FRAGMENT, BROMODOMAIN, FRAGLITE, TRANSCRIPTION' 
_struct_keywords.pdbx_keywords   TRANSCRIPTION 
# 
loop_
_struct_asym.id 
_struct_asym.pdbx_blank_PDB_chainid_flag 
_struct_asym.pdbx_modified 
_struct_asym.entity_id 
_struct_asym.details 
A N N 1 ? 
B N N 2 ? 
C N N 3 ? 
D N N 4 ? 
# 
_struct_ref.id                         1 
_struct_ref.db_name                    UNP 
_struct_ref.db_code                    BRD4-2_HUMAN 
_struct_ref.pdbx_db_accession          O60885-2 
_struct_ref.pdbx_db_isoform            ? 
_struct_ref.entity_id                  1 
_struct_ref.pdbx_seq_one_letter_code   
;NPPPPETSNPNKPKRQTNQLQYLLRVVLKTLWKHQFAWPFQQPVDAVKLNLPDYYKIIKTPMDMGTIKKRLENNYYWNAQ
ECIQDFNTMFTNCYIYNKPGDDIVLMAEALEKLFLQKINELPTEE
;
_struct_ref.pdbx_align_begin           44 
# 
_struct_ref_seq.align_id                      1 
_struct_ref_seq.ref_id                        1 
_struct_ref_seq.pdbx_PDB_id_code              7ZAR 
_struct_ref_seq.pdbx_strand_id                AAA 
_struct_ref_seq.seq_align_beg                 5 
_struct_ref_seq.pdbx_seq_align_beg_ins_code   ? 
_struct_ref_seq.seq_align_end                 129 
_struct_ref_seq.pdbx_seq_align_end_ins_code   ? 
_struct_ref_seq.pdbx_db_accession             O60885-2 
_struct_ref_seq.db_align_beg                  44 
_struct_ref_seq.pdbx_db_align_beg_ins_code    ? 
_struct_ref_seq.db_align_end                  168 
_struct_ref_seq.pdbx_db_align_end_ins_code    ? 
_struct_ref_seq.pdbx_auth_seq_align_beg       44 
_struct_ref_seq.pdbx_auth_seq_align_end       168 
# 
loop_
_struct_ref_seq_dif.align_id 
_struct_ref_seq_dif.pdbx_pdb_id_code 
_struct_ref_seq_dif.mon_id 
_struct_ref_seq_dif.pdbx_pdb_strand_id 
_struct_ref_seq_dif.seq_num 
_struct_ref_seq_dif.pdbx_pdb_ins_code 
_struct_ref_seq_dif.pdbx_seq_db_name 
_struct_ref_seq_dif.pdbx_seq_db_accession_code 
_struct_ref_seq_dif.db_mon_id 
_struct_ref_seq_dif.pdbx_seq_db_seq_num 
_struct_ref_seq_dif.details 
_struct_ref_seq_dif.pdbx_auth_seq_num 
_struct_ref_seq_dif.pdbx_ordinal 
1 7ZAR GLY AAA 1 ? UNP O60885-2 ? ? 'expression tag' 40 1 
1 7ZAR SER AAA 2 ? UNP O60885-2 ? ? 'expression tag' 41 2 
1 7ZAR HIS AAA 3 ? UNP O60885-2 ? ? 'expression tag' 42 3 
1 7ZAR MET AAA 4 ? UNP O60885-2 ? ? 'expression tag' 43 4 
# 
_pdbx_struct_assembly.id                   1 
_pdbx_struct_assembly.details              author_defined_assembly 
_pdbx_struct_assembly.method_details       ? 
_pdbx_struct_assembly.oligomeric_details   monomeric 
_pdbx_struct_assembly.oligomeric_count     1 
# 
_pdbx_struct_assembly_gen.assembly_id       1 
_pdbx_struct_assembly_gen.oper_expression   1 
_pdbx_struct_assembly_gen.asym_id_list      A,B,C,D 
# 
_pdbx_struct_assembly_auth_evidence.id                     1 
_pdbx_struct_assembly_auth_evidence.assembly_id            1 
_pdbx_struct_assembly_auth_evidence.experimental_support   'gel filtration' 
_pdbx_struct_assembly_auth_evidence.details                ? 
# 
_pdbx_struct_oper_list.id                   1 
_pdbx_struct_oper_list.type                 'identity operation' 
_pdbx_struct_oper_list.name                 1_555 
_pdbx_struct_oper_list.symmetry_operation   x,y,z 
_pdbx_struct_oper_list.matrix[1][1]         1.0000000000 
_pdbx_struct_oper_list.matrix[1][2]         0.0000000000 
_pdbx_struct_oper_list.matrix[1][3]         0.0000000000 
_pdbx_struct_oper_list.vector[1]            0.0000000000 
_pdbx_struct_oper_list.matrix[2][1]         0.0000000000 
_pdbx_struct_oper_list.matrix[2][2]         1.0000000000 
_pdbx_struct_oper_list.matrix[2][3]         0.0000000000 
_pdbx_struct_oper_list.vector[2]            0.0000000000 
_pdbx_struct_oper_list.matrix[3][1]         0.0000000000 
_pdbx_struct_oper_list.matrix[3][2]         0.0000000000 
_pdbx_struct_oper_list.matrix[3][3]         1.0000000000 
_pdbx_struct_oper_list.vector[3]            0.0000000000 
# 
loop_
_struct_conf.conf_type_id 
_struct_conf.id 
_struct_conf.pdbx_PDB_helix_id 
_struct_conf.beg_label_comp_id 
_struct_conf.beg_label_asym_id 
_struct_conf.beg_label_seq_id 
_struct_conf.pdbx_beg_PDB_ins_code 
_struct_conf.end_label_comp_id 
_struct_conf.end_label_asym_id 
_struct_conf.end_label_seq_id 
_struct_conf.pdbx_end_PDB_ins_code 
_struct_conf.beg_auth_comp_id 
_struct_conf.beg_auth_asym_id 
_struct_conf.beg_auth_seq_id 
_struct_conf.end_auth_comp_id 
_struct_conf.end_auth_asym_id 
_struct_conf.end_auth_seq_id 
_struct_conf.pdbx_PDB_helix_class 
_struct_conf.details 
_struct_conf.pdbx_PDB_helix_length 
HELX_P HELX_P1 AA1 THR A 21  ? VAL A 30  ? THR AAA 60  VAL AAA 69  1 ? 10 
HELX_P HELX_P2 AA2 VAL A 30  ? LYS A 37  ? VAL AAA 69  LYS AAA 76  1 ? 8  
HELX_P HELX_P3 AA3 ALA A 41  ? GLN A 45  ? ALA AAA 80  GLN AAA 84  5 ? 5  
HELX_P HELX_P4 AA4 ASP A 57  ? ILE A 62  ? ASP AAA 96  ILE AAA 101 1 ? 6  
HELX_P HELX_P5 AA5 ASP A 67  ? ASN A 77  ? ASP AAA 106 ASN AAA 116 1 ? 11 
HELX_P HELX_P6 AA6 ASN A 82  ? ASN A 101 ? ASN AAA 121 ASN AAA 140 1 ? 20 
HELX_P HELX_P7 AA7 ASP A 105 ? ASN A 123 ? ASP AAA 144 ASN AAA 162 1 ? 19 
# 
_struct_conf_type.id          HELX_P 
_struct_conf_type.criteria    ? 
_struct_conf_type.reference   ? 
# 
loop_
_pdbx_validate_close_contact.id 
_pdbx_validate_close_contact.PDB_model_num 
_pdbx_validate_close_contact.auth_atom_id_1 
_pdbx_validate_close_contact.auth_asym_id_1 
_pdbx_validate_close_contact.auth_comp_id_1 
_pdbx_validate_close_contact.auth_seq_id_1 
_pdbx_validate_close_contact.PDB_ins_code_1 
_pdbx_validate_close_contact.label_alt_id_1 
_pdbx_validate_close_contact.auth_atom_id_2 
_pdbx_validate_close_contact.auth_asym_id_2 
_pdbx_validate_close_contact.auth_comp_id_2 
_pdbx_validate_close_contact.auth_seq_id_2 
_pdbx_validate_close_contact.PDB_ins_code_2 
_pdbx_validate_close_contact.label_alt_id_2 
_pdbx_validate_close_contact.dist 
1 1 O  AAA HOH 340 ? ? O  AAA HOH 343 ? ? 1.72 
2 1 C6 AAA IJF 202 ? ? O  AAA HOH 412 ? ? 2.06 
3 1 O  AAA ILE 100 ? A O1 AAA GOL 201 ? ? 2.08 
4 1 O  AAA HOH 317 ? ? O  AAA HOH 388 ? ? 2.15 
5 1 O  AAA HOH 321 ? ? O  AAA HOH 452 ? ? 2.17 
# 
loop_
_pdbx_validate_rmsd_angle.id 
_pdbx_validate_rmsd_angle.PDB_model_num 
_pdbx_validate_rmsd_angle.auth_atom_id_1 
_pdbx_validate_rmsd_angle.auth_asym_id_1 
_pdbx_validate_rmsd_angle.auth_comp_id_1 
_pdbx_validate_rmsd_angle.auth_seq_id_1 
_pdbx_validate_rmsd_angle.PDB_ins_code_1 
_pdbx_validate_rmsd_angle.label_alt_id_1 
_pdbx_validate_rmsd_angle.auth_atom_id_2 
_pdbx_validate_rmsd_angle.auth_asym_id_2 
_pdbx_validate_rmsd_angle.auth_comp_id_2 
_pdbx_validate_rmsd_angle.auth_seq_id_2 
_pdbx_validate_rmsd_angle.PDB_ins_code_2 
_pdbx_validate_rmsd_angle.label_alt_id_2 
_pdbx_validate_rmsd_angle.auth_atom_id_3 
_pdbx_validate_rmsd_angle.auth_asym_id_3 
_pdbx_validate_rmsd_angle.auth_comp_id_3 
_pdbx_validate_rmsd_angle.auth_seq_id_3 
_pdbx_validate_rmsd_angle.PDB_ins_code_3 
_pdbx_validate_rmsd_angle.label_alt_id_3 
_pdbx_validate_rmsd_angle.angle_value 
_pdbx_validate_rmsd_angle.angle_target_value 
_pdbx_validate_rmsd_angle.angle_deviation 
_pdbx_validate_rmsd_angle.angle_standard_deviation 
_pdbx_validate_rmsd_angle.linker_flag 
1 1 CB AAA LYS 57  ? ? CA AAA LYS 57  ? ? C   AAA LYS 57  ? ? 94.48  110.40 -15.92 2.00 N 
2 1 NE AAA ARG 113 ? ? CZ AAA ARG 113 ? ? NH2 AAA ARG 113 ? ? 117.05 120.30 -3.25  0.50 N 
# 
_pdbx_validate_torsion.id              1 
_pdbx_validate_torsion.PDB_model_num   1 
_pdbx_validate_torsion.auth_comp_id    ASN 
_pdbx_validate_torsion.auth_asym_id    AAA 
_pdbx_validate_torsion.auth_seq_id     52 
_pdbx_validate_torsion.PDB_ins_code    ? 
_pdbx_validate_torsion.label_alt_id    ? 
_pdbx_validate_torsion.phi             -162.47 
_pdbx_validate_torsion.psi             102.23 
# 
_pdbx_entry_details.entry_id                 7ZAR 
_pdbx_entry_details.has_ligand_of_interest   Y 
_pdbx_entry_details.compound_details         ? 
_pdbx_entry_details.source_details           ? 
_pdbx_entry_details.nonpolymer_details       ? 
_pdbx_entry_details.sequence_details         ? 
# 
loop_
_chem_comp_atom.comp_id 
_chem_comp_atom.atom_id 
_chem_comp_atom.type_symbol 
_chem_comp_atom.pdbx_aromatic_flag 
_chem_comp_atom.pdbx_stereo_config 
_chem_comp_atom.pdbx_ordinal 
ALA N    N  N N 1   
ALA CA   C  N S 2   
ALA C    C  N N 3   
ALA O    O  N N 4   
ALA CB   C  N N 5   
ALA OXT  O  N N 6   
ALA H    H  N N 7   
ALA H2   H  N N 8   
ALA HA   H  N N 9   
ALA HB1  H  N N 10  
ALA HB2  H  N N 11  
ALA HB3  H  N N 12  
ALA HXT  H  N N 13  
ARG N    N  N N 14  
ARG CA   C  N S 15  
ARG C    C  N N 16  
ARG O    O  N N 17  
ARG CB   C  N N 18  
ARG CG   C  N N 19  
ARG CD   C  N N 20  
ARG NE   N  N N 21  
ARG CZ   C  N N 22  
ARG NH1  N  N N 23  
ARG NH2  N  N N 24  
ARG OXT  O  N N 25  
ARG H    H  N N 26  
ARG H2   H  N N 27  
ARG HA   H  N N 28  
ARG HB2  H  N N 29  
ARG HB3  H  N N 30  
ARG HG2  H  N N 31  
ARG HG3  H  N N 32  
ARG HD2  H  N N 33  
ARG HD3  H  N N 34  
ARG HE   H  N N 35  
ARG HH11 H  N N 36  
ARG HH12 H  N N 37  
ARG HH21 H  N N 38  
ARG HH22 H  N N 39  
ARG HXT  H  N N 40  
ASN N    N  N N 41  
ASN CA   C  N S 42  
ASN C    C  N N 43  
ASN O    O  N N 44  
ASN CB   C  N N 45  
ASN CG   C  N N 46  
ASN OD1  O  N N 47  
ASN ND2  N  N N 48  
ASN OXT  O  N N 49  
ASN H    H  N N 50  
ASN H2   H  N N 51  
ASN HA   H  N N 52  
ASN HB2  H  N N 53  
ASN HB3  H  N N 54  
ASN HD21 H  N N 55  
ASN HD22 H  N N 56  
ASN HXT  H  N N 57  
ASP N    N  N N 58  
ASP CA   C  N S 59  
ASP C    C  N N 60  
ASP O    O  N N 61  
ASP CB   C  N N 62  
ASP CG   C  N N 63  
ASP OD1  O  N N 64  
ASP OD2  O  N N 65  
ASP OXT  O  N N 66  
ASP H    H  N N 67  
ASP H2   H  N N 68  
ASP HA   H  N N 69  
ASP HB2  H  N N 70  
ASP HB3  H  N N 71  
ASP HD2  H  N N 72  
ASP HXT  H  N N 73  
CYS N    N  N N 74  
CYS CA   C  N R 75  
CYS C    C  N N 76  
CYS O    O  N N 77  
CYS CB   C  N N 78  
CYS SG   S  N N 79  
CYS OXT  O  N N 80  
CYS H    H  N N 81  
CYS H2   H  N N 82  
CYS HA   H  N N 83  
CYS HB2  H  N N 84  
CYS HB3  H  N N 85  
CYS HG   H  N N 86  
CYS HXT  H  N N 87  
GLN N    N  N N 88  
GLN CA   C  N S 89  
GLN C    C  N N 90  
GLN O    O  N N 91  
GLN CB   C  N N 92  
GLN CG   C  N N 93  
GLN CD   C  N N 94  
GLN OE1  O  N N 95  
GLN NE2  N  N N 96  
GLN OXT  O  N N 97  
GLN H    H  N N 98  
GLN H2   H  N N 99  
GLN HA   H  N N 100 
GLN HB2  H  N N 101 
GLN HB3  H  N N 102 
GLN HG2  H  N N 103 
GLN HG3  H  N N 104 
GLN HE21 H  N N 105 
GLN HE22 H  N N 106 
GLN HXT  H  N N 107 
GLU N    N  N N 108 
GLU CA   C  N S 109 
GLU C    C  N N 110 
GLU O    O  N N 111 
GLU CB   C  N N 112 
GLU CG   C  N N 113 
GLU CD   C  N N 114 
GLU OE1  O  N N 115 
GLU OE2  O  N N 116 
GLU OXT  O  N N 117 
GLU H    H  N N 118 
GLU H2   H  N N 119 
GLU HA   H  N N 120 
GLU HB2  H  N N 121 
GLU HB3  H  N N 122 
GLU HG2  H  N N 123 
GLU HG3  H  N N 124 
GLU HE2  H  N N 125 
GLU HXT  H  N N 126 
GLY N    N  N N 127 
GLY CA   C  N N 128 
GLY C    C  N N 129 
GLY O    O  N N 130 
GLY OXT  O  N N 131 
GLY H    H  N N 132 
GLY H2   H  N N 133 
GLY HA2  H  N N 134 
GLY HA3  H  N N 135 
GLY HXT  H  N N 136 
GOL C1   C  N N 137 
GOL O1   O  N N 138 
GOL C2   C  N N 139 
GOL O2   O  N N 140 
GOL C3   C  N N 141 
GOL O3   O  N N 142 
GOL H11  H  N N 143 
GOL H12  H  N N 144 
GOL HO1  H  N N 145 
GOL H2   H  N N 146 
GOL HO2  H  N N 147 
GOL H31  H  N N 148 
GOL H32  H  N N 149 
GOL HO3  H  N N 150 
HIS N    N  N N 151 
HIS CA   C  N S 152 
HIS C    C  N N 153 
HIS O    O  N N 154 
HIS CB   C  N N 155 
HIS CG   C  Y N 156 
HIS ND1  N  Y N 157 
HIS CD2  C  Y N 158 
HIS CE1  C  Y N 159 
HIS NE2  N  Y N 160 
HIS OXT  O  N N 161 
HIS H    H  N N 162 
HIS H2   H  N N 163 
HIS HA   H  N N 164 
HIS HB2  H  N N 165 
HIS HB3  H  N N 166 
HIS HD1  H  N N 167 
HIS HD2  H  N N 168 
HIS HE1  H  N N 169 
HIS HE2  H  N N 170 
HIS HXT  H  N N 171 
HOH O    O  N N 172 
HOH H1   H  N N 173 
HOH H2   H  N N 174 
IJF C4   C  Y N 175 
IJF C5   C  Y N 176 
IJF C6   C  Y N 177 
IJF N1   N  Y N 178 
IJF C3   C  Y N 179 
IJF O1   O  N N 180 
IJF C1   C  N N 181 
IJF C2   C  Y N 182 
IJF BR1  BR N N 183 
IJF H1   H  N N 184 
IJF H2   H  N N 185 
IJF H3   H  N N 186 
IJF H4   H  N N 187 
IJF H5   H  N N 188 
IJF H6   H  N N 189 
ILE N    N  N N 190 
ILE CA   C  N S 191 
ILE C    C  N N 192 
ILE O    O  N N 193 
ILE CB   C  N S 194 
ILE CG1  C  N N 195 
ILE CG2  C  N N 196 
ILE CD1  C  N N 197 
ILE OXT  O  N N 198 
ILE H    H  N N 199 
ILE H2   H  N N 200 
ILE HA   H  N N 201 
ILE HB   H  N N 202 
ILE HG12 H  N N 203 
ILE HG13 H  N N 204 
ILE HG21 H  N N 205 
ILE HG22 H  N N 206 
ILE HG23 H  N N 207 
ILE HD11 H  N N 208 
ILE HD12 H  N N 209 
ILE HD13 H  N N 210 
ILE HXT  H  N N 211 
LEU N    N  N N 212 
LEU CA   C  N S 213 
LEU C    C  N N 214 
LEU O    O  N N 215 
LEU CB   C  N N 216 
LEU CG   C  N N 217 
LEU CD1  C  N N 218 
LEU CD2  C  N N 219 
LEU OXT  O  N N 220 
LEU H    H  N N 221 
LEU H2   H  N N 222 
LEU HA   H  N N 223 
LEU HB2  H  N N 224 
LEU HB3  H  N N 225 
LEU HG   H  N N 226 
LEU HD11 H  N N 227 
LEU HD12 H  N N 228 
LEU HD13 H  N N 229 
LEU HD21 H  N N 230 
LEU HD22 H  N N 231 
LEU HD23 H  N N 232 
LEU HXT  H  N N 233 
LYS N    N  N N 234 
LYS CA   C  N S 235 
LYS C    C  N N 236 
LYS O    O  N N 237 
LYS CB   C  N N 238 
LYS CG   C  N N 239 
LYS CD   C  N N 240 
LYS CE   C  N N 241 
LYS NZ   N  N N 242 
LYS OXT  O  N N 243 
LYS H    H  N N 244 
LYS H2   H  N N 245 
LYS HA   H  N N 246 
LYS HB2  H  N N 247 
LYS HB3  H  N N 248 
LYS HG2  H  N N 249 
LYS HG3  H  N N 250 
LYS HD2  H  N N 251 
LYS HD3  H  N N 252 
LYS HE2  H  N N 253 
LYS HE3  H  N N 254 
LYS HZ1  H  N N 255 
LYS HZ2  H  N N 256 
LYS HZ3  H  N N 257 
LYS HXT  H  N N 258 
MET N    N  N N 259 
MET CA   C  N S 260 
MET C    C  N N 261 
MET O    O  N N 262 
MET CB   C  N N 263 
MET CG   C  N N 264 
MET SD   S  N N 265 
MET CE   C  N N 266 
MET OXT  O  N N 267 
MET H    H  N N 268 
MET H2   H  N N 269 
MET HA   H  N N 270 
MET HB2  H  N N 271 
MET HB3  H  N N 272 
MET HG2  H  N N 273 
MET HG3  H  N N 274 
MET HE1  H  N N 275 
MET HE2  H  N N 276 
MET HE3  H  N N 277 
MET HXT  H  N N 278 
PHE N    N  N N 279 
PHE CA   C  N S 280 
PHE C    C  N N 281 
PHE O    O  N N 282 
PHE CB   C  N N 283 
PHE CG   C  Y N 284 
PHE CD1  C  Y N 285 
PHE CD2  C  Y N 286 
PHE CE1  C  Y N 287 
PHE CE2  C  Y N 288 
PHE CZ   C  Y N 289 
PHE OXT  O  N N 290 
PHE H    H  N N 291 
PHE H2   H  N N 292 
PHE HA   H  N N 293 
PHE HB2  H  N N 294 
PHE HB3  H  N N 295 
PHE HD1  H  N N 296 
PHE HD2  H  N N 297 
PHE HE1  H  N N 298 
PHE HE2  H  N N 299 
PHE HZ   H  N N 300 
PHE HXT  H  N N 301 
PRO N    N  N N 302 
PRO CA   C  N S 303 
PRO C    C  N N 304 
PRO O    O  N N 305 
PRO CB   C  N N 306 
PRO CG   C  N N 307 
PRO CD   C  N N 308 
PRO OXT  O  N N 309 
PRO H    H  N N 310 
PRO HA   H  N N 311 
PRO HB2  H  N N 312 
PRO HB3  H  N N 313 
PRO HG2  H  N N 314 
PRO HG3  H  N N 315 
PRO HD2  H  N N 316 
PRO HD3  H  N N 317 
PRO HXT  H  N N 318 
SER N    N  N N 319 
SER CA   C  N S 320 
SER C    C  N N 321 
SER O    O  N N 322 
SER CB   C  N N 323 
SER OG   O  N N 324 
SER OXT  O  N N 325 
SER H    H  N N 326 
SER H2   H  N N 327 
SER HA   H  N N 328 
SER HB2  H  N N 329 
SER HB3  H  N N 330 
SER HG   H  N N 331 
SER HXT  H  N N 332 
THR N    N  N N 333 
THR CA   C  N S 334 
THR C    C  N N 335 
THR O    O  N N 336 
THR CB   C  N R 337 
THR OG1  O  N N 338 
THR CG2  C  N N 339 
THR OXT  O  N N 340 
THR H    H  N N 341 
THR H2   H  N N 342 
THR HA   H  N N 343 
THR HB   H  N N 344 
THR HG1  H  N N 345 
THR HG21 H  N N 346 
THR HG22 H  N N 347 
THR HG23 H  N N 348 
THR HXT  H  N N 349 
TRP N    N  N N 350 
TRP CA   C  N S 351 
TRP C    C  N N 352 
TRP O    O  N N 353 
TRP CB   C  N N 354 
TRP CG   C  Y N 355 
TRP CD1  C  Y N 356 
TRP CD2  C  Y N 357 
TRP NE1  N  Y N 358 
TRP CE2  C  Y N 359 
TRP CE3  C  Y N 360 
TRP CZ2  C  Y N 361 
TRP CZ3  C  Y N 362 
TRP CH2  C  Y N 363 
TRP OXT  O  N N 364 
TRP H    H  N N 365 
TRP H2   H  N N 366 
TRP HA   H  N N 367 
TRP HB2  H  N N 368 
TRP HB3  H  N N 369 
TRP HD1  H  N N 370 
TRP HE1  H  N N 371 
TRP HE3  H  N N 372 
TRP HZ2  H  N N 373 
TRP HZ3  H  N N 374 
TRP HH2  H  N N 375 
TRP HXT  H  N N 376 
TYR N    N  N N 377 
TYR CA   C  N S 378 
TYR C    C  N N 379 
TYR O    O  N N 380 
TYR CB   C  N N 381 
TYR CG   C  Y N 382 
TYR CD1  C  Y N 383 
TYR CD2  C  Y N 384 
TYR CE1  C  Y N 385 
TYR CE2  C  Y N 386 
TYR CZ   C  Y N 387 
TYR OH   O  N N 388 
TYR OXT  O  N N 389 
TYR H    H  N N 390 
TYR H2   H  N N 391 
TYR HA   H  N N 392 
TYR HB2  H  N N 393 
TYR HB3  H  N N 394 
TYR HD1  H  N N 395 
TYR HD2  H  N N 396 
TYR HE1  H  N N 397 
TYR HE2  H  N N 398 
TYR HH   H  N N 399 
TYR HXT  H  N N 400 
VAL N    N  N N 401 
VAL CA   C  N S 402 
VAL C    C  N N 403 
VAL O    O  N N 404 
VAL CB   C  N N 405 
VAL CG1  C  N N 406 
VAL CG2  C  N N 407 
VAL OXT  O  N N 408 
VAL H    H  N N 409 
VAL H2   H  N N 410 
VAL HA   H  N N 411 
VAL HB   H  N N 412 
VAL HG11 H  N N 413 
VAL HG12 H  N N 414 
VAL HG13 H  N N 415 
VAL HG21 H  N N 416 
VAL HG22 H  N N 417 
VAL HG23 H  N N 418 
VAL HXT  H  N N 419 
# 
loop_
_chem_comp_bond.comp_id 
_chem_comp_bond.atom_id_1 
_chem_comp_bond.atom_id_2 
_chem_comp_bond.value_order 
_chem_comp_bond.pdbx_aromatic_flag 
_chem_comp_bond.pdbx_stereo_config 
_chem_comp_bond.pdbx_ordinal 
ALA N   CA   sing N N 1   
ALA N   H    sing N N 2   
ALA N   H2   sing N N 3   
ALA CA  C    sing N N 4   
ALA CA  CB   sing N N 5   
ALA CA  HA   sing N N 6   
ALA C   O    doub N N 7   
ALA C   OXT  sing N N 8   
ALA CB  HB1  sing N N 9   
ALA CB  HB2  sing N N 10  
ALA CB  HB3  sing N N 11  
ALA OXT HXT  sing N N 12  
ARG N   CA   sing N N 13  
ARG N   H    sing N N 14  
ARG N   H2   sing N N 15  
ARG CA  C    sing N N 16  
ARG CA  CB   sing N N 17  
ARG CA  HA   sing N N 18  
ARG C   O    doub N N 19  
ARG C   OXT  sing N N 20  
ARG CB  CG   sing N N 21  
ARG CB  HB2  sing N N 22  
ARG CB  HB3  sing N N 23  
ARG CG  CD   sing N N 24  
ARG CG  HG2  sing N N 25  
ARG CG  HG3  sing N N 26  
ARG CD  NE   sing N N 27  
ARG CD  HD2  sing N N 28  
ARG CD  HD3  sing N N 29  
ARG NE  CZ   sing N N 30  
ARG NE  HE   sing N N 31  
ARG CZ  NH1  sing N N 32  
ARG CZ  NH2  doub N N 33  
ARG NH1 HH11 sing N N 34  
ARG NH1 HH12 sing N N 35  
ARG NH2 HH21 sing N N 36  
ARG NH2 HH22 sing N N 37  
ARG OXT HXT  sing N N 38  
ASN N   CA   sing N N 39  
ASN N   H    sing N N 40  
ASN N   H2   sing N N 41  
ASN CA  C    sing N N 42  
ASN CA  CB   sing N N 43  
ASN CA  HA   sing N N 44  
ASN C   O    doub N N 45  
ASN C   OXT  sing N N 46  
ASN CB  CG   sing N N 47  
ASN CB  HB2  sing N N 48  
ASN CB  HB3  sing N N 49  
ASN CG  OD1  doub N N 50  
ASN CG  ND2  sing N N 51  
ASN ND2 HD21 sing N N 52  
ASN ND2 HD22 sing N N 53  
ASN OXT HXT  sing N N 54  
ASP N   CA   sing N N 55  
ASP N   H    sing N N 56  
ASP N   H2   sing N N 57  
ASP CA  C    sing N N 58  
ASP CA  CB   sing N N 59  
ASP CA  HA   sing N N 60  
ASP C   O    doub N N 61  
ASP C   OXT  sing N N 62  
ASP CB  CG   sing N N 63  
ASP CB  HB2  sing N N 64  
ASP CB  HB3  sing N N 65  
ASP CG  OD1  doub N N 66  
ASP CG  OD2  sing N N 67  
ASP OD2 HD2  sing N N 68  
ASP OXT HXT  sing N N 69  
CYS N   CA   sing N N 70  
CYS N   H    sing N N 71  
CYS N   H2   sing N N 72  
CYS CA  C    sing N N 73  
CYS CA  CB   sing N N 74  
CYS CA  HA   sing N N 75  
CYS C   O    doub N N 76  
CYS C   OXT  sing N N 77  
CYS CB  SG   sing N N 78  
CYS CB  HB2  sing N N 79  
CYS CB  HB3  sing N N 80  
CYS SG  HG   sing N N 81  
CYS OXT HXT  sing N N 82  
GLN N   CA   sing N N 83  
GLN N   H    sing N N 84  
GLN N   H2   sing N N 85  
GLN CA  C    sing N N 86  
GLN CA  CB   sing N N 87  
GLN CA  HA   sing N N 88  
GLN C   O    doub N N 89  
GLN C   OXT  sing N N 90  
GLN CB  CG   sing N N 91  
GLN CB  HB2  sing N N 92  
GLN CB  HB3  sing N N 93  
GLN CG  CD   sing N N 94  
GLN CG  HG2  sing N N 95  
GLN CG  HG3  sing N N 96  
GLN CD  OE1  doub N N 97  
GLN CD  NE2  sing N N 98  
GLN NE2 HE21 sing N N 99  
GLN NE2 HE22 sing N N 100 
GLN OXT HXT  sing N N 101 
GLU N   CA   sing N N 102 
GLU N   H    sing N N 103 
GLU N   H2   sing N N 104 
GLU CA  C    sing N N 105 
GLU CA  CB   sing N N 106 
GLU CA  HA   sing N N 107 
GLU C   O    doub N N 108 
GLU C   OXT  sing N N 109 
GLU CB  CG   sing N N 110 
GLU CB  HB2  sing N N 111 
GLU CB  HB3  sing N N 112 
GLU CG  CD   sing N N 113 
GLU CG  HG2  sing N N 114 
GLU CG  HG3  sing N N 115 
GLU CD  OE1  doub N N 116 
GLU CD  OE2  sing N N 117 
GLU OE2 HE2  sing N N 118 
GLU OXT HXT  sing N N 119 
GLY N   CA   sing N N 120 
GLY N   H    sing N N 121 
GLY N   H2   sing N N 122 
GLY CA  C    sing N N 123 
GLY CA  HA2  sing N N 124 
GLY CA  HA3  sing N N 125 
GLY C   O    doub N N 126 
GLY C   OXT  sing N N 127 
GLY OXT HXT  sing N N 128 
GOL C1  O1   sing N N 129 
GOL C1  C2   sing N N 130 
GOL C1  H11  sing N N 131 
GOL C1  H12  sing N N 132 
GOL O1  HO1  sing N N 133 
GOL C2  O2   sing N N 134 
GOL C2  C3   sing N N 135 
GOL C2  H2   sing N N 136 
GOL O2  HO2  sing N N 137 
GOL C3  O3   sing N N 138 
GOL C3  H31  sing N N 139 
GOL C3  H32  sing N N 140 
GOL O3  HO3  sing N N 141 
HIS N   CA   sing N N 142 
HIS N   H    sing N N 143 
HIS N   H2   sing N N 144 
HIS CA  C    sing N N 145 
HIS CA  CB   sing N N 146 
HIS CA  HA   sing N N 147 
HIS C   O    doub N N 148 
HIS C   OXT  sing N N 149 
HIS CB  CG   sing N N 150 
HIS CB  HB2  sing N N 151 
HIS CB  HB3  sing N N 152 
HIS CG  ND1  sing Y N 153 
HIS CG  CD2  doub Y N 154 
HIS ND1 CE1  doub Y N 155 
HIS ND1 HD1  sing N N 156 
HIS CD2 NE2  sing Y N 157 
HIS CD2 HD2  sing N N 158 
HIS CE1 NE2  sing Y N 159 
HIS CE1 HE1  sing N N 160 
HIS NE2 HE2  sing N N 161 
HIS OXT HXT  sing N N 162 
HOH O   H1   sing N N 163 
HOH O   H2   sing N N 164 
IJF C5  C6   doub Y N 165 
IJF C5  C4   sing Y N 166 
IJF C6  N1   sing Y N 167 
IJF BR1 C4   sing N N 168 
IJF C4  C3   doub Y N 169 
IJF N1  C2   doub Y N 170 
IJF C2  C3   sing Y N 171 
IJF C2  C1   sing N N 172 
IJF C1  O1   sing N N 173 
IJF C5  H1   sing N N 174 
IJF C6  H2   sing N N 175 
IJF C3  H3   sing N N 176 
IJF O1  H4   sing N N 177 
IJF C1  H5   sing N N 178 
IJF C1  H6   sing N N 179 
ILE N   CA   sing N N 180 
ILE N   H    sing N N 181 
ILE N   H2   sing N N 182 
ILE CA  C    sing N N 183 
ILE CA  CB   sing N N 184 
ILE CA  HA   sing N N 185 
ILE C   O    doub N N 186 
ILE C   OXT  sing N N 187 
ILE CB  CG1  sing N N 188 
ILE CB  CG2  sing N N 189 
ILE CB  HB   sing N N 190 
ILE CG1 CD1  sing N N 191 
ILE CG1 HG12 sing N N 192 
ILE CG1 HG13 sing N N 193 
ILE CG2 HG21 sing N N 194 
ILE CG2 HG22 sing N N 195 
ILE CG2 HG23 sing N N 196 
ILE CD1 HD11 sing N N 197 
ILE CD1 HD12 sing N N 198 
ILE CD1 HD13 sing N N 199 
ILE OXT HXT  sing N N 200 
LEU N   CA   sing N N 201 
LEU N   H    sing N N 202 
LEU N   H2   sing N N 203 
LEU CA  C    sing N N 204 
LEU CA  CB   sing N N 205 
LEU CA  HA   sing N N 206 
LEU C   O    doub N N 207 
LEU C   OXT  sing N N 208 
LEU CB  CG   sing N N 209 
LEU CB  HB2  sing N N 210 
LEU CB  HB3  sing N N 211 
LEU CG  CD1  sing N N 212 
LEU CG  CD2  sing N N 213 
LEU CG  HG   sing N N 214 
LEU CD1 HD11 sing N N 215 
LEU CD1 HD12 sing N N 216 
LEU CD1 HD13 sing N N 217 
LEU CD2 HD21 sing N N 218 
LEU CD2 HD22 sing N N 219 
LEU CD2 HD23 sing N N 220 
LEU OXT HXT  sing N N 221 
LYS N   CA   sing N N 222 
LYS N   H    sing N N 223 
LYS N   H2   sing N N 224 
LYS CA  C    sing N N 225 
LYS CA  CB   sing N N 226 
LYS CA  HA   sing N N 227 
LYS C   O    doub N N 228 
LYS C   OXT  sing N N 229 
LYS CB  CG   sing N N 230 
LYS CB  HB2  sing N N 231 
LYS CB  HB3  sing N N 232 
LYS CG  CD   sing N N 233 
LYS CG  HG2  sing N N 234 
LYS CG  HG3  sing N N 235 
LYS CD  CE   sing N N 236 
LYS CD  HD2  sing N N 237 
LYS CD  HD3  sing N N 238 
LYS CE  NZ   sing N N 239 
LYS CE  HE2  sing N N 240 
LYS CE  HE3  sing N N 241 
LYS NZ  HZ1  sing N N 242 
LYS NZ  HZ2  sing N N 243 
LYS NZ  HZ3  sing N N 244 
LYS OXT HXT  sing N N 245 
MET N   CA   sing N N 246 
MET N   H    sing N N 247 
MET N   H2   sing N N 248 
MET CA  C    sing N N 249 
MET CA  CB   sing N N 250 
MET CA  HA   sing N N 251 
MET C   O    doub N N 252 
MET C   OXT  sing N N 253 
MET CB  CG   sing N N 254 
MET CB  HB2  sing N N 255 
MET CB  HB3  sing N N 256 
MET CG  SD   sing N N 257 
MET CG  HG2  sing N N 258 
MET CG  HG3  sing N N 259 
MET SD  CE   sing N N 260 
MET CE  HE1  sing N N 261 
MET CE  HE2  sing N N 262 
MET CE  HE3  sing N N 263 
MET OXT HXT  sing N N 264 
PHE N   CA   sing N N 265 
PHE N   H    sing N N 266 
PHE N   H2   sing N N 267 
PHE CA  C    sing N N 268 
PHE CA  CB   sing N N 269 
PHE CA  HA   sing N N 270 
PHE C   O    doub N N 271 
PHE C   OXT  sing N N 272 
PHE CB  CG   sing N N 273 
PHE CB  HB2  sing N N 274 
PHE CB  HB3  sing N N 275 
PHE CG  CD1  doub Y N 276 
PHE CG  CD2  sing Y N 277 
PHE CD1 CE1  sing Y N 278 
PHE CD1 HD1  sing N N 279 
PHE CD2 CE2  doub Y N 280 
PHE CD2 HD2  sing N N 281 
PHE CE1 CZ   doub Y N 282 
PHE CE1 HE1  sing N N 283 
PHE CE2 CZ   sing Y N 284 
PHE CE2 HE2  sing N N 285 
PHE CZ  HZ   sing N N 286 
PHE OXT HXT  sing N N 287 
PRO N   CA   sing N N 288 
PRO N   CD   sing N N 289 
PRO N   H    sing N N 290 
PRO CA  C    sing N N 291 
PRO CA  CB   sing N N 292 
PRO CA  HA   sing N N 293 
PRO C   O    doub N N 294 
PRO C   OXT  sing N N 295 
PRO CB  CG   sing N N 296 
PRO CB  HB2  sing N N 297 
PRO CB  HB3  sing N N 298 
PRO CG  CD   sing N N 299 
PRO CG  HG2  sing N N 300 
PRO CG  HG3  sing N N 301 
PRO CD  HD2  sing N N 302 
PRO CD  HD3  sing N N 303 
PRO OXT HXT  sing N N 304 
SER N   CA   sing N N 305 
SER N   H    sing N N 306 
SER N   H2   sing N N 307 
SER CA  C    sing N N 308 
SER CA  CB   sing N N 309 
SER CA  HA   sing N N 310 
SER C   O    doub N N 311 
SER C   OXT  sing N N 312 
SER CB  OG   sing N N 313 
SER CB  HB2  sing N N 314 
SER CB  HB3  sing N N 315 
SER OG  HG   sing N N 316 
SER OXT HXT  sing N N 317 
THR N   CA   sing N N 318 
THR N   H    sing N N 319 
THR N   H2   sing N N 320 
THR CA  C    sing N N 321 
THR CA  CB   sing N N 322 
THR CA  HA   sing N N 323 
THR C   O    doub N N 324 
THR C   OXT  sing N N 325 
THR CB  OG1  sing N N 326 
THR CB  CG2  sing N N 327 
THR CB  HB   sing N N 328 
THR OG1 HG1  sing N N 329 
THR CG2 HG21 sing N N 330 
THR CG2 HG22 sing N N 331 
THR CG2 HG23 sing N N 332 
THR OXT HXT  sing N N 333 
TRP N   CA   sing N N 334 
TRP N   H    sing N N 335 
TRP N   H2   sing N N 336 
TRP CA  C    sing N N 337 
TRP CA  CB   sing N N 338 
TRP CA  HA   sing N N 339 
TRP C   O    doub N N 340 
TRP C   OXT  sing N N 341 
TRP CB  CG   sing N N 342 
TRP CB  HB2  sing N N 343 
TRP CB  HB3  sing N N 344 
TRP CG  CD1  doub Y N 345 
TRP CG  CD2  sing Y N 346 
TRP CD1 NE1  sing Y N 347 
TRP CD1 HD1  sing N N 348 
TRP CD2 CE2  doub Y N 349 
TRP CD2 CE3  sing Y N 350 
TRP NE1 CE2  sing Y N 351 
TRP NE1 HE1  sing N N 352 
TRP CE2 CZ2  sing Y N 353 
TRP CE3 CZ3  doub Y N 354 
TRP CE3 HE3  sing N N 355 
TRP CZ2 CH2  doub Y N 356 
TRP CZ2 HZ2  sing N N 357 
TRP CZ3 CH2  sing Y N 358 
TRP CZ3 HZ3  sing N N 359 
TRP CH2 HH2  sing N N 360 
TRP OXT HXT  sing N N 361 
TYR N   CA   sing N N 362 
TYR N   H    sing N N 363 
TYR N   H2   sing N N 364 
TYR CA  C    sing N N 365 
TYR CA  CB   sing N N 366 
TYR CA  HA   sing N N 367 
TYR C   O    doub N N 368 
TYR C   OXT  sing N N 369 
TYR CB  CG   sing N N 370 
TYR CB  HB2  sing N N 371 
TYR CB  HB3  sing N N 372 
TYR CG  CD1  doub Y N 373 
TYR CG  CD2  sing Y N 374 
TYR CD1 CE1  sing Y N 375 
TYR CD1 HD1  sing N N 376 
TYR CD2 CE2  doub Y N 377 
TYR CD2 HD2  sing N N 378 
TYR CE1 CZ   doub Y N 379 
TYR CE1 HE1  sing N N 380 
TYR CE2 CZ   sing Y N 381 
TYR CE2 HE2  sing N N 382 
TYR CZ  OH   sing N N 383 
TYR OH  HH   sing N N 384 
TYR OXT HXT  sing N N 385 
VAL N   CA   sing N N 386 
VAL N   H    sing N N 387 
VAL N   H2   sing N N 388 
VAL CA  C    sing N N 389 
VAL CA  CB   sing N N 390 
VAL CA  HA   sing N N 391 
VAL C   O    doub N N 392 
VAL C   OXT  sing N N 393 
VAL CB  CG1  sing N N 394 
VAL CB  CG2  sing N N 395 
VAL CB  HB   sing N N 396 
VAL CG1 HG11 sing N N 397 
VAL CG1 HG12 sing N N 398 
VAL CG1 HG13 sing N N 399 
VAL CG2 HG21 sing N N 400 
VAL CG2 HG22 sing N N 401 
VAL CG2 HG23 sing N N 402 
VAL OXT HXT  sing N N 403 
# 
loop_
_pdbx_audit_support.funding_organization 
_pdbx_audit_support.country 
_pdbx_audit_support.grant_number 
_pdbx_audit_support.ordinal 
'Cancer Research UK' 'United Kingdom' C57659/A27310 1 
'Cancer Research UK' 'United Kingdom' C1362/A20263  2 
'Cancer Research UK' 'United Kingdom' C2215/A21421  3 
# 
_pdbx_entity_instance_feature.ordinal        1 
_pdbx_entity_instance_feature.comp_id        IJF 
_pdbx_entity_instance_feature.asym_id        ? 
_pdbx_entity_instance_feature.seq_num        ? 
_pdbx_entity_instance_feature.auth_comp_id   IJF 
_pdbx_entity_instance_feature.auth_asym_id   ? 
_pdbx_entity_instance_feature.auth_seq_num   ? 
_pdbx_entity_instance_feature.feature_type   'SUBJECT OF INVESTIGATION' 
_pdbx_entity_instance_feature.details        ? 
# 
_pdbx_initial_refinement_model.id               1 
_pdbx_initial_refinement_model.entity_id_list   ? 
_pdbx_initial_refinement_model.type             'experimental model' 
_pdbx_initial_refinement_model.source_name      PDB 
_pdbx_initial_refinement_model.accession_code   5LRQ 
_pdbx_initial_refinement_model.details          ? 
# 
_atom_sites.entry_id                    7ZAR 
_atom_sites.Cartn_transf_matrix[1][1]   ? 
_atom_sites.Cartn_transf_matrix[1][2]   ? 
_atom_sites.Cartn_transf_matrix[1][3]   ? 
_atom_sites.Cartn_transf_matrix[2][1]   ? 
_atom_sites.Cartn_transf_matrix[2][2]   ? 
_atom_sites.Cartn_transf_matrix[2][3]   ? 
_atom_sites.Cartn_transf_matrix[3][1]   ? 
_atom_sites.Cartn_transf_matrix[3][2]   ? 
_atom_sites.Cartn_transf_matrix[3][3]   ? 
_atom_sites.Cartn_transf_vector[1]      ? 
_atom_sites.Cartn_transf_vector[2]      ? 
_atom_sites.Cartn_transf_vector[3]      ? 
_atom_sites.fract_transf_matrix[1][1]   0.01393689 
_atom_sites.fract_transf_matrix[1][2]   -0.00602789 
_atom_sites.fract_transf_matrix[1][3]   -0.02148100 
_atom_sites.fract_transf_matrix[2][1]   -0.00288567 
_atom_sites.fract_transf_matrix[2][2]   0.02154149 
_atom_sites.fract_transf_matrix[2][3]   -0.00791709 
_atom_sites.fract_transf_matrix[3][1]   0.01061793 
_atom_sites.fract_transf_matrix[3][2]   0.00358455 
_atom_sites.fract_transf_matrix[3][3]   0.00588305 
_atom_sites.fract_transf_vector[1]      -0.318045 
_atom_sites.fract_transf_vector[2]      0.068426 
_atom_sites.fract_transf_vector[3]      -0.114715 
_atom_sites.solution_primary            ? 
_atom_sites.solution_secondary          ? 
_atom_sites.solution_hydrogens          ? 
_atom_sites.special_details             ? 
# 
loop_
_atom_type.symbol 
_atom_type.pdbx_scat_Z 
_atom_type.pdbx_N_electrons 
_atom_type.scat_Cromer_Mann_a1 
_atom_type.scat_Cromer_Mann_b1 
_atom_type.scat_Cromer_Mann_a2 
_atom_type.scat_Cromer_Mann_b2 
_atom_type.scat_Cromer_Mann_a3 
_atom_type.scat_Cromer_Mann_b3 
_atom_type.scat_Cromer_Mann_a4 
_atom_type.scat_Cromer_Mann_b4 
_atom_type.scat_Cromer_Mann_c 
BR 35 35 17.182 2.172  5.237 16.580 5.639 0.261  3.986 41.433 0.001   
C  6  6  2.310  20.844 1.020 10.208 1.589 0.569  0.865 51.651 0.216   
N  7  7  12.222 0.006  3.135 9.893  2.014 28.997 1.167 0.583  -11.538 
O  8  8  3.049  13.277 2.287 5.701  1.546 0.324  0.867 32.909 0.251   
S  16 16 6.905  1.468  5.203 22.215 1.438 0.254  1.586 56.172 1.042   
# 
loop_
_atom_site.group_PDB 
_atom_site.id 
_atom_site.type_symbol 
_atom_site.label_atom_id 
_atom_site.label_alt_id 
_atom_site.label_comp_id 
_atom_site.label_asym_id 
_atom_site.label_entity_id 
_atom_site.label_seq_id 
_atom_site.pdbx_PDB_ins_code 
_atom_site.Cartn_x 
_atom_site.Cartn_y 
_atom_site.Cartn_z 
_atom_site.occupancy 
_atom_site.B_iso_or_equiv 
_atom_site.pdbx_formal_charge 
_atom_site.auth_seq_id 
_atom_site.auth_comp_id 
_atom_site.auth_asym_id 
_atom_site.auth_atom_id 
_atom_site.pdbx_PDB_model_num 
_atom_site.calc_flag 
ATOM   1    N  N   . GLY A 1 1   ? -0.035  -19.426 0.719   1.000 30.780 ? 40  GLY AAA N   1 ? 
ATOM   2    C  CA  . GLY A 1 1   ? 1.157   -19.556 1.583   1.000 20.740 ? 40  GLY AAA CA  1 ? 
ATOM   3    C  C   . GLY A 1 1   ? 0.805   -20.184 2.932   1.000 18.482 ? 40  GLY AAA C   1 ? 
ATOM   4    O  O   . GLY A 1 1   ? -0.108  -21.008 3.002   1.000 19.700 ? 40  GLY AAA O   1 ? 
ATOM   5    N  N   . SER A 1 2   ? 1.507   -19.763 3.981   1.000 16.936 ? 41  SER AAA N   1 ? 
ATOM   6    C  CA  . SER A 1 2   ? 1.353   -20.298 5.335   1.000 14.755 ? 41  SER AAA CA  1 ? 
ATOM   7    C  C   . SER A 1 2   ? -0.016  -20.003 5.920   1.000 13.110 ? 41  SER AAA C   1 ? 
ATOM   8    O  O   . SER A 1 2   ? -0.439  -18.834 5.906   1.000 13.448 ? 41  SER AAA O   1 ? 
ATOM   9    C  CB  . SER A 1 2   ? 2.409   -19.746 6.251   1.000 14.650 ? 41  SER AAA CB  1 ? 
ATOM   10   O  OG  . SER A 1 2   ? 2.130   -20.225 7.570   1.000 15.481 ? 41  SER AAA OG  1 ? 
ATOM   11   N  N   . HIS A 1 3   ? -0.639  -20.982 6.592   1.000 12.938 ? 42  HIS AAA N   1 ? 
ATOM   12   C  CA  . HIS A 1 3   ? -1.828  -20.785 7.385   1.000 13.637 ? 42  HIS AAA CA  1 ? 
ATOM   13   C  C   . HIS A 1 3   ? -1.644  -19.787 8.525   1.000 13.962 ? 42  HIS AAA C   1 ? 
ATOM   14   O  O   . HIS A 1 3   ? -2.624  -19.292 9.092   1.000 16.758 ? 42  HIS AAA O   1 ? 
ATOM   15   C  CB  . HIS A 1 3   ? -2.374  -22.137 7.912   1.000 17.144 ? 42  HIS AAA CB  1 ? 
ATOM   16   C  CG  . HIS A 1 3   ? -1.642  -22.635 9.111   1.000 17.558 ? 42  HIS AAA CG  1 ? 
ATOM   17   N  ND1 . HIS A 1 3   ? -0.369  -23.128 9.033   1.000 17.538 ? 42  HIS AAA ND1 1 ? 
ATOM   18   C  CD2 . HIS A 1 3   ? -2.021  -22.780 10.403  1.000 20.239 ? 42  HIS AAA CD2 1 ? 
ATOM   19   C  CE1 . HIS A 1 3   ? 0.037   -23.543 10.242  1.000 20.146 ? 42  HIS AAA CE1 1 ? 
ATOM   20   N  NE2 . HIS A 1 3   ? -0.952  -23.302 11.079  1.000 19.631 ? 42  HIS AAA NE2 1 ? 
ATOM   21   N  N   . MET A 1 4   ? -0.387  -19.495 8.876   1.000 11.957 ? 43  MET AAA N   1 ? 
ATOM   22   C  CA  . MET A 1 4   ? -0.134  -18.558 9.962   1.000 12.248 ? 43  MET AAA CA  1 ? 
ATOM   23   C  C   . MET A 1 4   ? -0.065  -17.106 9.508   1.000 12.751 ? 43  MET AAA C   1 ? 
ATOM   24   O  O   . MET A 1 4   ? 0.023   -16.235 10.361  1.000 16.031 ? 43  MET AAA O   1 ? 
ATOM   25   C  CB  . MET A 1 4   ? 1.156   -18.914 10.689  1.000 15.417 ? 43  MET AAA CB  1 ? 
ATOM   26   C  CG  . MET A 1 4   ? 1.018   -20.284 11.369  1.000 14.899 ? 43  MET AAA CG  1 ? 
ATOM   27   S  SD  . MET A 1 4   ? 2.342   -20.682 12.517  1.000 20.128 ? 43  MET AAA SD  1 ? 
ATOM   28   C  CE  . MET A 1 4   ? 3.769   -19.836 11.883  1.000 23.848 ? 43  MET AAA CE  1 ? 
ATOM   29   N  N   . ASN A 1 5   ? -0.114  -16.829 8.214   1.000 10.728 ? 44  ASN AAA N   1 ? 
ATOM   30   C  CA  . ASN A 1 5   ? -0.319  -15.494 7.692   1.000 11.913 ? 44  ASN AAA CA  1 ? 
ATOM   31   C  C   . ASN A 1 5   ? -1.791  -15.319 7.361   1.000 12.901 ? 44  ASN AAA C   1 ? 
ATOM   32   O  O   . ASN A 1 5   ? -2.429  -16.272 6.890   1.000 13.411 ? 44  ASN AAA O   1 ? 
ATOM   33   C  CB  . ASN A 1 5   ? 0.514   -15.247 6.439   1.000 12.514 ? 44  ASN AAA CB  1 ? 
ATOM   34   C  CG  . ASN A 1 5   ? 1.983   -15.075 6.736   1.000 12.700 ? 44  ASN AAA CG  1 ? 
ATOM   35   O  OD1 . ASN A 1 5   ? 2.360   -14.435 7.717   1.000 13.568 ? 44  ASN AAA OD1 1 ? 
ATOM   36   N  ND2 . ASN A 1 5   ? 2.801   -15.693 5.917   1.000 12.853 ? 44  ASN AAA ND2 1 ? 
ATOM   37   N  N   . PRO A 1 6   ? -2.388  -14.130 7.528   1.000 12.555 ? 45  PRO AAA N   1 ? 
ATOM   38   C  CA  . PRO A 1 6   ? -3.790  -13.928 7.177   1.000 11.942 ? 45  PRO AAA CA  1 ? 
ATOM   39   C  C   . PRO A 1 6   ? -3.939  -13.941 5.675   1.000 12.157 ? 45  PRO AAA C   1 ? 
ATOM   40   O  O   . PRO A 1 6   ? -2.992  -13.703 4.930   1.000 12.968 ? 45  PRO AAA O   1 ? 
ATOM   41   C  CB  . PRO A 1 6   ? -4.085  -12.527 7.745   1.000 13.840 ? 45  PRO AAA CB  1 ? 
ATOM   42   C  CG  . PRO A 1 6   ? -2.772  -11.822 7.655   1.000 14.541 ? 45  PRO AAA CG  1 ? 
ATOM   43   C  CD  . PRO A 1 6   ? -1.751  -12.881 8.025   1.000 13.467 ? 45  PRO AAA CD  1 ? 
ATOM   44   N  N   . PRO A 1 7   ? -5.185  -14.129 5.176   1.000 13.331 ? 46  PRO AAA N   1 ? 
ATOM   45   C  CA  . PRO A 1 7   ? -5.438  -13.915 3.758   1.000 12.763 ? 46  PRO AAA CA  1 ? 
ATOM   46   C  C   . PRO A 1 7   ? -5.141  -12.448 3.456   1.000 14.285 ? 46  PRO AAA C   1 ? 
ATOM   47   O  O   . PRO A 1 7   ? -5.251  -11.593 4.337   1.000 13.554 ? 46  PRO AAA O   1 ? 
ATOM   48   C  CB  . PRO A 1 7   ? -6.936  -14.150 3.573   1.000 15.836 ? 46  PRO AAA CB  1 ? 
ATOM   49   C  CG  . PRO A 1 7   ? -7.447  -13.944 4.935   1.000 16.076 ? 46  PRO AAA CG  1 ? 
ATOM   50   C  CD  . PRO A 1 7   ? -6.394  -14.410 5.936   1.000 15.514 ? 46  PRO AAA CD  1 ? 
ATOM   51   N  N   . PRO A 1 8   ? -4.695  -12.166 2.223   1.000 16.045 ? 47  PRO AAA N   1 ? 
ATOM   52   C  CA  . PRO A 1 8   ? -4.394  -10.783 1.867   1.000 15.022 ? 47  PRO AAA CA  1 ? 
ATOM   53   C  C   . PRO A 1 8   ? -5.661  -9.952  1.810   1.000 14.830 ? 47  PRO AAA C   1 ? 
ATOM   54   O  O   . PRO A 1 8   ? -6.787  -10.510 1.785   1.000 15.793 ? 47  PRO AAA O   1 ? 
ATOM   55   C  CB  . PRO A 1 8   ? -3.864  -10.922 0.437   1.000 17.901 ? 47  PRO AAA CB  1 ? 
ATOM   56   C  CG  . PRO A 1 8   ? -4.555  -12.179 -0.073  1.000 21.117 ? 47  PRO AAA CG  1 ? 
ATOM   57   C  CD  . PRO A 1 8   ? -4.464  -13.111 1.121   1.000 17.883 ? 47  PRO AAA CD  1 ? 
ATOM   58   N  N   . PRO A 1 9   ? -5.580  -8.619  1.763   1.000 13.069 ? 48  PRO AAA N   1 ? 
ATOM   59   C  CA  . PRO A 1 9   ? -6.771  -7.810  1.524   1.000 13.470 ? 48  PRO AAA CA  1 ? 
ATOM   60   C  C   . PRO A 1 9   ? -7.421  -8.222  0.197   1.000 13.543 ? 48  PRO AAA C   1 ? 
ATOM   61   O  O   . PRO A 1 9   ? -6.784  -8.611  -0.724  1.000 14.646 ? 48  PRO AAA O   1 ? 
ATOM   62   C  CB  . PRO A 1 9   ? -6.230  -6.352  1.592   1.000 12.746 ? 48  PRO AAA CB  1 ? 
ATOM   63   C  CG  . PRO A 1 9   ? -4.893  -6.478  2.274   1.000 14.146 ? 48  PRO AAA CG  1 ? 
ATOM   64   C  CD  . PRO A 1 9   ? -4.325  -7.809  1.831   1.000 13.146 ? 48  PRO AAA CD  1 ? 
ATOM   65   N  N   . GLU A 1 10  ? -8.755  -8.059  0.211   1.000 17.005 ? 49  GLU AAA N   1 ? 
ATOM   66   C  CA  . GLU A 1 10  ? -9.621  -8.257  -0.936  1.000 18.459 ? 49  GLU AAA CA  1 ? 
ATOM   67   C  C   . GLU A 1 10  ? -9.110  -7.507  -2.183  1.000 15.676 ? 49  GLU AAA C   1 ? 
ATOM   68   O  O   . GLU A 1 10  ? -8.838  -6.301  -2.088  1.000 15.757 ? 49  GLU AAA O   1 ? 
ATOM   69   C  CB  . GLU A 1 10  ? -11.003 -7.713  -0.529  1.000 18.468 ? 49  GLU AAA CB  1 ? 
ATOM   70   C  CG  . GLU A 1 10  ? -12.072 -8.104  -1.490  1.000 20.604 ? 49  GLU AAA CG  1 ? 
ATOM   71   C  CD  . GLU A 1 10  ? -13.415 -7.778  -0.958  1.000 23.621 ? 49  GLU AAA CD  1 ? 
ATOM   72   O  OE1 . GLU A 1 10  ? -14.139 -8.725  -0.568  1.000 28.575 ? 49  GLU AAA OE1 1 ? 
ATOM   73   O  OE2 . GLU A 1 10  ? -13.761 -6.606  -0.988  1.000 20.756 ? 49  GLU AAA OE2 1 ? 
ATOM   74   N  N   . THR A 1 11  ? -9.030  -8.120  -3.339  1.000 15.851 ? 50  THR AAA N   1 ? 
ATOM   75   C  CA  . THR A 1 11  ? -8.738  -7.381  -4.564  1.000 16.923 ? 50  THR AAA CA  1 ? 
ATOM   76   C  C   . THR A 1 11  ? -9.799  -7.552  -5.658  1.000 13.818 ? 50  THR AAA C   1 ? 
ATOM   77   O  O   . THR A 1 11  ? -9.686  -6.910  -6.692  1.000 16.521 ? 50  THR AAA O   1 ? 
ATOM   78   C  CB  . THR A 1 11  ? -7.369  -7.761  -5.117  1.000 17.769 ? 50  THR AAA CB  1 ? 
ATOM   79   O  OG1 . THR A 1 11  ? -7.363  -9.193  -5.118  1.000 20.883 ? 50  THR AAA OG1 1 ? 
ATOM   80   C  CG2 . THR A 1 11  ? -6.269  -7.325  -4.174  1.000 18.967 ? 50  THR AAA CG2 1 ? 
ATOM   81   N  N   . SER A 1 12  ? -10.746 -8.428  -5.384  1.000 15.509 ? 51  SER AAA N   1 ? 
ATOM   82   C  CA  . SER A 1 12  ? -11.822 -8.781  -6.311  1.000 16.162 ? 51  SER AAA CA  1 ? 
ATOM   83   C  C   . SER A 1 12  ? -13.060 -8.977  -5.454  1.000 16.310 ? 51  SER AAA C   1 ? 
ATOM   84   O  O   . SER A 1 12  ? -13.085 -9.736  -4.482  1.000 19.503 ? 51  SER AAA O   1 ? 
ATOM   85   C  CB  . SER A 1 12  ? -11.441 -10.089 -6.989  1.000 20.256 ? 51  SER AAA CB  1 ? 
ATOM   86   O  OG  . SER A 1 12  ? -12.580 -10.668 -7.603  1.000 24.809 ? 51  SER AAA OG  1 ? 
ATOM   87   N  N   . ASN A 1 13  ? -14.153 -8.336  -5.841  1.000 13.801 ? 52  ASN AAA N   1 ? 
ATOM   88   C  CA  . ASN A 1 13  ? -15.437 -8.573  -5.183  1.000 13.869 ? 52  ASN AAA CA  1 ? 
ATOM   89   C  C   . ASN A 1 13  ? -16.552 -8.058  -6.090  1.000 12.168 ? 52  ASN AAA C   1 ? 
ATOM   90   O  O   . ASN A 1 13  ? -16.782 -6.850  -6.139  1.000 12.083 ? 52  ASN AAA O   1 ? 
ATOM   91   C  CB  . ASN A 1 13  ? -15.606 -7.862  -3.843  1.000 16.786 ? 52  ASN AAA CB  1 ? 
ATOM   92   C  CG  . ASN A 1 13  ? -16.889 -8.294  -3.154  1.000 17.895 ? 52  ASN AAA CG  1 ? 
ATOM   93   O  OD1 . ASN A 1 13  ? -17.856 -8.761  -3.774  1.000 19.117 ? 52  ASN AAA OD1 1 ? 
ATOM   94   N  ND2 . ASN A 1 13  ? -16.889 -8.158  -1.835  1.000 27.384 ? 52  ASN AAA ND2 1 ? 
ATOM   95   N  N   . PRO A 1 14  ? -17.292 -8.885  -6.829  1.000 11.982 ? 53  PRO AAA N   1 ? 
ATOM   96   C  CA  . PRO A 1 14  ? -18.360 -8.357  -7.679  1.000 12.908 ? 53  PRO AAA CA  1 ? 
ATOM   97   C  C   . PRO A 1 14  ? -19.448 -7.561  -6.968  1.000 13.463 ? 53  PRO AAA C   1 ? 
ATOM   98   O  O   . PRO A 1 14  ? -20.121 -6.778  -7.638  1.000 17.496 ? 53  PRO AAA O   1 ? 
ATOM   99   C  CB  . PRO A 1 14  ? -18.957 -9.620  -8.333  1.000 12.843 ? 53  PRO AAA CB  1 ? 
ATOM   100  C  CG  . PRO A 1 14  ? -17.779 -10.566 -8.350  1.000 14.160 ? 53  PRO AAA CG  1 ? 
ATOM   101  C  CD  . PRO A 1 14  ? -17.087 -10.341 -7.015  1.000 12.855 ? 53  PRO AAA CD  1 ? 
ATOM   102  N  N   . ASN A 1 15  ? -19.570 -7.668  -5.657  1.000 14.033 ? 54  ASN AAA N   1 ? 
ATOM   103  C  CA  . ASN A 1 15  ? -20.657 -6.913  -5.046  1.000 16.357 ? 54  ASN AAA CA  1 ? 
ATOM   104  C  C   . ASN A 1 15  ? -20.262 -5.473  -4.770  1.000 18.105 ? 54  ASN AAA C   1 ? 
ATOM   105  O  O   . ASN A 1 15  ? -21.133 -4.663  -4.426  1.000 17.969 ? 54  ASN AAA O   1 ? 
ATOM   106  C  CB  . ASN A 1 15  ? -21.135 -7.588  -3.777  1.000 18.335 ? 54  ASN AAA CB  1 ? 
ATOM   107  C  CG  . ASN A 1 15  ? -21.785 -8.927  -4.084  1.000 16.442 ? 54  ASN AAA CG  1 ? 
ATOM   108  O  OD1 . ASN A 1 15  ? -22.583 -9.068  -5.016  1.000 19.581 ? 54  ASN AAA OD1 1 ? 
ATOM   109  N  ND2 . ASN A 1 15  ? -21.413 -9.940  -3.311  1.000 20.729 ? 54  ASN AAA ND2 1 ? 
ATOM   110  N  N   . LYS A 1 16  ? -18.958 -5.178  -4.792  1.000 14.767 ? 55  LYS AAA N   1 ? 
ATOM   111  C  CA  . LYS A 1 16  ? -18.530 -3.824  -4.482  1.000 16.061 ? 55  LYS AAA CA  1 ? 
ATOM   112  C  C   . LYS A 1 16  ? -18.601 -2.936  -5.712  1.000 16.020 ? 55  LYS AAA C   1 ? 
ATOM   113  O  O   . LYS A 1 16  ? -18.099 -3.259  -6.774  1.000 14.824 ? 55  LYS AAA O   1 ? 
ATOM   114  C  CB  . LYS A 1 16  ? -17.098 -3.876  -4.016  1.000 12.733 ? 55  LYS AAA CB  1 ? 
ATOM   115  C  CG  . LYS A 1 16  ? -16.547 -2.486  -3.664  1.000 14.743 ? 55  LYS AAA CG  1 ? 
ATOM   116  C  CD  . LYS A 1 16  ? -15.053 -2.504  -3.286  1.000 13.603 ? 55  LYS AAA CD  1 ? 
ATOM   117  C  CE  . LYS A 1 16  ? -14.444 -1.183  -2.821  1.000 13.761 ? 55  LYS AAA CE  1 ? 
ATOM   118  N  NZ  . LYS A 1 16  ? -14.580 -0.094  -3.808  1.000 12.296 ? 55  LYS AAA NZ  1 ? 
ATOM   119  N  N   . PRO A 1 17  ? -19.271 -1.751  -5.655  1.000 18.581 ? 56  PRO AAA N   1 ? 
ATOM   120  C  CA  . PRO A 1 17  ? -19.187 -0.826  -6.776  1.000 18.597 ? 56  PRO AAA CA  1 ? 
ATOM   121  C  C   . PRO A 1 17  ? -17.774 -0.230  -6.967  1.000 13.467 ? 56  PRO AAA C   1 ? 
ATOM   122  O  O   . PRO A 1 17  ? -16.973 -0.043  -6.067  1.000 18.417 ? 56  PRO AAA O   1 ? 
ATOM   123  C  CB  . PRO A 1 17  ? -20.243 0.213   -6.385  1.000 20.226 ? 56  PRO AAA CB  1 ? 
ATOM   124  C  CG  . PRO A 1 17  ? -20.074 0.230   -4.903  1.000 23.241 ? 56  PRO AAA CG  1 ? 
ATOM   125  C  CD  . PRO A 1 17  ? -20.201 -1.267  -4.620  1.000 19.648 ? 56  PRO AAA CD  1 ? 
ATOM   126  N  N   . LYS A 1 18  ? -17.602 0.020   -8.243  1.000 17.576 ? 57  LYS AAA N   1 ? 
ATOM   127  C  CA  . LYS A 1 18  ? -16.329 0.238   -8.912  1.000 17.238 ? 57  LYS AAA CA  1 ? 
ATOM   128  C  C   . LYS A 1 18  ? -16.546 1.273   -9.998  1.000 15.243 ? 57  LYS AAA C   1 ? 
ATOM   129  O  O   . LYS A 1 18  ? -17.589 1.248   -10.667 1.000 14.847 ? 57  LYS AAA O   1 ? 
ATOM   130  C  CB  . LYS A 1 18  ? -15.990 -0.915  -9.910  1.000 21.293 ? 57  LYS AAA CB  1 ? 
ATOM   131  C  CG  . LYS A 1 18  ? -16.197 -2.347  -9.468  1.000 17.296 ? 57  LYS AAA CG  1 ? 
ATOM   132  C  CD  . LYS A 1 18  ? -15.349 -2.541  -8.207  1.000 20.075 ? 57  LYS AAA CD  1 ? 
ATOM   133  C  CE  . LYS A 1 18  ? -14.938 -3.968  -8.028  1.000 19.385 ? 57  LYS AAA CE  1 ? 
ATOM   134  N  NZ  . LYS A 1 18  ? -16.161 -4.791  -8.001  1.000 13.697 ? 57  LYS AAA NZ  1 ? 
ATOM   135  N  N   . ARG A 1 19  ? -15.549 2.110   -10.238 1.000 13.827 ? 58  ARG AAA N   1 ? 
ATOM   136  C  CA  . ARG A 1 19  ? -15.634 3.022   -11.372 1.000 14.711 ? 58  ARG AAA CA  1 ? 
ATOM   137  C  C   . ARG A 1 19  ? -14.209 3.353   -11.759 1.000 15.085 ? 58  ARG AAA C   1 ? 
ATOM   138  O  O   . ARG A 1 19  ? -13.350 3.338   -10.890 1.000 20.118 ? 58  ARG AAA O   1 ? 
ATOM   139  C  CB  . ARG A 1 19  ? -16.539 4.171   -10.872 1.000 18.937 ? 58  ARG AAA CB  1 ? 
ATOM   140  C  CG  . ARG A 1 19  ? -16.381 5.569   -11.438 1.000 23.355 ? 58  ARG AAA CG  1 ? 
ATOM   141  C  CD  . ARG A 1 19  ? -17.253 6.290   -10.386 1.000 15.672 ? 58  ARG AAA CD  1 ? 
ATOM   142  N  NE  . ARG A 1 19  ? -16.599 6.845   -9.217  1.000 14.016 ? 58  ARG AAA NE  1 ? 
ATOM   143  C  CZ  . ARG A 1 19  ? -16.722 8.069   -8.804  1.000 12.585 ? 58  ARG AAA CZ  1 ? 
ATOM   144  N  NH1 . ARG A 1 19  ? -15.918 8.489   -7.837  1.000 16.907 ? 58  ARG AAA NH1 1 ? 
ATOM   145  N  NH2 . ARG A 1 19  ? -17.553 8.922   -9.404  1.000 18.660 ? 58  ARG AAA NH2 1 ? 
ATOM   146  N  N   . GLN A 1 20  ? -13.994 3.671   -13.031 1.000 15.563 ? 59  GLN AAA N   1 ? 
ATOM   147  C  CA  . GLN A 1 20  ? -12.791 4.351   -13.471 1.000 18.950 ? 59  GLN AAA CA  1 ? 
ATOM   148  C  C   . GLN A 1 20  ? -12.995 5.853   -13.256 1.000 19.349 ? 59  GLN AAA C   1 ? 
ATOM   149  O  O   . GLN A 1 20  ? -14.102 6.385   -13.482 1.000 20.409 ? 59  GLN AAA O   1 ? 
ATOM   150  C  CB  . GLN A 1 20  ? -12.583 4.019   -14.937 1.000 22.696 ? 59  GLN AAA CB  1 ? 
ATOM   151  C  CG  . GLN A 1 20  ? -12.105 2.585   -15.120 1.000 27.431 ? 59  GLN AAA CG  1 ? 
ATOM   152  C  CD  . GLN A 1 20  ? -11.502 2.296   -16.472 1.000 36.269 ? 59  GLN AAA CD  1 ? 
ATOM   153  O  OE1 . GLN A 1 20  ? -10.431 2.801   -16.818 1.000 40.596 ? 59  GLN AAA OE1 1 ? 
ATOM   154  N  NE2 . GLN A 1 20  ? -12.174 1.451   -17.238 1.000 46.156 ? 59  GLN AAA NE2 1 ? 
ATOM   155  N  N   . THR A 1 21  ? -11.994 6.538   -12.677 1.000 16.004 ? 60  THR AAA N   1 ? 
ATOM   156  C  CA  . THR A 1 21  ? -11.952 7.993   -12.710 1.000 13.897 ? 60  THR AAA CA  1 ? 
ATOM   157  C  C   . THR A 1 21  ? -10.570 8.418   -13.215 1.000 13.089 ? 60  THR AAA C   1 ? 
ATOM   158  O  O   . THR A 1 21  ? -9.573  7.676   -13.156 1.000 13.448 ? 60  THR AAA O   1 ? 
ATOM   159  C  CB  . THR A 1 21  ? -12.273 8.628   -11.353 1.000 15.643 ? 60  THR AAA CB  1 ? 
ATOM   160  O  OG1 . THR A 1 21  ? -11.116 8.538   -10.495 1.000 14.775 ? 60  THR AAA OG1 1 ? 
ATOM   161  C  CG2 . THR A 1 21  ? -13.490 8.066   -10.631 1.000 16.973 ? 60  THR AAA CG2 1 ? 
ATOM   162  N  N   . ASN A 1 22  ? -10.499 9.657   -13.693 1.000 12.516 ? 61  ASN AAA N   1 ? 
ATOM   163  C  CA  . ASN A 1 22  ? -9.206  10.193  -14.093 1.000 12.533 ? 61  ASN AAA CA  1 ? 
ATOM   164  C  C   . ASN A 1 22  ? -8.207  10.233  -12.919 1.000 11.370 ? 61  ASN AAA C   1 ? 
ATOM   165  O  O   . ASN A 1 22  ? -7.006  10.072  -13.138 1.000 11.474 ? 61  ASN AAA O   1 ? 
ATOM   166  C  CB  . ASN A 1 22  ? -9.311  11.587  -14.740 1.000 13.686 ? 61  ASN AAA CB  1 ? 
ATOM   167  C  CG  . ASN A 1 22  ? -9.795  12.665  -13.789 1.000 13.804 ? 61  ASN AAA CG  1 ? 
ATOM   168  O  OD1 . ASN A 1 22  ? -10.800 12.521  -13.083 1.000 16.469 ? 61  ASN AAA OD1 1 ? 
ATOM   169  N  ND2 . ASN A 1 22  ? -9.039  13.755  -13.765 1.000 16.155 ? 61  ASN AAA ND2 1 ? 
ATOM   170  N  N   . GLN A 1 23  ? -8.714  10.444  -11.696 1.000 10.723 ? 62  GLN AAA N   1 ? 
ATOM   171  C  CA  . GLN A 1 23  ? -7.817  10.412  -10.537 1.000 10.372 ? 62  GLN AAA CA  1 ? 
ATOM   172  C  C   . GLN A 1 23  ? -7.275  9.007   -10.283 1.000 10.268 ? 62  GLN AAA C   1 ? 
ATOM   173  O  O   . GLN A 1 23  ? -6.118  8.882   -9.969  1.000 10.491 ? 62  GLN AAA O   1 ? 
ATOM   174  C  CB  . GLN A 1 23  ? -8.572  10.908  -9.321  1.000 10.983 ? 62  GLN AAA CB  1 ? 
ATOM   175  C  CG  . GLN A 1 23  ? -9.022  12.375  -9.476  1.000 13.427 ? 62  GLN AAA CG  1 ? 
ATOM   176  C  CD  . GLN A 1 23  ? -9.555  12.879  -8.163  1.000 13.337 ? 62  GLN AAA CD  1 ? 
ATOM   177  O  OE1 . GLN A 1 23  ? -10.213 12.150  -7.422  1.000 14.051 ? 62  GLN AAA OE1 1 ? 
ATOM   178  N  NE2 . GLN A 1 23  ? -9.347  14.179  -7.927  1.000 13.735 ? 62  GLN AAA NE2 1 ? 
ATOM   179  N  N   . LEU A 1 24  ? -8.105  7.977   -10.435 1.000 10.491 ? 63  LEU AAA N   1 ? 
ATOM   180  C  CA  . LEU A 1 24  ? -7.641  6.609   -10.263 1.000 10.379 ? 63  LEU AAA CA  1 ? 
ATOM   181  C  C   . LEU A 1 24  ? -6.663  6.247   -11.369 1.000 10.938 ? 63  LEU AAA C   1 ? 
ATOM   182  O  O   . LEU A 1 24  ? -5.705  5.526   -11.114 1.000 11.655 ? 63  LEU AAA O   1 ? 
ATOM   183  C  CB  . LEU A 1 24  ? -8.801  5.620   -10.180 1.000 12.089 ? 63  LEU AAA CB  1 ? 
ATOM   184  C  CG  . LEU A 1 24  ? -9.514  5.698   -8.837  1.000 10.687 ? 63  LEU AAA CG  1 ? 
ATOM   185  C  CD1 . LEU A 1 24  ? -10.919 5.075   -8.894  1.000 12.900 ? 63  LEU AAA CD1 1 ? 
ATOM   186  C  CD2 . LEU A 1 24  ? -8.666  4.987   -7.772  1.000 11.620 ? 63  LEU AAA CD2 1 ? 
ATOM   187  N  N   . GLN A 1 25  ? -6.870  6.761   -12.597 1.000 11.351 ? 64  GLN AAA N   1 ? 
ATOM   188  C  CA  . GLN A 1 25  ? -5.906  6.508   -13.659 1.000 12.826 ? 64  GLN AAA CA  1 ? 
ATOM   189  C  C   . GLN A 1 25  ? -4.549  7.118   -13.328 1.000 12.473 ? 64  GLN AAA C   1 ? 
ATOM   190  O  O   . GLN A 1 25  ? -3.534  6.489   -13.536 1.000 12.746 ? 64  GLN AAA O   1 ? 
ATOM   191  C  CB  . GLN A 1 25  ? -6.488  7.080   -14.952 1.000 14.751 ? 64  GLN AAA CB  1 ? 
ATOM   192  C  CG  . GLN A 1 25  ? -7.614  6.218   -15.523 1.000 20.256 ? 64  GLN AAA CG  1 ? 
ATOM   193  C  CD  . GLN A 1 25  ? -8.582  6.931   -16.439 0.500 21.071 ? 64  GLN AAA CD  1 ? 
ATOM   194  O  OE1 . GLN A 1 25  ? -9.677  6.439   -16.711 0.500 25.629 ? 64  GLN AAA OE1 1 ? 
ATOM   195  N  NE2 . GLN A 1 25  ? -8.200  8.108   -16.904 0.500 22.825 ? 64  GLN AAA NE2 1 ? 
ATOM   196  N  N   . TYR A 1 26  ? -4.555  8.331   -12.750 1.000 11.671 ? 65  TYR AAA N   1 ? 
ATOM   197  C  CA  . TYR A 1 26  ? -3.331  8.978   -12.337 1.000 11.357 ? 65  TYR AAA CA  1 ? 
ATOM   198  C  C   . TYR A 1 26  ? -2.659  8.167   -11.226 1.000 11.252 ? 65  TYR AAA C   1 ? 
ATOM   199  O  O   . TYR A 1 26  ? -1.440  8.033   -11.187 1.000 11.040 ? 65  TYR AAA O   1 ? 
ATOM   200  C  CB  . TYR A 1 26  ? -3.671  10.388  -11.849 1.000 12.366 ? 65  TYR AAA CB  1 ? 
ATOM   201  C  CG  . TYR A 1 26  ? -2.491  11.178  -11.304 1.000 11.550 ? 65  TYR AAA CG  1 ? 
ATOM   202  C  CD1 . TYR A 1 26  ? -2.209  11.188  -9.944  1.000 11.420 ? 65  TYR AAA CD1 1 ? 
ATOM   203  C  CD2 . TYR A 1 26  ? -1.749  12.031  -12.127 1.000 13.432 ? 65  TYR AAA CD2 1 ? 
ATOM   204  C  CE1 . TYR A 1 26  ? -1.181  11.938  -9.395  1.000 12.521 ? 65  TYR AAA CE1 1 ? 
ATOM   205  C  CE2 . TYR A 1 26  ? -0.721  12.797  -11.593 1.000 13.684 ? 65  TYR AAA CE2 1 ? 
ATOM   206  C  CZ  . TYR A 1 26  ? -0.439  12.747  -10.241 1.000 12.046 ? 65  TYR AAA CZ  1 ? 
ATOM   207  O  OH  . TYR A 1 26  ? 0.560   13.529  -9.712  1.000 14.328 ? 65  TYR AAA OH  1 ? 
ATOM   208  N  N   . LEU A 1 27  ? -3.460  7.665   -10.280 1.000 10.924 ? 66  LEU AAA N   1 ? 
ATOM   209  C  CA  . LEU A 1 27  ? -2.871  6.854   -9.217  1.000 10.947 ? 66  LEU AAA CA  1 ? 
ATOM   210  C  C   . LEU A 1 27  ? -2.153  5.619   -9.729  1.000 10.595 ? 66  LEU AAA C   1 ? 
ATOM   211  O  O   . LEU A 1 27  ? -1.144  5.244   -9.133  1.000 12.208 ? 66  LEU AAA O   1 ? 
ATOM   212  C  CB  . LEU A 1 27  ? -3.928  6.502   -8.179  1.000 10.874 ? 66  LEU AAA CB  1 ? 
ATOM   213  C  CG  . LEU A 1 27  ? -4.261  7.661   -7.243  1.000 12.192 ? 66  LEU AAA CG  1 ? 
ATOM   214  C  CD1 . LEU A 1 27  ? -5.626  7.473   -6.612  1.000 13.544 ? 66  LEU AAA CD1 1 ? 
ATOM   215  C  CD2 . LEU A 1 27  ? -3.234  7.662   -6.138  1.000 16.706 ? 66  LEU AAA CD2 1 ? 
ATOM   216  N  N   . LEU A 1 28  ? -2.643  5.018   -10.799 1.000 10.039 ? 67  LEU AAA N   1 ? 
ATOM   217  C  CA  . LEU A 1 28  ? -1.969  3.879   -11.409 1.000 11.616 ? 67  LEU AAA CA  1 ? 
ATOM   218  C  C   . LEU A 1 28  ? -0.756  4.298   -12.238 1.000 13.387 ? 67  LEU AAA C   1 ? 
ATOM   219  O  O   . LEU A 1 28  ? 0.344   3.771   -12.068 1.000 14.347 ? 67  LEU AAA O   1 ? 
ATOM   220  C  CB  . LEU A 1 28  ? -2.951  3.037   -12.218 1.000 13.246 ? 67  LEU AAA CB  1 ? 
ATOM   221  C  CG  . LEU A 1 28  ? -2.266  1.832   -12.884 1.000 15.098 ? 67  LEU AAA CG  1 ? 
ATOM   222  C  CD1 . LEU A 1 28  ? -1.560  0.914   -11.885 1.000 15.033 ? 67  LEU AAA CD1 1 ? 
ATOM   223  C  CD2 . LEU A 1 28  ? -3.311  1.073   -13.672 1.000 18.820 ? 67  LEU AAA CD2 1 ? 
ATOM   224  N  N   . ARG A 1 29  ? -0.978  5.225   -13.169 1.000 12.376 ? 68  ARG AAA N   1 ? 
ATOM   225  C  CA  . ARG A 1 29  ? -0.012  5.512   -14.222 1.000 14.662 ? 68  ARG AAA CA  1 ? 
ATOM   226  C  C   . ARG A 1 29  ? 1.091   6.417   -13.727 1.000 14.824 ? 68  ARG AAA C   1 ? 
ATOM   227  O  O   . ARG A 1 29  ? 2.172   6.385   -14.321 1.000 17.825 ? 68  ARG AAA O   1 ? 
ATOM   228  C  CB  . ARG A 1 29  ? -0.741  6.143   -15.412 1.000 17.539 ? 68  ARG AAA CB  1 ? 
ATOM   229  C  CG  . ARG A 1 29  ? -1.686  5.169   -16.112 1.000 20.317 ? 68  ARG AAA CG  1 ? 
ATOM   230  C  CD  . ARG A 1 29  ? -2.259  5.906   -17.309 1.000 24.561 ? 68  ARG AAA CD  1 ? 
ATOM   231  N  NE  . ARG A 1 29  ? -3.308  5.274   -18.102 0.500 25.257 ? 68  ARG AAA NE  1 ? 
ATOM   232  C  CZ  . ARG A 1 29  ? -3.163  4.857   -19.361 0.500 25.130 ? 68  ARG AAA CZ  1 ? 
ATOM   233  N  NH1 . ARG A 1 29  ? -2.002  4.984   -19.980 0.500 27.501 ? 68  ARG AAA NH1 1 ? 
ATOM   234  N  NH2 . ARG A 1 29  ? -4.176  4.301   -19.999 0.500 26.837 ? 68  ARG AAA NH2 1 ? 
ATOM   235  N  N   . VAL A 1 30  ? 0.839   7.203   -12.705 1.000 13.271 ? 69  VAL AAA N   1 ? 
ATOM   236  C  CA  . VAL A 1 30  ? 1.827   8.146   -12.197 1.000 13.974 ? 69  VAL AAA CA  1 ? 
ATOM   237  C  C   . VAL A 1 30  ? 2.293   7.701   -10.810 1.000 13.373 ? 69  VAL AAA C   1 ? 
ATOM   238  O  O   . VAL A 1 30  ? 3.496   7.489   -10.584 1.000 16.171 ? 69  VAL AAA O   1 ? 
ATOM   239  C  CB  . VAL A 1 30  ? 1.348   9.615   -12.193 1.000 13.771 ? 69  VAL AAA CB  1 ? 
ATOM   240  C  CG1 . VAL A 1 30  ? 2.440   10.505  -11.623 1.000 14.743 ? 69  VAL AAA CG1 1 ? 
ATOM   241  C  CG2 . VAL A 1 30  ? 1.039   10.085  -13.604 1.000 16.341 ? 69  VAL AAA CG2 1 ? 
ATOM   242  N  N   . VAL A 1 31  ? 1.384   7.621   -9.845  1.000 12.716 ? 70  VAL AAA N   1 ? 
ATOM   243  C  CA  . VAL A 1 31  ? 1.788   7.387   -8.473  1.000 12.509 ? 70  VAL AAA CA  1 ? 
ATOM   244  C  C   . VAL A 1 31  ? 2.351   5.982   -8.237  1.000 12.042 ? 70  VAL AAA C   1 ? 
ATOM   245  O  O   . VAL A 1 31  ? 3.499   5.845   -7.793  1.000 14.445 ? 70  VAL AAA O   1 ? 
ATOM   246  C  CB  . VAL A 1 31  ? 0.647   7.717   -7.503  1.000 12.332 ? 70  VAL AAA CB  1 ? 
ATOM   247  C  CG1 . VAL A 1 31  ? 1.054   7.543   -6.022  1.000 13.867 ? 70  VAL AAA CG1 1 ? 
ATOM   248  C  CG2 . VAL A 1 31  ? 0.105   9.118   -7.767  1.000 14.335 ? 70  VAL AAA CG2 1 ? 
ATOM   249  N  N   . LEU A 1 32  ? 1.572   4.942   -8.530  1.000 13.244 ? 71  LEU AAA N   1 ? 
ATOM   250  C  CA  . LEU A 1 32  ? 2.018   3.576   -8.294  1.000 13.466 ? 71  LEU AAA CA  1 ? 
ATOM   251  C  C   . LEU A 1 32  ? 3.246   3.304   -9.146  1.000 14.230 ? 71  LEU AAA C   1 ? 
ATOM   252  O  O   . LEU A 1 32  ? 4.234   2.769   -8.641  1.000 13.850 ? 71  LEU AAA O   1 ? 
ATOM   253  C  CB  . LEU A 1 32  ? 0.885   2.603   -8.642  1.000 14.716 ? 71  LEU AAA CB  1 ? 
ATOM   254  C  CG  . LEU A 1 32  ? 1.162   1.151   -8.241  1.000 17.106 ? 71  LEU AAA CG  1 ? 
ATOM   255  C  CD1 . LEU A 1 32  ? 2.056   0.456   -9.227  1.000 21.784 ? 71  LEU AAA CD1 1 ? 
ATOM   256  C  CD2 . LEU A 1 32  ? 1.669   1.029   -6.831  1.000 18.405 ? 71  LEU AAA CD2 1 ? 
ATOM   257  N  N   . LYS A 1 33  ? 3.225   3.741   -10.399 1.000 14.098 ? 72  LYS AAA N   1 ? 
ATOM   258  C  CA  . LYS A 1 33  ? 4.365   3.543   -11.293 1.000 17.258 ? 72  LYS AAA CA  1 ? 
ATOM   259  C  C   . LYS A 1 33  ? 5.651   4.113   -10.697 1.000 16.956 ? 72  LYS AAA C   1 ? 
ATOM   260  O  O   . LYS A 1 33  ? 6.702   3.454   -10.788 1.000 20.642 ? 72  LYS AAA O   1 ? 
ATOM   261  C  CB  . LYS A 1 33  ? 4.078   4.159   -12.672 1.000 18.921 ? 72  LYS AAA CB  1 ? 
ATOM   262  C  CG  . LYS A 1 33  ? 5.085   3.773   -13.754 0.500 20.142 ? 72  LYS AAA CG  1 ? 
ATOM   263  C  CD  . LYS A 1 33  ? 4.877   4.497   -15.068 0.500 22.599 ? 72  LYS AAA CD  1 ? 
ATOM   264  C  CE  . LYS A 1 33  ? 5.427   5.907   -15.067 0.500 24.100 ? 72  LYS AAA CE  1 ? 
ATOM   265  N  NZ  . LYS A 1 33  ? 6.886   5.968   -15.325 0.500 26.045 ? 72  LYS AAA NZ  1 ? 
ATOM   266  N  N   . THR A 1 34  ? 5.593   5.322   -10.142 1.000 14.715 ? 73  THR AAA N   1 ? 
ATOM   267  C  CA  . THR A 1 34  ? 6.767   6.005   -9.601  1.000 17.180 ? 73  THR AAA CA  1 ? 
ATOM   268  C  C   . THR A 1 34  ? 7.267   5.270   -8.355  1.000 14.740 ? 73  THR AAA C   1 ? 
ATOM   269  O  O   . THR A 1 34  ? 8.456   5.034   -8.168  1.000 16.940 ? 73  THR AAA O   1 ? 
ATOM   270  C  CB  . THR A 1 34  ? 6.448   7.470   -9.258  1.000 18.985 ? 73  THR AAA CB  1 ? 
ATOM   271  O  OG1 . THR A 1 34  ? 6.243   8.125   -10.519 1.000 23.111 ? 73  THR AAA OG1 1 ? 
ATOM   272  C  CG2 . THR A 1 34  ? 7.527   8.158   -8.431  1.000 24.137 ? 73  THR AAA CG2 1 ? 
ATOM   273  N  N   . LEU A 1 35  ? 6.346   4.866   -7.471  1.000 13.332 ? 74  LEU AAA N   1 ? 
ATOM   274  C  CA  . LEU A 1 35  ? 6.770   4.276   -6.211  1.000 13.256 ? 74  LEU AAA CA  1 ? 
ATOM   275  C  C   . LEU A 1 35  ? 7.252   2.858   -6.435  1.000 12.266 ? 74  LEU AAA C   1 ? 
ATOM   276  O  O   . LEU A 1 35  ? 8.191   2.424   -5.770  1.000 13.586 ? 74  LEU AAA O   1 ? 
ATOM   277  C  CB  . LEU A 1 35  ? 5.616   4.268   -5.187  1.000 12.242 ? 74  LEU AAA CB  1 ? 
ATOM   278  C  CG  . LEU A 1 35  ? 5.526   5.513   -4.288  1.000 15.677 ? 74  LEU AAA CG  1 ? 
ATOM   279  C  CD1 . LEU A 1 35  ? 5.253   6.827   -5.032  1.000 17.740 ? 74  LEU AAA CD1 1 ? 
ATOM   280  C  CD2 . LEU A 1 35  ? 4.548   5.286   -3.125  1.000 16.022 ? 74  LEU AAA CD2 1 ? 
ATOM   281  N  N   . TRP A 1 36  ? 6.660   2.144   -7.378  1.000 12.685 ? 75  TRP AAA N   1 ? 
ATOM   282  C  CA  . TRP A 1 36  ? 6.956   0.729   -7.556  1.000 13.145 ? 75  TRP AAA CA  1 ? 
ATOM   283  C  C   . TRP A 1 36  ? 8.409   0.527   -7.967  1.000 13.647 ? 75  TRP AAA C   1 ? 
ATOM   284  O  O   . TRP A 1 36  ? 9.012   -0.482  -7.571  1.000 14.999 ? 75  TRP AAA O   1 ? 
ATOM   285  C  CB  . TRP A 1 36  ? 6.053   0.104   -8.612  1.000 13.479 ? 75  TRP AAA CB  1 ? 
ATOM   286  C  CG  . TRP A 1 36  ? 6.132   -1.375  -8.736  1.000 14.416 ? 75  TRP AAA CG  1 ? 
ATOM   287  C  CD1 . TRP A 1 36  ? 6.947   -2.093  -9.568  1.000 16.197 ? 75  TRP AAA CD1 1 ? 
ATOM   288  C  CD2 . TRP A 1 36  ? 5.399   -2.335  -7.974  1.000 13.068 ? 75  TRP AAA CD2 1 ? 
ATOM   289  N  NE1 . TRP A 1 36  ? 6.745   -3.432  -9.371  1.000 16.372 ? 75  TRP AAA NE1 1 ? 
ATOM   290  C  CE2 . TRP A 1 36  ? 5.749   -3.616  -8.431  1.000 13.480 ? 75  TRP AAA CE2 1 ? 
ATOM   291  C  CE3 . TRP A 1 36  ? 4.440   -2.215  -6.954  1.000 12.715 ? 75  TRP AAA CE3 1 ? 
ATOM   292  C  CZ2 . TRP A 1 36  ? 5.240   -4.770  -7.860  1.000 14.858 ? 75  TRP AAA CZ2 1 ? 
ATOM   293  C  CZ3 . TRP A 1 36  ? 3.882   -3.347  -6.435  1.000 14.223 ? 75  TRP AAA CZ3 1 ? 
ATOM   294  C  CH2 . TRP A 1 36  ? 4.280   -4.612  -6.886  1.000 14.701 ? 75  TRP AAA CH2 1 ? 
ATOM   295  N  N   . LYS A 1 37  ? 8.957   1.464   -8.748  1.000 13.979 ? 76  LYS AAA N   1 ? 
ATOM   296  C  CA  . LYS A 1 37  ? 10.296  1.278   -9.326  1.000 14.944 ? 76  LYS AAA CA  1 ? 
ATOM   297  C  C   . LYS A 1 37  ? 11.345  1.910   -8.418  1.000 15.904 ? 76  LYS AAA C   1 ? 
ATOM   298  O  O   . LYS A 1 37  ? 12.562  1.864   -8.689  1.000 17.267 ? 76  LYS AAA O   1 ? 
ATOM   299  C  CB  . LYS A 1 37  ? 10.345  1.785   -10.776 1.000 18.635 ? 76  LYS AAA CB  1 ? 
ATOM   300  C  CG  . LYS A 1 37  ? 10.166  3.277   -10.903 1.000 19.828 ? 76  LYS AAA CG  1 ? 
ATOM   301  C  CD  . LYS A 1 37  ? 10.330  3.727   -12.375 1.000 23.830 ? 76  LYS AAA CD  1 ? 
ATOM   302  C  CE  . LYS A 1 37  ? 9.796   5.114   -12.661 1.000 31.686 ? 76  LYS AAA CE  1 ? 
ATOM   303  N  NZ  . LYS A 1 37  ? 10.786  6.171   -12.354 1.000 37.296 ? 76  LYS AAA NZ  1 ? 
ATOM   304  N  N   . HIS A 1 38  ? 10.947  2.518   -7.311  1.000 14.980 ? 77  HIS AAA N   1 ? 
ATOM   305  C  CA  . HIS A 1 38  ? 11.906  3.098   -6.394  1.000 15.095 ? 77  HIS AAA CA  1 ? 
ATOM   306  C  C   . HIS A 1 38  ? 12.835  2.027   -5.808  1.000 13.627 ? 77  HIS AAA C   1 ? 
ATOM   307  O  O   . HIS A 1 38  ? 12.430  0.902   -5.578  1.000 12.995 ? 77  HIS AAA O   1 ? 
ATOM   308  C  CB  . HIS A 1 38  ? 11.153  3.850   -5.285  1.000 15.578 ? 77  HIS AAA CB  1 ? 
ATOM   309  C  CG  . HIS A 1 38  ? 12.056  4.725   -4.499  1.000 15.780 ? 77  HIS AAA CG  1 ? 
ATOM   310  N  ND1 . HIS A 1 38  ? 12.849  4.265   -3.468  1.000 14.303 ? 77  HIS AAA ND1 1 ? 
ATOM   311  C  CD2 . HIS A 1 38  ? 12.250  6.056   -4.566  1.000 17.432 ? 77  HIS AAA CD2 1 ? 
ATOM   312  C  CE1 . HIS A 1 38  ? 13.532  5.262   -2.962  1.000 15.922 ? 77  HIS AAA CE1 1 ? 
ATOM   313  N  NE2 . HIS A 1 38  ? 13.153  6.390   -3.634  1.000 17.878 ? 77  HIS AAA NE2 1 ? 
ATOM   314  N  N   A GLN A 1 39  ? 14.125  2.399   -5.616  0.500 13.012 ? 78  GLN AAA N   1 ? 
ATOM   315  N  N   B GLN A 1 39  ? 14.118  2.400   -5.613  0.500 13.919 ? 78  GLN AAA N   1 ? 
ATOM   316  C  CA  A GLN A 1 39  ? 15.122  1.507   -5.038  0.500 13.214 ? 78  GLN AAA CA  1 ? 
ATOM   317  C  CA  B GLN A 1 39  ? 15.107  1.489   -5.053  0.500 14.523 ? 78  GLN AAA CA  1 ? 
ATOM   318  C  C   A GLN A 1 39  ? 14.610  0.873   -3.746  0.500 11.752 ? 78  GLN AAA C   1 ? 
ATOM   319  C  C   B GLN A 1 39  ? 14.638  0.894   -3.725  0.500 12.478 ? 78  GLN AAA C   1 ? 
ATOM   320  O  O   A GLN A 1 39  ? 14.932  -0.275  -3.500  0.500 12.628 ? 78  GLN AAA O   1 ? 
ATOM   321  O  O   B GLN A 1 39  ? 15.047  -0.202  -3.399  0.500 13.313 ? 78  GLN AAA O   1 ? 
ATOM   322  C  CB  A GLN A 1 39  ? 16.447  2.229   -4.727  0.500 13.569 ? 78  GLN AAA CB  1 ? 
ATOM   323  C  CB  B GLN A 1 39  ? 16.448  2.196   -4.808  0.500 16.539 ? 78  GLN AAA CB  1 ? 
ATOM   324  C  CG  A GLN A 1 39  ? 17.564  1.319   -4.203  0.500 14.158 ? 78  GLN AAA CG  1 ? 
ATOM   325  C  CG  B GLN A 1 39  ? 16.295  3.505   -4.050  0.500 18.548 ? 78  GLN AAA CG  1 ? 
ATOM   326  C  CD  A GLN A 1 39  ? 18.874  2.039   -4.001  0.500 15.576 ? 78  GLN AAA CD  1 ? 
ATOM   327  C  CD  B GLN A 1 39  ? 17.496  4.036   -3.311  0.500 23.191 ? 78  GLN AAA CD  1 ? 
ATOM   328  O  OE1 A GLN A 1 39  ? 19.883  1.699   -4.622  0.500 17.816 ? 78  GLN AAA OE1 1 ? 
ATOM   329  O  OE1 B GLN A 1 39  ? 17.384  5.014   -2.566  0.500 21.969 ? 78  GLN AAA OE1 1 ? 
ATOM   330  N  NE2 A GLN A 1 39  ? 18.866  3.066   -3.173  0.500 15.023 ? 78  GLN AAA NE2 1 ? 
ATOM   331  N  NE2 B GLN A 1 39  ? 18.622  3.357   -3.471  0.500 21.089 ? 78  GLN AAA NE2 1 ? 
ATOM   332  N  N   . PHE A 1 40  ? 13.765  1.603   -2.966  1.000 11.766 ? 79  PHE AAA N   1 ? 
ATOM   333  C  CA  . PHE A 1 40  ? 13.351  1.114   -1.645  1.000 11.322 ? 79  PHE AAA CA  1 ? 
ATOM   334  C  C   . PHE A 1 40  ? 11.943  0.497   -1.686  1.000 10.573 ? 79  PHE AAA C   1 ? 
ATOM   335  O  O   . PHE A 1 40  ? 11.395  0.228   -0.597  1.000 11.421 ? 79  PHE AAA O   1 ? 
ATOM   336  C  CB  . PHE A 1 40  ? 13.382  2.259   -0.648  1.000 12.086 ? 79  PHE AAA CB  1 ? 
ATOM   337  C  CG  . PHE A 1 40  ? 14.746  2.788   -0.291  1.000 12.164 ? 79  PHE AAA CG  1 ? 
ATOM   338  C  CD1 . PHE A 1 40  ? 15.924  2.072   -0.495  1.000 12.688 ? 79  PHE AAA CD1 1 ? 
ATOM   339  C  CD2 . PHE A 1 40  ? 14.820  4.053   0.274   1.000 12.724 ? 79  PHE AAA CD2 1 ? 
ATOM   340  C  CE1 . PHE A 1 40  ? 17.140  2.612   -0.072  1.000 14.855 ? 79  PHE AAA CE1 1 ? 
ATOM   341  C  CE2 . PHE A 1 40  ? 16.037  4.581   0.694   1.000 14.800 ? 79  PHE AAA CE2 1 ? 
ATOM   342  C  CZ  . PHE A 1 40  ? 17.208  3.870   0.497   1.000 16.653 ? 79  PHE AAA CZ  1 ? 
ATOM   343  N  N   . ALA A 1 41  ? 11.399  0.211   -2.882  1.000 10.738 ? 80  ALA AAA N   1 ? 
ATOM   344  C  CA  . ALA A 1 41  ? 10.030  -0.294  -2.934  1.000 10.493 ? 80  ALA AAA CA  1 ? 
ATOM   345  C  C   . ALA A 1 41  ? 9.908   -1.734  -2.503  1.000 11.286 ? 80  ALA AAA C   1 ? 
ATOM   346  O  O   . ALA A 1 41  ? 8.817   -2.172  -2.122  1.000 11.139 ? 80  ALA AAA O   1 ? 
ATOM   347  C  CB  . ALA A 1 41  ? 9.485   -0.148  -4.338  1.000 12.981 ? 80  ALA AAA CB  1 ? 
ATOM   348  N  N   . TRP A 1 42  ? 10.974  -2.559  -2.687  1.000 12.252 ? 81  TRP AAA N   1 ? 
ATOM   349  C  CA  . TRP A 1 42  ? 10.837  -4.003  -2.613  1.000 11.125 ? 81  TRP AAA CA  1 ? 
ATOM   350  C  C   . TRP A 1 42  ? 10.182  -4.548  -1.347  1.000 11.895 ? 81  TRP AAA C   1 ? 
ATOM   351  O  O   . TRP A 1 42  ? 9.364   -5.495  -1.473  1.000 13.355 ? 81  TRP AAA O   1 ? 
ATOM   352  C  CB  . TRP A 1 42  ? 12.160  -4.746  -2.970  1.000 12.295 ? 81  TRP AAA CB  1 ? 
ATOM   353  C  CG  . TRP A 1 42  ? 13.283  -4.447  -2.035  1.000 13.687 ? 81  TRP AAA CG  1 ? 
ATOM   354  C  CD1 . TRP A 1 42  ? 14.184  -3.412  -2.145  1.000 14.466 ? 81  TRP AAA CD1 1 ? 
ATOM   355  C  CD2 . TRP A 1 42  ? 13.562  -5.098  -0.800  1.000 15.055 ? 81  TRP AAA CD2 1 ? 
ATOM   356  N  NE1 . TRP A 1 42  ? 15.039  -3.443  -1.087  1.000 16.569 ? 81  TRP AAA NE1 1 ? 
ATOM   357  C  CE2 . TRP A 1 42  ? 14.704  -4.454  -0.249  1.000 14.985 ? 81  TRP AAA CE2 1 ? 
ATOM   358  C  CE3 . TRP A 1 42  ? 13.003  -6.195  -0.118  1.000 17.441 ? 81  TRP AAA CE3 1 ? 
ATOM   359  C  CZ2 . TRP A 1 42  ? 15.273  -4.834  0.958   1.000 17.889 ? 81  TRP AAA CZ2 1 ? 
ATOM   360  C  CZ3 . TRP A 1 42  ? 13.579  -6.562  1.085   1.000 18.137 ? 81  TRP AAA CZ3 1 ? 
ATOM   361  C  CH2 . TRP A 1 42  ? 14.698  -5.910  1.598   1.000 18.122 ? 81  TRP AAA CH2 1 ? 
ATOM   362  N  N   . PRO A 1 43  ? 10.409  -4.040  -0.136  1.000 10.888 ? 82  PRO AAA N   1 ? 
ATOM   363  C  CA  . PRO A 1 43  ? 9.723   -4.622  1.009   1.000 11.493 ? 82  PRO AAA CA  1 ? 
ATOM   364  C  C   . PRO A 1 43  ? 8.209   -4.395  1.004   1.000 11.021 ? 82  PRO AAA C   1 ? 
ATOM   365  O  O   . PRO A 1 43  ? 7.505   -5.027  1.797   1.000 12.464 ? 82  PRO AAA O   1 ? 
ATOM   366  C  CB  . PRO A 1 43  ? 10.266  -3.855  2.233   1.000 12.040 ? 82  PRO AAA CB  1 ? 
ATOM   367  C  CG  . PRO A 1 43  ? 11.589  -3.261  1.707   1.000 11.947 ? 82  PRO AAA CG  1 ? 
ATOM   368  C  CD  . PRO A 1 43  ? 11.327  -2.975  0.251   1.000 10.955 ? 82  PRO AAA CD  1 ? 
ATOM   369  N  N   . PHE A 1 44  ? 7.748   -3.465  0.152   1.000 10.541 ? 83  PHE AAA N   1 ? 
ATOM   370  C  CA  . PHE A 1 44  ? 6.338   -3.052  0.173   1.000 9.353  ? 83  PHE AAA CA  1 ? 
ATOM   371  C  C   . PHE A 1 44  ? 5.618   -3.598  -1.044  1.000 9.582  ? 83  PHE AAA C   1 ? 
ATOM   372  O  O   . PHE A 1 44  ? 4.427   -3.259  -1.211  1.000 11.393 ? 83  PHE AAA O   1 ? 
ATOM   373  C  CB  . PHE A 1 44  ? 6.283   -1.522  0.148   1.000 9.946  ? 83  PHE AAA CB  1 ? 
ATOM   374  C  CG  . PHE A 1 44  ? 7.037   -0.913  1.294   1.000 9.852  ? 83  PHE AAA CG  1 ? 
ATOM   375  C  CD1 . PHE A 1 44  ? 6.471   -0.894  2.591   1.000 11.894 ? 83  PHE AAA CD1 1 ? 
ATOM   376  C  CD2 . PHE A 1 44  ? 8.310   -0.385  1.117   1.000 9.822  ? 83  PHE AAA CD2 1 ? 
ATOM   377  C  CE1 . PHE A 1 44  ? 7.190   -0.380  3.671   1.000 14.548 ? 83  PHE AAA CE1 1 ? 
ATOM   378  C  CE2 . PHE A 1 44  ? 9.001   0.129   2.222   1.000 12.124 ? 83  PHE AAA CE2 1 ? 
ATOM   379  C  CZ  . PHE A 1 44  ? 8.442   0.150   3.475   1.000 12.643 ? 83  PHE AAA CZ  1 ? 
ATOM   380  N  N   . GLN A 1 45  ? 6.209   -4.458  -1.873  1.000 10.203 ? 84  GLN AAA N   1 ? 
ATOM   381  C  CA  . GLN A 1 45  ? 5.606   -4.931  -3.100  1.000 10.583 ? 84  GLN AAA CA  1 ? 
ATOM   382  C  C   . GLN A 1 45  ? 4.717   -6.180  -2.917  1.000 10.076 ? 84  GLN AAA C   1 ? 
ATOM   383  O  O   . GLN A 1 45  ? 4.103   -6.628  -3.875  1.000 11.746 ? 84  GLN AAA O   1 ? 
ATOM   384  C  CB  . GLN A 1 45  ? 6.679   -5.210  -4.163  1.000 11.410 ? 84  GLN AAA CB  1 ? 
ATOM   385  C  CG  . GLN A 1 45  ? 7.252   -3.917  -4.742  1.000 12.432 ? 84  GLN AAA CG  1 ? 
ATOM   386  C  CD  . GLN A 1 45  ? 8.439   -4.187  -5.655  1.000 13.193 ? 84  GLN AAA CD  1 ? 
ATOM   387  O  OE1 . GLN A 1 45  ? 9.085   -5.226  -5.543  1.000 16.276 ? 84  GLN AAA OE1 1 ? 
ATOM   388  N  NE2 . GLN A 1 45  ? 8.706   -3.253  -6.551  1.000 15.076 ? 84  GLN AAA NE2 1 ? 
ATOM   389  N  N   . GLN A 1 46  ? 4.618   -6.663  -1.691  1.000 10.495 ? 85  GLN AAA N   1 ? 
ATOM   390  C  CA  . GLN A 1 46  ? 3.782   -7.818  -1.347  1.000 10.276 ? 85  GLN AAA CA  1 ? 
ATOM   391  C  C   . GLN A 1 46  ? 3.423   -7.731  0.112   1.000 10.519 ? 85  GLN AAA C   1 ? 
ATOM   392  O  O   . GLN A 1 46  ? 4.083   -7.033  0.850   1.000 10.155 ? 85  GLN AAA O   1 ? 
ATOM   393  C  CB  . GLN A 1 46  ? 4.515   -9.112  -1.704  1.000 12.710 ? 85  GLN AAA CB  1 ? 
ATOM   394  C  CG  . GLN A 1 46  ? 5.843   -9.310  -0.969  1.000 12.413 ? 85  GLN AAA CG  1 ? 
ATOM   395  C  CD  . GLN A 1 46  ? 6.974   -8.416  -1.461  1.000 12.458 ? 85  GLN AAA CD  1 ? 
ATOM   396  O  OE1 . GLN A 1 46  ? 7.235   -8.384  -2.649  1.000 14.956 ? 85  GLN AAA OE1 1 ? 
ATOM   397  N  NE2 . GLN A 1 46  ? 7.631   -7.717  -0.548  1.000 14.446 ? 85  GLN AAA NE2 1 ? 
ATOM   398  N  N   . PRO A 1 47  ? 2.392   -8.474  0.574   1.000 10.946 ? 86  PRO AAA N   1 ? 
ATOM   399  C  CA  . PRO A 1 47  ? 2.063   -8.532  1.999   1.000 11.655 ? 86  PRO AAA CA  1 ? 
ATOM   400  C  C   . PRO A 1 47  ? 3.284   -8.946  2.811   1.000 11.258 ? 86  PRO AAA C   1 ? 
ATOM   401  O  O   . PRO A 1 47  ? 4.110   -9.758  2.380   1.000 12.111 ? 86  PRO AAA O   1 ? 
ATOM   402  C  CB  . PRO A 1 47  ? 0.947   -9.601  2.072   1.000 13.759 ? 86  PRO AAA CB  1 ? 
ATOM   403  C  CG  . PRO A 1 47  ? 0.327   -9.481  0.721   1.000 14.471 ? 86  PRO AAA CG  1 ? 
ATOM   404  C  CD  . PRO A 1 47  ? 1.462   -9.295  -0.255  1.000 13.410 ? 86  PRO AAA CD  1 ? 
ATOM   405  N  N   . VAL A 1 48  ? 3.342   -8.453  4.032   1.000 10.777 ? 87  VAL AAA N   1 ? 
ATOM   406  C  CA  . VAL A 1 48  ? 4.367   -8.860  4.970   1.000 12.263 ? 87  VAL AAA CA  1 ? 
ATOM   407  C  C   . VAL A 1 48  ? 4.181   -10.349 5.261   1.000 12.313 ? 87  VAL AAA C   1 ? 
ATOM   408  O  O   . VAL A 1 48  ? 3.127   -10.785 5.741   1.000 12.548 ? 87  VAL AAA O   1 ? 
ATOM   409  C  CB  . VAL A 1 48  ? 4.321   -8.020  6.241   1.000 12.448 ? 87  VAL AAA CB  1 ? 
ATOM   410  C  CG1 . VAL A 1 48  ? 5.238   -8.572  7.309   1.000 14.435 ? 87  VAL AAA CG1 1 ? 
ATOM   411  C  CG2 . VAL A 1 48  ? 4.650   -6.573  5.985   1.000 13.221 ? 87  VAL AAA CG2 1 ? 
ATOM   412  N  N   . ASP A 1 49  ? 5.243   -11.120 5.019   1.000 12.337 ? 88  ASP AAA N   1 ? 
ATOM   413  C  CA  . ASP A 1 49  ? 5.223   -12.552 5.320   1.000 12.584 ? 88  ASP AAA CA  1 ? 
ATOM   414  C  C   . ASP A 1 49  ? 5.845   -12.719 6.715   1.000 12.271 ? 88  ASP AAA C   1 ? 
ATOM   415  O  O   . ASP A 1 49  ? 7.057   -12.796 6.845   1.000 12.214 ? 88  ASP AAA O   1 ? 
ATOM   416  C  CB  . ASP A 1 49  ? 5.952   -13.356 4.244   1.000 14.588 ? 88  ASP AAA CB  1 ? 
ATOM   417  C  CG  . ASP A 1 49  ? 5.885   -14.858 4.474   1.000 16.015 ? 88  ASP AAA CG  1 ? 
ATOM   418  O  OD1 . ASP A 1 49  ? 5.669   -15.285 5.628   1.000 15.843 ? 88  ASP AAA OD1 1 ? 
ATOM   419  O  OD2 . ASP A 1 49  ? 6.139   -15.573 3.483   1.000 22.048 ? 88  ASP AAA OD2 1 ? 
ATOM   420  N  N   . ALA A 1 50  ? 4.978   -12.692 7.732   1.000 12.703 ? 89  ALA AAA N   1 ? 
ATOM   421  C  CA  . ALA A 1 50  ? 5.416   -12.652 9.112   1.000 12.969 ? 89  ALA AAA CA  1 ? 
ATOM   422  C  C   . ALA A 1 50  ? 6.080   -13.983 9.488   1.000 13.343 ? 89  ALA AAA C   1 ? 
ATOM   423  O  O   . ALA A 1 50  ? 6.921   -14.010 10.380  1.000 14.545 ? 89  ALA AAA O   1 ? 
ATOM   424  C  CB  . ALA A 1 50  ? 4.230   -12.341 9.995   1.000 16.033 ? 89  ALA AAA CB  1 ? 
ATOM   425  N  N   . VAL A 1 51  ? 5.727   -15.076 8.825   1.000 13.373 ? 90  VAL AAA N   1 ? 
ATOM   426  C  CA  . VAL A 1 51  ? 6.359   -16.356 9.109   1.000 14.449 ? 90  VAL AAA CA  1 ? 
ATOM   427  C  C   . VAL A 1 51  ? 7.811   -16.301 8.636   1.000 14.631 ? 90  VAL AAA C   1 ? 
ATOM   428  O  O   . VAL A 1 51  ? 8.756   -16.579 9.374   1.000 14.366 ? 90  VAL AAA O   1 ? 
ATOM   429  C  CB  . VAL A 1 51  ? 5.562   -17.514 8.456   1.000 13.784 ? 90  VAL AAA CB  1 ? 
ATOM   430  C  CG1 . VAL A 1 51  ? 6.276   -18.851 8.628   1.000 17.366 ? 90  VAL AAA CG1 1 ? 
ATOM   431  C  CG2 . VAL A 1 51  ? 4.169   -17.562 9.044   1.000 15.384 ? 90  VAL AAA CG2 1 ? 
ATOM   432  N  N   . LYS A 1 52  ? 7.993   -15.918 7.361   1.000 12.612 ? 91  LYS AAA N   1 ? 
ATOM   433  C  CA  . LYS A 1 52  ? 9.337   -15.942 6.816   1.000 14.198 ? 91  LYS AAA CA  1 ? 
ATOM   434  C  C   . LYS A 1 52  ? 10.267  -14.954 7.529   1.000 14.749 ? 91  LYS AAA C   1 ? 
ATOM   435  O  O   . LYS A 1 52  ? 11.458  -15.215 7.686   1.000 14.534 ? 91  LYS AAA O   1 ? 
ATOM   436  C  CB  . LYS A 1 52  ? 9.310   -15.703 5.315   1.000 17.137 ? 91  LYS AAA CB  1 ? 
ATOM   437  C  CG  . LYS A 1 52  ? 10.600  -16.072 4.579   1.000 21.292 ? 91  LYS AAA CG  1 ? 
ATOM   438  C  CD  . LYS A 1 52  ? 10.485  -16.212 3.088   1.000 22.781 ? 91  LYS AAA CD  1 ? 
ATOM   439  C  CE  . LYS A 1 52  ? 11.607  -17.025 2.454   1.000 22.167 ? 91  LYS AAA CE  1 ? 
ATOM   440  N  NZ  . LYS A 1 52  ? 11.630  -16.734 1.008   1.000 25.320 ? 91  LYS AAA NZ  1 ? 
ATOM   441  N  N   . LEU A 1 53  ? 9.725   -13.809 7.948   1.000 13.040 ? 92  LEU AAA N   1 ? 
ATOM   442  C  CA  . LEU A 1 53  ? 10.485  -12.778 8.653   1.000 13.969 ? 92  LEU AAA CA  1 ? 
ATOM   443  C  C   . LEU A 1 53  ? 10.619  -13.044 10.159  1.000 14.319 ? 92  LEU AAA C   1 ? 
ATOM   444  O  O   . LEU A 1 53  ? 11.252  -12.271 10.869  1.000 15.396 ? 92  LEU AAA O   1 ? 
ATOM   445  C  CB  . LEU A 1 53  ? 9.855   -11.407 8.411   1.000 15.284 ? 92  LEU AAA CB  1 ? 
ATOM   446  C  CG  . LEU A 1 53  ? 9.982   -10.910 6.971   1.000 16.956 ? 92  LEU AAA CG  1 ? 
ATOM   447  C  CD1 . LEU A 1 53  ? 8.998   -9.805  6.646   1.000 21.120 ? 92  LEU AAA CD1 1 ? 
ATOM   448  C  CD2 . LEU A 1 53  ? 11.392  -10.437 6.662   1.000 22.151 ? 92  LEU AAA CD2 1 ? 
ATOM   449  N  N   . ASN A 1 54  ? 10.006  -14.113 10.680  1.000 14.000 ? 93  ASN AAA N   1 ? 
ATOM   450  C  CA  . ASN A 1 54  ? 10.047  -14.407 12.111  1.000 15.190 ? 93  ASN AAA CA  1 ? 
ATOM   451  C  C   . ASN A 1 54  ? 9.535   -13.212 12.909  1.000 14.822 ? 93  ASN AAA C   1 ? 
ATOM   452  O  O   . ASN A 1 54  ? 10.151  -12.748 13.870  1.000 16.675 ? 93  ASN AAA O   1 ? 
ATOM   453  C  CB  . ASN A 1 54  ? 11.444  -14.833 12.609  1.000 17.889 ? 93  ASN AAA CB  1 ? 
ATOM   454  C  CG  . ASN A 1 54  ? 11.373  -15.358 14.037  1.000 21.047 ? 93  ASN AAA CG  1 ? 
ATOM   455  O  OD1 . ASN A 1 54  ? 10.349  -15.892 14.501  1.000 24.228 ? 93  ASN AAA OD1 1 ? 
ATOM   456  N  ND2 . ASN A 1 54  ? 12.484  -15.261 14.744  1.000 23.570 ? 93  ASN AAA ND2 1 ? 
ATOM   457  N  N   . LEU A 1 55  ? 8.334   -12.753 12.546  1.000 13.680 ? 94  LEU AAA N   1 ? 
ATOM   458  C  CA  . LEU A 1 55  ? 7.668   -11.646 13.237  1.000 12.037 ? 94  LEU AAA CA  1 ? 
ATOM   459  C  C   . LEU A 1 55  ? 6.326   -12.164 13.715  1.000 13.397 ? 94  LEU AAA C   1 ? 
ATOM   460  O  O   . LEU A 1 55  ? 5.294   -11.773 13.188  1.000 11.810 ? 94  LEU AAA O   1 ? 
ATOM   461  C  CB  . LEU A 1 55  ? 7.448   -10.449 12.299  1.000 13.700 ? 94  LEU AAA CB  1 ? 
ATOM   462  C  CG  . LEU A 1 55  ? 8.716   -9.908  11.653  1.000 15.790 ? 94  LEU AAA CG  1 ? 
ATOM   463  C  CD1 . LEU A 1 55  ? 8.357   -8.788  10.679  1.000 16.517 ? 94  LEU AAA CD1 1 ? 
ATOM   464  C  CD2 . LEU A 1 55  ? 9.679   -9.433  12.687  1.000 16.800 ? 94  LEU AAA CD2 1 ? 
ATOM   465  N  N   . PRO A 1 56  ? 6.264   -13.124 14.654  1.000 11.868 ? 95  PRO AAA N   1 ? 
ATOM   466  C  CA  . PRO A 1 56  ? 4.974   -13.736 14.952  1.000 12.279 ? 95  PRO AAA CA  1 ? 
ATOM   467  C  C   . PRO A 1 56  ? 3.955   -12.771 15.547  1.000 12.685 ? 95  PRO AAA C   1 ? 
ATOM   468  O  O   . PRO A 1 56  ? 2.766   -13.000 15.431  1.000 14.429 ? 95  PRO AAA O   1 ? 
ATOM   469  C  CB  . PRO A 1 56  ? 5.321   -14.832 15.987  1.000 14.069 ? 95  PRO AAA CB  1 ? 
ATOM   470  C  CG  . PRO A 1 56  ? 6.604   -14.392 16.530  1.000 13.787 ? 95  PRO AAA CG  1 ? 
ATOM   471  C  CD  . PRO A 1 56  ? 7.376   -13.771 15.365  1.000 14.854 ? 95  PRO AAA CD  1 ? 
ATOM   472  N  N   . ASP A 1 57  ? 4.388   -11.651 16.094  1.000 12.279 ? 96  ASP AAA N   1 ? 
ATOM   473  C  CA  . ASP A 1 57  ? 3.461   -10.659 16.620  1.000 11.642 ? 96  ASP AAA CA  1 ? 
ATOM   474  C  C   . ASP A 1 57  ? 2.961   -9.660  15.562  1.000 12.061 ? 96  ASP AAA C   1 ? 
ATOM   475  O  O   . ASP A 1 57  ? 2.168   -8.804  15.919  1.000 12.970 ? 96  ASP AAA O   1 ? 
ATOM   476  C  CB  . ASP A 1 57  ? 4.068   -9.871  17.781  1.000 13.116 ? 96  ASP AAA CB  1 ? 
ATOM   477  C  CG  . ASP A 1 57  ? 5.124   -8.875  17.364  1.000 16.664 ? 96  ASP AAA CG  1 ? 
ATOM   478  O  OD1 . ASP A 1 57  ? 5.713   -9.032  16.279  1.000 17.054 ? 96  ASP AAA OD1 1 ? 
ATOM   479  O  OD2 . ASP A 1 57  ? 5.395   -7.921  18.154  1.000 21.542 ? 96  ASP AAA OD2 1 ? 
ATOM   480  N  N   . TYR A 1 58  ? 3.401   -9.760  14.294  1.000 11.293 ? 97  TYR AAA N   1 ? 
ATOM   481  C  CA  . TYR A 1 58  ? 3.129   -8.674  13.359  1.000 10.496 ? 97  TYR AAA CA  1 ? 
ATOM   482  C  C   . TYR A 1 58  ? 1.633   -8.446  13.218  1.000 11.014 ? 97  TYR AAA C   1 ? 
ATOM   483  O  O   . TYR A 1 58  ? 1.181   -7.317  13.318  1.000 11.485 ? 97  TYR AAA O   1 ? 
ATOM   484  C  CB  . TYR A 1 58  ? 3.773   -8.949  11.988  1.000 11.555 ? 97  TYR AAA CB  1 ? 
ATOM   485  C  CG  . TYR A 1 58  ? 3.581   -7.801  11.030  1.000 11.669 ? 97  TYR AAA CG  1 ? 
ATOM   486  C  CD1 . TYR A 1 58  ? 4.399   -6.666  11.086  1.000 11.406 ? 97  TYR AAA CD1 1 ? 
ATOM   487  C  CD2 . TYR A 1 58  ? 2.552   -7.837  10.109  1.000 11.889 ? 97  TYR AAA CD2 1 ? 
ATOM   488  C  CE1 . TYR A 1 58  ? 4.170   -5.574  10.249  1.000 11.406 ? 97  TYR AAA CE1 1 ? 
ATOM   489  C  CE2 . TYR A 1 58  ? 2.330   -6.761  9.274   1.000 12.584 ? 97  TYR AAA CE2 1 ? 
ATOM   490  C  CZ  . TYR A 1 58  ? 3.119   -5.633  9.340   1.000 12.891 ? 97  TYR AAA CZ  1 ? 
ATOM   491  O  OH  . TYR A 1 58  ? 2.850   -4.557  8.481   1.000 14.139 ? 97  TYR AAA OH  1 ? 
ATOM   492  N  N   . TYR A 1 59  ? 0.888   -9.521  12.930  1.000 12.182 ? 98  TYR AAA N   1 ? 
ATOM   493  C  CA  . TYR A 1 59  ? -0.538  -9.402  12.677  1.000 12.072 ? 98  TYR AAA CA  1 ? 
ATOM   494  C  C   . TYR A 1 59  ? -1.318  -9.389  13.995  1.000 14.622 ? 98  TYR AAA C   1 ? 
ATOM   495  O  O   . TYR A 1 59  ? -2.553  -9.271  13.977  1.000 17.194 ? 98  TYR AAA O   1 ? 
ATOM   496  C  CB  . TYR A 1 59  ? -0.975  -10.494 11.695  1.000 12.573 ? 98  TYR AAA CB  1 ? 
ATOM   497  C  CG  . TYR A 1 59  ? -0.476  -10.220 10.296  1.000 11.926 ? 98  TYR AAA CG  1 ? 
ATOM   498  C  CD1 . TYR A 1 59  ? -0.935  -9.120  9.584   1.000 12.970 ? 98  TYR AAA CD1 1 ? 
ATOM   499  C  CD2 . TYR A 1 59  ? 0.509   -11.032 9.716   1.000 11.659 ? 98  TYR AAA CD2 1 ? 
ATOM   500  C  CE1 . TYR A 1 59  ? -0.429  -8.853  8.310   1.000 13.294 ? 98  TYR AAA CE1 1 ? 
ATOM   501  C  CE2 . TYR A 1 59  ? 0.974   -10.814 8.429   1.000 12.207 ? 98  TYR AAA CE2 1 ? 
ATOM   502  C  CZ  . TYR A 1 59  ? 0.478   -9.711  7.713   1.000 12.592 ? 98  TYR AAA CZ  1 ? 
ATOM   503  O  OH  . TYR A 1 59  ? 0.931   -9.430  6.443   1.000 13.509 ? 98  TYR AAA OH  1 ? 
ATOM   504  N  N   . LYS A 1 60  ? -0.641  -9.418  15.136  1.000 14.015 ? 99  LYS AAA N   1 ? 
ATOM   505  C  CA  . LYS A 1 60  ? -1.253  -9.067  16.403  1.000 16.103 ? 99  LYS AAA CA  1 ? 
ATOM   506  C  C   . LYS A 1 60  ? -1.330  -7.550  16.582  1.000 15.294 ? 99  LYS AAA C   1 ? 
ATOM   507  O  O   . LYS A 1 60  ? -2.242  -7.031  17.242  1.000 20.648 ? 99  LYS AAA O   1 ? 
ATOM   508  C  CB  . LYS A 1 60  ? -0.517  -9.773  17.549  1.000 17.942 ? 99  LYS AAA CB  1 ? 
ATOM   509  C  CG  . LYS A 1 60  ? -0.803  -11.275 17.607  1.000 25.641 ? 99  LYS AAA CG  1 ? 
ATOM   510  C  CD  . LYS A 1 60  ? -2.204  -11.697 17.096  1.000 28.770 ? 99  LYS AAA CD  1 ? 
ATOM   511  C  CE  . LYS A 1 60  ? -2.272  -12.397 15.732  1.000 35.933 ? 99  LYS AAA CE  1 ? 
ATOM   512  N  NZ  . LYS A 1 60  ? -3.610  -12.447 15.050  1.000 31.707 ? 99  LYS AAA NZ  1 ? 
ATOM   513  N  N   A ILE A 1 61  ? -0.302  -6.844  16.080  0.500 12.779 ? 100 ILE AAA N   1 ? 
ATOM   514  N  N   B ILE A 1 61  ? -0.358  -6.815  16.015  0.500 13.221 ? 100 ILE AAA N   1 ? 
ATOM   515  C  CA  A ILE A 1 61  ? -0.160  -5.398  16.138  0.500 12.969 ? 100 ILE AAA CA  1 ? 
ATOM   516  C  CA  B ILE A 1 61  ? -0.240  -5.371  16.159  0.500 13.543 ? 100 ILE AAA CA  1 ? 
ATOM   517  C  C   A ILE A 1 61  ? -0.922  -4.763  14.968  0.500 11.925 ? 100 ILE AAA C   1 ? 
ATOM   518  C  C   B ILE A 1 61  ? -0.789  -4.636  14.940  0.500 12.210 ? 100 ILE AAA C   1 ? 
ATOM   519  O  O   A ILE A 1 61  ? -1.777  -3.883  15.160  0.500 13.211 ? 100 ILE AAA O   1 ? 
ATOM   520  O  O   B ILE A 1 61  ? -1.264  -3.504  15.074  0.500 11.541 ? 100 ILE AAA O   1 ? 
ATOM   521  C  CB  A ILE A 1 61  ? 1.353   -5.078  16.175  0.500 12.802 ? 100 ILE AAA CB  1 ? 
ATOM   522  C  CB  B ILE A 1 61  ? 1.230   -5.013  16.423  0.500 14.158 ? 100 ILE AAA CB  1 ? 
ATOM   523  C  CG1 A ILE A 1 61  ? 2.057   -5.814  17.324  0.500 13.573 ? 100 ILE AAA CG1 1 ? 
ATOM   524  C  CG1 B ILE A 1 61  ? 1.698   -5.610  17.751  0.500 15.745 ? 100 ILE AAA CG1 1 ? 
ATOM   525  C  CG2 A ILE A 1 61  ? 1.594   -3.587  16.288  0.500 14.586 ? 100 ILE AAA CG2 1 ? 
ATOM   526  C  CG2 B ILE A 1 61  ? 1.410   -3.511  16.398  0.500 15.960 ? 100 ILE AAA CG2 1 ? 
ATOM   527  C  CD1 A ILE A 1 61  ? 1.401   -5.548  18.648  0.500 14.840 ? 100 ILE AAA CD1 1 ? 
ATOM   528  C  CD1 B ILE A 1 61  ? 3.186   -5.594  17.941  0.500 17.028 ? 100 ILE AAA CD1 1 ? 
ATOM   529  N  N   . ILE A 1 62  ? -0.615  -5.230  13.763  1.000 11.741 ? 101 ILE AAA N   1 ? 
ATOM   530  C  CA  . ILE A 1 62  ? -1.107  -4.625  12.521  1.000 11.458 ? 101 ILE AAA CA  1 ? 
ATOM   531  C  C   . ILE A 1 62  ? -2.372  -5.357  12.109  1.000 12.191 ? 101 ILE AAA C   1 ? 
ATOM   532  O  O   . ILE A 1 62  ? -2.320  -6.486  11.609  1.000 13.524 ? 101 ILE AAA O   1 ? 
ATOM   533  C  CB  . ILE A 1 62  ? -0.002  -4.650  11.455  1.000 12.057 ? 101 ILE AAA CB  1 ? 
ATOM   534  C  CG1 . ILE A 1 62  ? 1.221   -3.821  11.898  1.000 12.459 ? 101 ILE AAA CG1 1 ? 
ATOM   535  C  CG2 . ILE A 1 62  ? -0.560  -4.179  10.113  1.000 12.470 ? 101 ILE AAA CG2 1 ? 
ATOM   536  C  CD1 . ILE A 1 62  ? 0.950   -2.385  12.367  1.000 13.461 ? 101 ILE AAA CD1 1 ? 
ATOM   537  N  N   . LYS A 1 63  ? -3.490  -4.745  12.429  1.000 11.568 ? 102 LYS AAA N   1 ? 
ATOM   538  C  CA  . LYS A 1 63  ? -4.787  -5.359  12.139  1.000 13.335 ? 102 LYS AAA CA  1 ? 
ATOM   539  C  C   . LYS A 1 63  ? -5.388  -4.847  10.838  1.000 14.251 ? 102 LYS AAA C   1 ? 
ATOM   540  O  O   . LYS A 1 63  ? -6.417  -5.358  10.413  1.000 17.123 ? 102 LYS AAA O   1 ? 
ATOM   541  C  CB  . LYS A 1 63  ? -5.763  -5.062  13.276  1.000 15.319 ? 102 LYS AAA CB  1 ? 
ATOM   542  C  CG  . LYS A 1 63  ? -5.354  -5.649  14.608  1.000 19.661 ? 102 LYS AAA CG  1 ? 
ATOM   543  C  CD  . LYS A 1 63  ? -5.165  -7.110  14.459  1.000 22.593 ? 102 LYS AAA CD  1 ? 
ATOM   544  C  CE  . LYS A 1 63  ? -5.279  -7.872  15.752  1.000 28.259 ? 102 LYS AAA CE  1 ? 
ATOM   545  N  NZ  . LYS A 1 63  ? -4.884  -9.268  15.478  1.000 22.341 ? 102 LYS AAA NZ  1 ? 
ATOM   546  N  N   A THR A 1 64  ? -4.755  -3.853  10.195  0.500 13.679 ? 103 THR AAA N   1 ? 
ATOM   547  N  N   B THR A 1 64  ? -4.827  -3.827  10.183  0.500 13.995 ? 103 THR AAA N   1 ? 
ATOM   548  C  CA  A THR A 1 64  ? -5.200  -3.299  8.922   0.500 14.057 ? 103 THR AAA CA  1 ? 
ATOM   549  C  CA  B THR A 1 64  ? -5.306  -3.485  8.852   0.500 14.863 ? 103 THR AAA CA  1 ? 
ATOM   550  C  C   A THR A 1 64  ? -4.056  -3.377  7.906   0.500 13.029 ? 103 THR AAA C   1 ? 
ATOM   551  C  C   B THR A 1 64  ? -4.096  -3.402  7.937   0.500 13.554 ? 103 THR AAA C   1 ? 
ATOM   552  O  O   A THR A 1 64  ? -3.504  -2.364  7.442   0.500 12.586 ? 103 THR AAA O   1 ? 
ATOM   553  O  O   B THR A 1 64  ? -3.563  -2.311  7.659   0.500 14.017 ? 103 THR AAA O   1 ? 
ATOM   554  C  CB  A THR A 1 64  ? -5.809  -1.894  9.051   0.500 15.092 ? 103 THR AAA CB  1 ? 
ATOM   555  C  CB  B THR A 1 64  ? -6.128  -2.197  8.782   0.500 17.610 ? 103 THR AAA CB  1 ? 
ATOM   556  O  OG1 A THR A 1 64  ? -6.750  -1.862  10.124  0.500 18.085 ? 103 THR AAA OG1 1 ? 
ATOM   557  O  OG1 B THR A 1 64  ? -5.242  -1.165  9.191   0.500 18.351 ? 103 THR AAA OG1 1 ? 
ATOM   558  C  CG2 A THR A 1 64  ? -6.581  -1.534  7.800   0.500 15.988 ? 103 THR AAA CG2 1 ? 
ATOM   559  C  CG2 B THR A 1 64  ? -7.389  -2.207  9.619   0.500 15.920 ? 103 THR AAA CG2 1 ? 
ATOM   560  N  N   . PRO A 1 65  ? -3.634  -4.577  7.470   1.000 12.211 ? 104 PRO AAA N   1 ? 
ATOM   561  C  CA  . PRO A 1 65  ? -2.435  -4.639  6.661   1.000 12.698 ? 104 PRO AAA CA  1 ? 
ATOM   562  C  C   . PRO A 1 65  ? -2.710  -4.099  5.272   1.000 11.468 ? 104 PRO AAA C   1 ? 
ATOM   563  O  O   . PRO A 1 65  ? -3.815  -4.132  4.759   1.000 12.190 ? 104 PRO AAA O   1 ? 
ATOM   564  C  CB  . PRO A 1 65  ? -2.060  -6.097  6.605   1.000 15.304 ? 104 PRO AAA CB  1 ? 
ATOM   565  C  CG  . PRO A 1 65  ? -3.203  -6.860  7.280   1.000 15.850 ? 104 PRO AAA CG  1 ? 
ATOM   566  C  CD  . PRO A 1 65  ? -4.223  -5.899  7.801   1.000 14.506 ? 104 PRO AAA CD  1 ? 
ATOM   567  N  N   . MET A 1 66  ? -1.658  -3.533  4.672   1.000 11.067 ? 105 MET AAA N   1 ? 
ATOM   568  C  CA  . MET A 1 66  ? -1.782  -3.115  3.273   1.000 10.019 ? 105 MET AAA CA  1 ? 
ATOM   569  C  C   . MET A 1 66  ? -0.401  -3.066  2.673   1.000 10.479 ? 105 MET AAA C   1 ? 
ATOM   570  O  O   . MET A 1 66  ? 0.574   -2.807  3.401   1.000 11.803 ? 105 MET AAA O   1 ? 
ATOM   571  C  CB  . MET A 1 66  ? -2.403  -1.711  3.199   1.000 10.502 ? 105 MET AAA CB  1 ? 
ATOM   572  C  CG  . MET A 1 66  ? -2.791  -1.239  1.792   1.000 11.428 ? 105 MET AAA CG  1 ? 
ATOM   573  S  SD  . MET A 1 66  ? -3.674  -2.404  0.746   1.000 10.898 ? 105 MET AAA SD  1 ? 
ATOM   574  C  CE  . MET A 1 66  ? -5.136  -2.712  1.728   1.000 13.066 ? 105 MET AAA CE  1 ? 
ATOM   575  N  N   . ASP A 1 67  ? -0.304  -3.268  1.396   1.000 10.341 ? 106 ASP AAA N   1 ? 
ATOM   576  C  CA  . ASP A 1 67  ? 0.974   -3.296  0.684   1.000 10.276 ? 106 ASP AAA CA  1 ? 
ATOM   577  C  C   . ASP A 1 67  ? 0.732   -2.815  -0.733  1.000 10.002 ? 106 ASP AAA C   1 ? 
ATOM   578  O  O   . ASP A 1 67  ? -0.421  -2.823  -1.205  1.000 9.634  ? 106 ASP AAA O   1 ? 
ATOM   579  C  CB  . ASP A 1 67  ? 1.565   -4.729  0.713   1.000 11.172 ? 106 ASP AAA CB  1 ? 
ATOM   580  C  CG  . ASP A 1 67  ? 0.732   -5.682  -0.106  1.000 10.976 ? 106 ASP AAA CG  1 ? 
ATOM   581  O  OD1 . ASP A 1 67  ? -0.337  -6.102  0.443   1.000 12.085 ? 106 ASP AAA OD1 1 ? 
ATOM   582  O  OD2 . ASP A 1 67  ? 0.999   -5.898  -1.274  1.000 11.857 ? 106 ASP AAA OD2 1 ? 
ATOM   583  N  N   . MET A 1 68  ? 1.800   -2.470  -1.448  1.000 10.540 ? 107 MET AAA N   1 ? 
ATOM   584  C  CA  . MET A 1 68  ? 1.660   -1.997  -2.809  1.000 9.557  ? 107 MET AAA CA  1 ? 
ATOM   585  C  C   . MET A 1 68  ? 1.313   -3.042  -3.839  1.000 9.856  ? 107 MET AAA C   1 ? 
ATOM   586  O  O   . MET A 1 68  ? 0.777   -2.716  -4.873  1.000 10.650 ? 107 MET AAA O   1 ? 
ATOM   587  C  CB  . MET A 1 68  ? 2.931   -1.314  -3.307  1.000 11.669 ? 107 MET AAA CB  1 ? 
ATOM   588  C  CG  . MET A 1 68  ? 3.206   0.007   -2.608  1.000 13.049 ? 107 MET AAA CG  1 ? 
ATOM   589  S  SD  . MET A 1 68  ? 4.245   1.140   -3.555  1.000 13.926 ? 107 MET AAA SD  1 ? 
ATOM   590  C  CE  . MET A 1 68  ? 5.748   0.179   -3.675  1.000 13.617 ? 107 MET AAA CE  1 ? 
ATOM   591  N  N   . GLY A 1 69  ? 1.611   -4.320  -3.553  1.000 10.204 ? 108 GLY AAA N   1 ? 
ATOM   592  C  CA  . GLY A 1 69  ? 1.134   -5.374  -4.420  1.000 11.886 ? 108 GLY AAA CA  1 ? 
ATOM   593  C  C   . GLY A 1 69  ? -0.391  -5.436  -4.449  1.000 11.822 ? 108 GLY AAA C   1 ? 
ATOM   594  O  O   . GLY A 1 69  ? -0.978  -5.552  -5.535  1.000 11.951 ? 108 GLY AAA O   1 ? 
ATOM   595  N  N   . THR A 1 70  ? -0.986  -5.320  -3.266  1.000 10.465 ? 109 THR AAA N   1 ? 
ATOM   596  C  CA  . THR A 1 70  ? -2.443  -5.252  -3.163  1.000 10.108 ? 109 THR AAA CA  1 ? 
ATOM   597  C  C   . THR A 1 70  ? -2.984  -4.016  -3.864  1.000 9.898  ? 109 THR AAA C   1 ? 
ATOM   598  O  O   . THR A 1 70  ? -3.936  -4.121  -4.639  1.000 10.216 ? 109 THR AAA O   1 ? 
ATOM   599  C  CB  . THR A 1 70  ? -2.827  -5.294  -1.689  1.000 9.966  ? 109 THR AAA CB  1 ? 
ATOM   600  O  OG1 . THR A 1 70  ? -2.402  -6.543  -1.120  1.000 11.890 ? 109 THR AAA OG1 1 ? 
ATOM   601  C  CG2 . THR A 1 70  ? -4.329  -5.172  -1.532  1.000 11.380 ? 109 THR AAA CG2 1 ? 
ATOM   602  N  N   . ILE A 1 71  ? -2.338  -2.861  -3.656  1.000 9.583  ? 110 ILE AAA N   1 ? 
ATOM   603  C  CA  . ILE A 1 71  ? -2.846  -1.651  -4.299  1.000 9.418  ? 110 ILE AAA CA  1 ? 
ATOM   604  C  C   . ILE A 1 71  ? -2.744  -1.791  -5.804  1.000 9.623  ? 110 ILE AAA C   1 ? 
ATOM   605  O  O   . ILE A 1 71  ? -3.643  -1.374  -6.533  1.000 10.759 ? 110 ILE AAA O   1 ? 
ATOM   606  C  CB  . ILE A 1 71  ? -2.029  -0.456  -3.773  1.000 8.919  ? 110 ILE AAA CB  1 ? 
ATOM   607  C  CG1 . ILE A 1 71  ? -2.327  -0.263  -2.292  1.000 9.579  ? 110 ILE AAA CG1 1 ? 
ATOM   608  C  CG2 . ILE A 1 71  ? -2.365  0.799   -4.573  1.000 9.718  ? 110 ILE AAA CG2 1 ? 
ATOM   609  C  CD1 . ILE A 1 71  ? -1.422  0.735   -1.571  1.000 10.940 ? 110 ILE AAA CD1 1 ? 
ATOM   610  N  N   . LYS A 1 72  ? -1.599  -2.316  -6.287  1.000 9.917  ? 111 LYS AAA N   1 ? 
ATOM   611  C  CA  . LYS A 1 72  ? -1.437  -2.521  -7.710  1.000 11.932 ? 111 LYS AAA CA  1 ? 
ATOM   612  C  C   . LYS A 1 72  ? -2.572  -3.345  -8.297  1.000 13.170 ? 111 LYS AAA C   1 ? 
ATOM   613  O  O   . LYS A 1 72  ? -3.138  -3.011  -9.348  1.000 12.948 ? 111 LYS AAA O   1 ? 
ATOM   614  C  CB  . LYS A 1 72  ? -0.070  -3.141  -7.979  1.000 12.940 ? 111 LYS AAA CB  1 ? 
ATOM   615  C  CG  . LYS A 1 72  ? 0.206   -3.361  -9.460  1.000 15.630 ? 111 LYS AAA CG  1 ? 
ATOM   616  C  CD  . LYS A 1 72  ? 1.640   -3.879  -9.623  1.000 18.002 ? 111 LYS AAA CD  1 ? 
ATOM   617  C  CE  . LYS A 1 72  ? 2.082   -3.982  -11.075 1.000 25.655 ? 111 LYS AAA CE  1 ? 
ATOM   618  N  NZ  . LYS A 1 72  ? 1.672   -5.279  -11.632 1.000 31.830 ? 111 LYS AAA NZ  1 ? 
ATOM   619  N  N   . LYS A 1 73  ? -2.863  -4.455  -7.630  1.000 11.531 ? 112 LYS AAA N   1 ? 
ATOM   620  C  CA  . LYS A 1 73  ? -3.952  -5.297  -8.083  1.000 13.893 ? 112 LYS AAA CA  1 ? 
ATOM   621  C  C   . LYS A 1 73  ? -5.302  -4.580  -8.046  1.000 12.285 ? 112 LYS AAA C   1 ? 
ATOM   622  O  O   . LYS A 1 73  ? -6.097  -4.713  -8.996  1.000 13.406 ? 112 LYS AAA O   1 ? 
ATOM   623  C  CB  . LYS A 1 73  ? -4.009  -6.559  -7.224  1.000 15.751 ? 112 LYS AAA CB  1 ? 
ATOM   624  C  CG  . LYS A 1 73  ? -2.940  -7.601  -7.556  1.000 21.259 ? 112 LYS AAA CG  1 ? 
ATOM   625  C  CD  . LYS A 1 73  ? -3.086  -8.889  -6.724  1.000 25.833 ? 112 LYS AAA CD  1 ? 
ATOM   626  C  CE  . LYS A 1 73  ? -1.986  -9.916  -6.901  1.000 33.143 ? 112 LYS AAA CE  1 ? 
ATOM   627  N  NZ  . LYS A 1 73  ? -0.913  -9.745  -5.886  1.000 38.708 ? 112 LYS AAA NZ  1 ? 
ATOM   628  N  N   . ARG A 1 74  ? -5.540  -3.833  -6.977  1.000 11.196 ? 113 ARG AAA N   1 ? 
ATOM   629  C  CA  . ARG A 1 74  ? -6.798  -3.077  -6.865  1.000 11.125 ? 113 ARG AAA CA  1 ? 
ATOM   630  C  C   . ARG A 1 74  ? -6.895  -2.071  -8.005  1.000 11.312 ? 113 ARG AAA C   1 ? 
ATOM   631  O  O   . ARG A 1 74  ? -7.976  -1.891  -8.565  1.000 13.032 ? 113 ARG AAA O   1 ? 
ATOM   632  C  CB  . ARG A 1 74  ? -6.910  -2.406  -5.491  1.000 10.067 ? 113 ARG AAA CB  1 ? 
ATOM   633  C  CG  . ARG A 1 74  ? -7.242  -3.387  -4.373  1.000 10.131 ? 113 ARG AAA CG  1 ? 
ATOM   634  C  CD  . ARG A 1 74  ? -7.324  -2.700  -3.043  1.000 10.304 ? 113 ARG AAA CD  1 ? 
ATOM   635  N  NE  . ARG A 1 74  ? -7.793  -3.659  -2.035  1.000 10.646 ? 113 ARG AAA NE  1 ? 
ATOM   636  C  CZ  . ARG A 1 74  ? -8.208  -3.335  -0.842  1.000 10.219 ? 113 ARG AAA CZ  1 ? 
ATOM   637  N  NH1 . ARG A 1 74  ? -8.148  -2.101  -0.374  1.000 12.682 ? 113 ARG AAA NH1 1 ? 
ATOM   638  N  NH2 . ARG A 1 74  ? -8.784  -4.305  -0.109  1.000 12.415 ? 113 ARG AAA NH2 1 ? 
ATOM   639  N  N   . LEU A 1 75  ? -5.810  -1.375  -8.346  1.000 10.946 ? 114 LEU AAA N   1 ? 
ATOM   640  C  CA  . LEU A 1 75  ? -5.887  -0.401  -9.427  1.000 11.044 ? 114 LEU AAA CA  1 ? 
ATOM   641  C  C   . LEU A 1 75  ? -6.038  -1.117  -10.763 1.000 11.404 ? 114 LEU AAA C   1 ? 
ATOM   642  O  O   . LEU A 1 75  ? -6.890  -0.715  -11.570 1.000 14.412 ? 114 LEU AAA O   1 ? 
ATOM   643  C  CB  . LEU A 1 75  ? -4.618  0.459   -9.424  1.000 10.498 ? 114 LEU AAA CB  1 ? 
ATOM   644  C  CG  . LEU A 1 75  ? -4.578  1.488   -8.301  1.000 10.774 ? 114 LEU AAA CG  1 ? 
ATOM   645  C  CD1 . LEU A 1 75  ? -3.203  2.056   -8.122  1.000 12.466 ? 114 LEU AAA CD1 1 ? 
ATOM   646  C  CD2 . LEU A 1 75  ? -5.592  2.622   -8.571  1.000 11.032 ? 114 LEU AAA CD2 1 ? 
ATOM   647  N  N   . GLU A 1 76  ? -5.283  -2.182  -10.996 1.000 13.328 ? 115 GLU AAA N   1 ? 
ATOM   648  C  CA  . GLU A 1 76  ? -5.308  -2.841  -12.307 1.000 15.879 ? 115 GLU AAA CA  1 ? 
ATOM   649  C  C   . GLU A 1 76  ? -6.642  -3.547  -12.528 1.000 16.168 ? 115 GLU AAA C   1 ? 
ATOM   650  O  O   . GLU A 1 76  ? -7.130  -3.646  -13.668 1.000 18.753 ? 115 GLU AAA O   1 ? 
ATOM   651  C  CB  . GLU A 1 76  ? -4.131  -3.796  -12.502 1.000 16.569 ? 115 GLU AAA CB  1 ? 
ATOM   652  C  CG  . GLU A 1 76  ? -2.765  -3.135  -12.571 1.000 18.067 ? 115 GLU AAA CG  1 ? 
ATOM   653  C  CD  . GLU A 1 76  ? -1.580  -4.086  -12.549 1.000 21.708 ? 115 GLU AAA CD  1 ? 
ATOM   654  O  OE1 . GLU A 1 76  ? -1.752  -5.248  -12.152 1.000 29.403 ? 115 GLU AAA OE1 1 ? 
ATOM   655  O  OE2 . GLU A 1 76  ? -0.507  -3.602  -12.840 1.000 27.184 ? 115 GLU AAA OE2 1 ? 
ATOM   656  N  N   . ASN A 1 77  ? -7.262  -4.006  -11.448 1.000 15.690 ? 116 ASN AAA N   1 ? 
ATOM   657  C  CA  . ASN A 1 77  ? -8.521  -4.738  -11.549 1.000 17.896 ? 116 ASN AAA CA  1 ? 
ATOM   658  C  C   . ASN A 1 77  ? -9.711  -3.827  -11.281 1.000 16.747 ? 116 ASN AAA C   1 ? 
ATOM   659  O  O   . ASN A 1 77  ? -10.815 -4.373  -11.085 1.000 23.528 ? 116 ASN AAA O   1 ? 
ATOM   660  C  CB  . ASN A 1 77  ? -8.664  -5.807  -10.458 1.000 22.771 ? 116 ASN AAA CB  1 ? 
ATOM   661  C  CG  . ASN A 1 77  ? -7.681  -6.944  -10.507 1.000 30.226 ? 116 ASN AAA CG  1 ? 
ATOM   662  O  OD1 . ASN A 1 77  ? -6.780  -6.989  -11.353 1.000 32.451 ? 116 ASN AAA OD1 1 ? 
ATOM   663  N  ND2 . ASN A 1 77  ? -7.789  -7.810  -9.512  1.000 31.872 ? 116 ASN AAA ND2 1 ? 
ATOM   664  N  N   . ASN A 1 78  ? -9.564  -2.509  -11.302 1.000 17.207 ? 117 ASN AAA N   1 ? 
ATOM   665  C  CA  . ASN A 1 78  ? -10.635 -1.547  -11.025 1.000 17.167 ? 117 ASN AAA CA  1 ? 
ATOM   666  C  C   . ASN A 1 78  ? -11.485 -1.975  -9.824  1.000 16.903 ? 117 ASN AAA C   1 ? 
ATOM   667  O  O   . ASN A 1 78  ? -12.712 -2.210  -9.914  1.000 20.920 ? 117 ASN AAA O   1 ? 
ATOM   668  C  CB  . ASN A 1 78  ? -11.438 -1.244  -12.301 1.000 23.763 ? 117 ASN AAA CB  1 ? 
ATOM   669  C  CG  . ASN A 1 78  ? -10.554 -0.966  -13.510 1.000 25.220 ? 117 ASN AAA CG  1 ? 
ATOM   670  O  OD1 . ASN A 1 78  ? -9.977  0.114   -13.646 1.000 30.066 ? 117 ASN AAA OD1 1 ? 
ATOM   671  N  ND2 . ASN A 1 78  ? -10.457 -1.931  -14.415 1.000 32.543 ? 117 ASN AAA ND2 1 ? 
ATOM   672  N  N   . TYR A 1 79  ? -10.866 -2.015  -8.647  1.000 12.531 ? 118 TYR AAA N   1 ? 
ATOM   673  C  CA  . TYR A 1 79  ? -11.571 -2.355  -7.427  1.000 12.001 ? 118 TYR AAA CA  1 ? 
ATOM   674  C  C   . TYR A 1 79  ? -12.197 -1.126  -6.767  1.000 10.526 ? 118 TYR AAA C   1 ? 
ATOM   675  O  O   . TYR A 1 79  ? -13.105 -1.245  -5.998  1.000 10.895 ? 118 TYR AAA O   1 ? 
ATOM   676  C  CB  . TYR A 1 79  ? -10.532 -3.013  -6.508  1.000 11.522 ? 118 TYR AAA CB  1 ? 
ATOM   677  C  CG  . TYR A 1 79  ? -11.029 -3.384  -5.137  1.000 10.711 ? 118 TYR AAA CG  1 ? 
ATOM   678  C  CD1 . TYR A 1 79  ? -11.725 -4.555  -4.960  1.000 11.290 ? 118 TYR AAA CD1 1 ? 
ATOM   679  C  CD2 . TYR A 1 79  ? -10.773 -2.584  -4.021  1.000 11.535 ? 118 TYR AAA CD2 1 ? 
ATOM   680  C  CE1 . TYR A 1 79  ? -12.208 -4.910  -3.717  1.000 13.052 ? 118 TYR AAA CE1 1 ? 
ATOM   681  C  CE2 . TYR A 1 79  ? -11.228 -2.929  -2.771  1.000 12.386 ? 118 TYR AAA CE2 1 ? 
ATOM   682  C  CZ  . TYR A 1 79  ? -11.921 -4.114  -2.618  1.000 12.650 ? 118 TYR AAA CZ  1 ? 
ATOM   683  O  OH  . TYR A 1 79  ? -12.364 -4.427  -1.370  1.000 16.504 ? 118 TYR AAA OH  1 ? 
ATOM   684  N  N   . TYR A 1 80  ? -11.613 0.041   -7.061  1.000 9.987  ? 119 TYR AAA N   1 ? 
ATOM   685  C  CA  . TYR A 1 80  ? -11.952 1.238   -6.292  1.000 11.227 ? 119 TYR AAA CA  1 ? 
ATOM   686  C  C   . TYR A 1 80  ? -13.135 1.983   -6.893  1.000 11.736 ? 119 TYR AAA C   1 ? 
ATOM   687  O  O   . TYR A 1 80  ? -13.356 1.901   -8.108  1.000 12.650 ? 119 TYR AAA O   1 ? 
ATOM   688  C  CB  . TYR A 1 80  ? -10.760 2.185   -6.251  1.000 11.654 ? 119 TYR AAA CB  1 ? 
ATOM   689  C  CG  . TYR A 1 80  ? -9.566  1.654   -5.504  1.000 10.414 ? 119 TYR AAA CG  1 ? 
ATOM   690  C  CD1 . TYR A 1 80  ? -9.613  1.401   -4.146  1.000 10.135 ? 119 TYR AAA CD1 1 ? 
ATOM   691  C  CD2 . TYR A 1 80  ? -8.368  1.443   -6.167  1.000 10.405 ? 119 TYR AAA CD2 1 ? 
ATOM   692  C  CE1 . TYR A 1 80  ? -8.470  1.045   -3.418  1.000 9.707  ? 119 TYR AAA CE1 1 ? 
ATOM   693  C  CE2 . TYR A 1 80  ? -7.249  1.055   -5.473  1.000 9.859  ? 119 TYR AAA CE2 1 ? 
ATOM   694  C  CZ  . TYR A 1 80  ? -7.281  0.897   -4.113  1.000 9.823  ? 119 TYR AAA CZ  1 ? 
ATOM   695  O  OH  . TYR A 1 80  ? -6.123  0.516   -3.485  1.000 11.338 ? 119 TYR AAA OH  1 ? 
ATOM   696  N  N   . TRP A 1 81  ? -13.849 2.695   -6.020  1.000 10.473 ? 120 TRP AAA N   1 ? 
ATOM   697  C  CA  . TRP A 1 81  ? -14.831 3.697   -6.472  1.000 10.841 ? 120 TRP AAA CA  1 ? 
ATOM   698  C  C   . TRP A 1 81  ? -14.217 5.085   -6.633  1.000 9.863  ? 120 TRP AAA C   1 ? 
ATOM   699  O  O   . TRP A 1 81  ? -14.630 5.854   -7.500  1.000 11.567 ? 120 TRP AAA O   1 ? 
ATOM   700  C  CB  . TRP A 1 81  ? -16.009 3.755   -5.477  1.000 11.223 ? 120 TRP AAA CB  1 ? 
ATOM   701  C  CG  . TRP A 1 81  ? -17.110 4.691   -5.921  1.000 12.098 ? 120 TRP AAA CG  1 ? 
ATOM   702  C  CD1 . TRP A 1 81  ? -17.334 5.981   -5.499  1.000 13.648 ? 120 TRP AAA CD1 1 ? 
ATOM   703  C  CD2 . TRP A 1 81  ? -18.121 4.394   -6.898  1.000 11.188 ? 120 TRP AAA CD2 1 ? 
ATOM   704  N  NE1 . TRP A 1 81  ? -18.429 6.466   -6.163  1.000 14.298 ? 120 TRP AAA NE1 1 ? 
ATOM   705  C  CE2 . TRP A 1 81  ? -18.904 5.568   -7.070  1.000 12.006 ? 120 TRP AAA CE2 1 ? 
ATOM   706  C  CE3 . TRP A 1 81  ? -18.436 3.303   -7.715  1.000 11.882 ? 120 TRP AAA CE3 1 ? 
ATOM   707  C  CZ2 . TRP A 1 81  ? -19.998 5.586   -7.922  1.000 13.788 ? 120 TRP AAA CZ2 1 ? 
ATOM   708  C  CZ3 . TRP A 1 81  ? -19.502 3.342   -8.595  1.000 13.146 ? 120 TRP AAA CZ3 1 ? 
ATOM   709  C  CH2 . TRP A 1 81  ? -20.274 4.512   -8.716  1.000 13.118 ? 120 TRP AAA CH2 1 ? 
ATOM   710  N  N   . ASN A 1 82  ? -13.250 5.426   -5.792  1.000 11.663 ? 121 ASN AAA N   1 ? 
ATOM   711  C  CA  . ASN A 1 82  ? -12.704 6.779   -5.886  1.000 10.815 ? 121 ASN AAA CA  1 ? 
ATOM   712  C  C   . ASN A 1 82  ? -11.244 6.785   -5.438  1.000 10.770 ? 121 ASN AAA C   1 ? 
ATOM   713  O  O   . ASN A 1 82  ? -10.721 5.800   -4.895  1.000 11.291 ? 121 ASN AAA O   1 ? 
ATOM   714  C  CB  . ASN A 1 82  ? -13.575 7.776   -5.098  1.000 12.375 ? 121 ASN AAA CB  1 ? 
ATOM   715  C  CG  . ASN A 1 82  ? -13.631 7.515   -3.613  1.000 11.774 ? 121 ASN AAA CG  1 ? 
ATOM   716  O  OD1 . ASN A 1 82  ? -12.667 7.011   -3.023  1.000 13.290 ? 121 ASN AAA OD1 1 ? 
ATOM   717  N  ND2 . ASN A 1 82  ? -14.710 7.849   -2.928  1.000 13.471 ? 121 ASN AAA ND2 1 ? 
ATOM   718  N  N   . ALA A 1 83  ? -10.608 7.922   -5.636  1.000 10.743 ? 122 ALA AAA N   1 ? 
ATOM   719  C  CA  . ALA A 1 83  ? -9.196  8.062   -5.324  1.000 10.933 ? 122 ALA AAA CA  1 ? 
ATOM   720  C  C   . ALA A 1 83  ? -8.993  8.009   -3.837  1.000 10.764 ? 122 ALA AAA C   1 ? 
ATOM   721  O  O   . ALA A 1 83  ? -7.922  7.524   -3.435  1.000 11.139 ? 122 ALA AAA O   1 ? 
ATOM   722  C  CB  . ALA A 1 83  ? -8.723  9.398   -5.823  1.000 13.063 ? 122 ALA AAA CB  1 ? 
ATOM   723  N  N   . GLN A 1 84  ? -9.909  8.504   -3.034  1.000 10.387 ? 123 GLN AAA N   1 ? 
ATOM   724  C  CA  . GLN A 1 84  ? -9.717  8.531   -1.608  1.000 11.640 ? 123 GLN AAA CA  1 ? 
ATOM   725  C  C   . GLN A 1 84  ? -9.496  7.121   -1.079  1.000 10.328 ? 123 GLN AAA C   1 ? 
ATOM   726  O  O   . GLN A 1 84  ? -8.680  6.927   -0.166  1.000 10.413 ? 123 GLN AAA O   1 ? 
ATOM   727  C  CB  . GLN A 1 84  ? -10.898 9.154   -0.873  1.000 14.071 ? 123 GLN AAA CB  1 ? 
ATOM   728  C  CG  . GLN A 1 84  ? -10.606 9.399   0.614   1.000 18.342 ? 123 GLN AAA CG  1 ? 
ATOM   729  C  CD  . GLN A 1 84  ? -9.373  10.232  0.919   0.500 19.051 ? 123 GLN AAA CD  1 ? 
ATOM   730  O  OE1 . GLN A 1 84  ? -8.708  10.038  1.934   0.500 24.332 ? 123 GLN AAA OE1 1 ? 
ATOM   731  N  NE2 . GLN A 1 84  ? -9.025  11.172  0.048   0.500 22.421 ? 123 GLN AAA NE2 1 ? 
ATOM   732  N  N   . GLU A 1 85  ? -10.226 6.134   -1.597  1.000 9.646  ? 124 GLU AAA N   1 ? 
ATOM   733  C  CA  . GLU A 1 85  ? -10.021 4.760   -1.133  1.000 10.020 ? 124 GLU AAA CA  1 ? 
ATOM   734  C  C   . GLU A 1 85  ? -8.579  4.312   -1.376  1.000 9.984  ? 124 GLU AAA C   1 ? 
ATOM   735  O  O   . GLU A 1 85  ? -7.991  3.616   -0.537  1.000 10.441 ? 124 GLU AAA O   1 ? 
ATOM   736  C  CB  . GLU A 1 85  ? -10.965 3.794   -1.862  1.000 10.946 ? 124 GLU AAA CB  1 ? 
ATOM   737  C  CG  . GLU A 1 85  ? -12.444 3.944   -1.466  1.000 11.969 ? 124 GLU AAA CG  1 ? 
ATOM   738  C  CD  . GLU A 1 85  ? -13.424 3.088   -2.219  1.000 16.160 ? 124 GLU AAA CD  1 ? 
ATOM   739  O  OE1 . GLU A 1 85  ? -14.605 2.986   -1.764  1.000 20.589 ? 124 GLU AAA OE1 1 ? 
ATOM   740  O  OE2 . GLU A 1 85  ? -13.092 2.662   -3.277  1.000 18.254 ? 124 GLU AAA OE2 1 ? 
ATOM   741  N  N   . CYS A 1 86  ? -8.043  4.618   -2.527  1.000 9.254  ? 125 CYS AAA N   1 ? 
ATOM   742  C  CA  . CYS A 1 86  ? -6.695  4.191   -2.851  1.000 10.065 ? 125 CYS AAA CA  1 ? 
ATOM   743  C  C   . CYS A 1 86  ? -5.659  4.961   -2.050  1.000 9.884  ? 125 CYS AAA C   1 ? 
ATOM   744  O  O   . CYS A 1 86  ? -4.700  4.383   -1.528  1.000 9.632  ? 125 CYS AAA O   1 ? 
ATOM   745  C  CB  . CYS A 1 86  ? -6.504  4.387   -4.354  1.000 10.437 ? 125 CYS AAA CB  1 ? 
ATOM   746  S  SG  . CYS A 1 86  ? -4.851  3.994   -4.921  1.000 11.876 ? 125 CYS AAA SG  1 ? 
ATOM   747  N  N   . ILE A 1 87  ? -5.845  6.268   -1.926  1.000 9.812  ? 126 ILE AAA N   1 ? 
ATOM   748  C  CA  . ILE A 1 87  ? -4.950  7.070   -1.101  1.000 9.337  ? 126 ILE AAA CA  1 ? 
ATOM   749  C  C   . ILE A 1 87  ? -4.933  6.552   0.335   1.000 9.427  ? 126 ILE AAA C   1 ? 
ATOM   750  O  O   . ILE A 1 87  ? -3.873  6.496   0.992   1.000 10.429 ? 126 ILE AAA O   1 ? 
ATOM   751  C  CB  . ILE A 1 87  ? -5.358  8.555   -1.204  1.000 10.966 ? 126 ILE AAA CB  1 ? 
ATOM   752  C  CG1 . ILE A 1 87  ? -5.030  9.061   -2.604  1.000 11.699 ? 126 ILE AAA CG1 1 ? 
ATOM   753  C  CG2 . ILE A 1 87  ? -4.635  9.377   -0.146  1.000 11.996 ? 126 ILE AAA CG2 1 ? 
ATOM   754  C  CD1 . ILE A 1 87  ? -5.662  10.441  -2.910  1.000 13.235 ? 126 ILE AAA CD1 1 ? 
ATOM   755  N  N   . GLN A 1 88  ? -6.107  6.162   0.850   1.000 10.087 ? 127 GLN AAA N   1 ? 
ATOM   756  C  CA  . GLN A 1 88  ? -6.159  5.607   2.191   1.000 11.410 ? 127 GLN AAA CA  1 ? 
ATOM   757  C  C   . GLN A 1 88  ? -5.331  4.321   2.268   1.000 9.895  ? 127 GLN AAA C   1 ? 
ATOM   758  O  O   . GLN A 1 88  ? -4.683  4.103   3.283   1.000 10.129 ? 127 GLN AAA O   1 ? 
ATOM   759  C  CB  . GLN A 1 88  ? -7.605  5.348   2.593   1.000 12.949 ? 127 GLN AAA CB  1 ? 
ATOM   760  C  CG  . GLN A 1 88  ? -7.779  4.701   3.971   1.000 17.581 ? 127 GLN AAA CG  1 ? 
ATOM   761  C  CD  . GLN A 1 88  ? -7.111  5.483   5.083   1.000 23.938 ? 127 GLN AAA CD  1 ? 
ATOM   762  O  OE1 . GLN A 1 88  ? -6.164  5.028   5.738   1.000 28.769 ? 127 GLN AAA OE1 1 ? 
ATOM   763  N  NE2 . GLN A 1 88  ? -7.528  6.724   5.275   1.000 27.040 ? 127 GLN AAA NE2 1 ? 
ATOM   764  N  N   . ASP A 1 89  ? -5.351  3.476   1.250   1.000 8.856  ? 128 ASP AAA N   1 ? 
ATOM   765  C  CA  . ASP A 1 89  ? -4.536  2.264   1.256   1.000 8.965  ? 128 ASP AAA CA  1 ? 
ATOM   766  C  C   . ASP A 1 89  ? -3.053  2.608   1.319   1.000 8.713  ? 128 ASP AAA C   1 ? 
ATOM   767  O  O   . ASP A 1 89  ? -2.330  1.991   2.098   1.000 9.018  ? 128 ASP AAA O   1 ? 
ATOM   768  C  CB  . ASP A 1 89  ? -4.827  1.427   0.025   1.000 9.900  ? 128 ASP AAA CB  1 ? 
ATOM   769  C  CG  . ASP A 1 89  ? -6.158  0.672   0.084   1.000 11.111 ? 128 ASP AAA CG  1 ? 
ATOM   770  O  OD1 . ASP A 1 89  ? -6.735  0.577   1.176   1.000 12.398 ? 128 ASP AAA OD1 1 ? 
ATOM   771  O  OD2 . ASP A 1 89  ? -6.589  0.132   -0.961  1.000 12.183 ? 128 ASP AAA OD2 1 ? 
ATOM   772  N  N   . PHE A 1 90  ? -2.589  3.586   0.555   1.000 8.350  ? 129 PHE AAA N   1 ? 
ATOM   773  C  CA  . PHE A 1 90  ? -1.195  3.978   0.660   1.000 9.335  ? 129 PHE AAA CA  1 ? 
ATOM   774  C  C   . PHE A 1 90  ? -0.903  4.484   2.070   1.000 9.845  ? 129 PHE AAA C   1 ? 
ATOM   775  O  O   . PHE A 1 90  ? 0.117   4.095   2.653   1.000 9.719  ? 129 PHE AAA O   1 ? 
ATOM   776  C  CB  . PHE A 1 90  ? -0.840  5.049   -0.359  1.000 10.856 ? 129 PHE AAA CB  1 ? 
ATOM   777  C  CG  . PHE A 1 90  ? -0.519  4.566   -1.739  1.000 9.956  ? 129 PHE AAA CG  1 ? 
ATOM   778  C  CD1 . PHE A 1 90  ? 0.718   4.036   -2.041  1.000 10.964 ? 129 PHE AAA CD1 1 ? 
ATOM   779  C  CD2 . PHE A 1 90  ? -1.451  4.678   -2.760  1.000 11.050 ? 129 PHE AAA CD2 1 ? 
ATOM   780  C  CE1 . PHE A 1 90  ? 1.007   3.674   -3.349  1.000 12.030 ? 129 PHE AAA CE1 1 ? 
ATOM   781  C  CE2 . PHE A 1 90  ? -1.177  4.266   -4.066  1.000 11.527 ? 129 PHE AAA CE2 1 ? 
ATOM   782  C  CZ  . PHE A 1 90  ? 0.070   3.760   -4.337  1.000 13.395 ? 129 PHE AAA CZ  1 ? 
ATOM   783  N  N   . ASN A 1 91  ? -1.746  5.331   2.627   1.000 9.524  ? 130 ASN AAA N   1 ? 
ATOM   784  C  CA  . ASN A 1 91  ? -1.498  5.850   3.955   1.000 10.796 ? 130 ASN AAA CA  1 ? 
ATOM   785  C  C   . ASN A 1 91  ? -1.497  4.736   4.985   1.000 11.083 ? 130 ASN AAA C   1 ? 
ATOM   786  O  O   . ASN A 1 91  ? -0.706  4.786   5.941   1.000 11.605 ? 130 ASN AAA O   1 ? 
ATOM   787  C  CB  . ASN A 1 91  ? -2.463  6.971   4.295   1.000 12.913 ? 130 ASN AAA CB  1 ? 
ATOM   788  C  CG  . ASN A 1 91  ? -2.021  8.220   3.536   1.000 17.430 ? 130 ASN AAA CG  1 ? 
ATOM   789  O  OD1 . ASN A 1 91  ? -0.825  8.481   3.351   1.000 23.571 ? 130 ASN AAA OD1 1 ? 
ATOM   790  N  ND2 . ASN A 1 91  ? -2.951  8.949   2.994   1.000 20.119 ? 130 ASN AAA ND2 1 ? 
ATOM   791  N  N   . THR A 1 92  ? -2.367  3.770   4.843   1.000 10.032 ? 131 THR AAA N   1 ? 
ATOM   792  C  CA  . THR A 1 92  ? -2.363  2.652   5.772   1.000 11.367 ? 131 THR AAA CA  1 ? 
ATOM   793  C  C   . THR A 1 92  ? -1.023  1.934   5.694   1.000 9.911  ? 131 THR AAA C   1 ? 
ATOM   794  O  O   . THR A 1 92  ? -0.472  1.519   6.739   1.000 9.943  ? 131 THR AAA O   1 ? 
ATOM   795  C  CB  . THR A 1 92  ? -3.516  1.710   5.435   1.000 10.425 ? 131 THR AAA CB  1 ? 
ATOM   796  O  OG1 . THR A 1 92  ? -4.721  2.409   5.718   1.000 13.770 ? 131 THR AAA OG1 1 ? 
ATOM   797  C  CG2 . THR A 1 92  ? -3.514  0.417   6.216   1.000 12.293 ? 131 THR AAA CG2 1 ? 
ATOM   798  N  N   . MET A 1 93  ? -0.549  1.628   4.482   1.000 9.036  ? 132 MET AAA N   1 ? 
ATOM   799  C  CA  . MET A 1 93  ? 0.739   0.965   4.350   1.000 9.890  ? 132 MET AAA CA  1 ? 
ATOM   800  C  C   . MET A 1 93  ? 1.853   1.721   5.055   1.000 9.670  ? 132 MET AAA C   1 ? 
ATOM   801  O  O   . MET A 1 93  ? 2.620   1.112   5.816   1.000 10.253 ? 132 MET AAA O   1 ? 
ATOM   802  C  CB  . MET A 1 93  ? 1.053   0.840   2.882   1.000 9.455  ? 132 MET AAA CB  1 ? 
ATOM   803  C  CG  . MET A 1 93  ? 2.402   0.207   2.606   1.000 11.131 ? 132 MET AAA CG  1 ? 
ATOM   804  S  SD  . MET A 1 93  ? 2.721   0.137   0.828   1.000 11.474 ? 132 MET AAA SD  1 ? 
ATOM   805  C  CE  . MET A 1 93  ? 3.229   1.823   0.532   1.000 14.387 ? 132 MET AAA CE  1 ? 
ATOM   806  N  N   . PHE A 1 94  ? 1.912   3.025   4.871   1.000 9.706  ? 133 PHE AAA N   1 ? 
ATOM   807  C  CA  . PHE A 1 94  ? 2.979   3.774   5.539   1.000 10.409 ? 133 PHE AAA CA  1 ? 
ATOM   808  C  C   . PHE A 1 94  ? 2.788   3.740   7.050   1.000 10.226 ? 133 PHE AAA C   1 ? 
ATOM   809  O  O   . PHE A 1 94  ? 3.762   3.531   7.802   1.000 10.761 ? 133 PHE AAA O   1 ? 
ATOM   810  C  CB  . PHE A 1 94  ? 3.044   5.221   5.053   1.000 11.130 ? 133 PHE AAA CB  1 ? 
ATOM   811  C  CG  . PHE A 1 94  ? 3.323   5.372   3.580   1.000 11.529 ? 133 PHE AAA CG  1 ? 
ATOM   812  C  CD1 . PHE A 1 94  ? 4.409   4.729   3.009   1.000 14.436 ? 133 PHE AAA CD1 1 ? 
ATOM   813  C  CD2 . PHE A 1 94  ? 2.539   6.171   2.748   1.000 12.888 ? 133 PHE AAA CD2 1 ? 
ATOM   814  C  CE1 . PHE A 1 94  ? 4.710   4.928   1.668   1.000 15.365 ? 133 PHE AAA CE1 1 ? 
ATOM   815  C  CE2 . PHE A 1 94  ? 2.839   6.304   1.394   1.000 15.544 ? 133 PHE AAA CE2 1 ? 
ATOM   816  C  CZ  . PHE A 1 94  ? 3.922   5.696   0.873   1.000 15.384 ? 133 PHE AAA CZ  1 ? 
ATOM   817  N  N   . THR A 1 95  ? 1.578   4.004   7.522   1.000 11.211 ? 134 THR AAA N   1 ? 
ATOM   818  C  CA  A THR A 1 95  ? 1.409   4.084   8.950   0.500 11.928 ? 134 THR AAA CA  1 ? 
ATOM   819  C  CA  B THR A 1 95  ? 1.266   4.047   8.939   0.500 11.205 ? 134 THR AAA CA  1 ? 
ATOM   820  C  C   . THR A 1 95  ? 1.628   2.722   9.598   1.000 10.983 ? 134 THR AAA C   1 ? 
ATOM   821  O  O   . THR A 1 95  ? 2.152   2.697   10.710  1.000 11.745 ? 134 THR AAA O   1 ? 
ATOM   822  C  CB  A THR A 1 95  ? 0.161   4.880   9.310   0.500 12.718 ? 134 THR AAA CB  1 ? 
ATOM   823  C  CB  B THR A 1 95  ? -0.217  4.333   9.190   0.500 11.208 ? 134 THR AAA CB  1 ? 
ATOM   824  O  OG1 A THR A 1 95  ? -0.896  4.120   8.745   0.500 17.328 ? 134 THR AAA OG1 1 ? 
ATOM   825  O  OG1 B THR A 1 95  ? -0.514  5.637   8.714   0.500 12.704 ? 134 THR AAA OG1 1 ? 
ATOM   826  C  CG2 A THR A 1 95  ? 0.208   6.273   8.722   0.500 13.363 ? 134 THR AAA CG2 1 ? 
ATOM   827  C  CG2 B THR A 1 95  ? -0.579  4.268   10.657  0.500 12.137 ? 134 THR AAA CG2 1 ? 
ATOM   828  N  N   . ASN A 1 96  ? 1.310   1.610   8.942   1.000 10.498 ? 135 ASN AAA N   1 ? 
ATOM   829  C  CA  . ASN A 1 96  ? 1.601   0.319   9.540   1.000 10.223 ? 135 ASN AAA CA  1 ? 
ATOM   830  C  C   . ASN A 1 96  ? 3.093   0.209   9.837   1.000 11.110 ? 135 ASN AAA C   1 ? 
ATOM   831  O  O   . ASN A 1 96  ? 3.509   -0.342  10.857  1.000 10.408 ? 135 ASN AAA O   1 ? 
ATOM   832  C  CB  . ASN A 1 96  ? 1.205   -0.813  8.590   1.000 11.054 ? 135 ASN AAA CB  1 ? 
ATOM   833  C  CG  . ASN A 1 96  ? -0.302  -1.002  8.478   1.000 12.186 ? 135 ASN AAA CG  1 ? 
ATOM   834  O  OD1 . ASN A 1 96  ? -1.047  -0.504  9.286   1.000 13.605 ? 135 ASN AAA OD1 1 ? 
ATOM   835  N  ND2 . ASN A 1 96  ? -0.677  -1.732  7.478   1.000 15.579 ? 135 ASN AAA ND2 1 ? 
ATOM   836  N  N   . CYS A 1 97  ? 3.902   0.649   8.899   1.000 9.531  ? 136 CYS AAA N   1 ? 
ATOM   837  C  CA  . CYS A 1 97  ? 5.347   0.560   9.051   1.000 10.324 ? 136 CYS AAA CA  1 ? 
ATOM   838  C  C   . CYS A 1 97  ? 5.838   1.401   10.236  1.000 9.978  ? 136 CYS AAA C   1 ? 
ATOM   839  O  O   . CYS A 1 97  ? 6.641   0.939   11.036  1.000 10.235 ? 136 CYS AAA O   1 ? 
ATOM   840  C  CB  . CYS A 1 97  ? 5.968   1.055   7.759   1.000 11.460 ? 136 CYS AAA CB  1 ? 
ATOM   841  S  SG  . CYS A 1 97  ? 7.741   0.891   7.715   1.000 14.456 ? 136 CYS AAA SG  1 ? 
ATOM   842  N  N   . TYR A 1 98  ? 5.271   2.590   10.346  1.000 9.037  ? 137 TYR AAA N   1 ? 
ATOM   843  C  CA  . TYR A 1 98  ? 5.694   3.486   11.392  1.000 10.793 ? 137 TYR AAA CA  1 ? 
ATOM   844  C  C   . TYR A 1 98  ? 5.222   3.007   12.755  1.000 12.107 ? 137 TYR AAA C   1 ? 
ATOM   845  O  O   . TYR A 1 98  ? 5.880   3.297   13.769  1.000 13.910 ? 137 TYR AAA O   1 ? 
ATOM   846  C  CB  . TYR A 1 98  ? 5.166   4.891   11.129  1.000 10.827 ? 137 TYR AAA CB  1 ? 
ATOM   847  C  CG  . TYR A 1 98  ? 5.568   5.441   9.788   1.000 11.231 ? 137 TYR AAA CG  1 ? 
ATOM   848  C  CD1 . TYR A 1 98  ? 6.775   5.100   9.190   1.000 11.468 ? 137 TYR AAA CD1 1 ? 
ATOM   849  C  CD2 . TYR A 1 98  ? 4.735   6.316   9.110   1.000 11.195 ? 137 TYR AAA CD2 1 ? 
ATOM   850  C  CE1 . TYR A 1 98  ? 7.155   5.606   7.956   1.000 11.967 ? 137 TYR AAA CE1 1 ? 
ATOM   851  C  CE2 . TYR A 1 98  ? 5.118   6.857   7.890   1.000 11.966 ? 137 TYR AAA CE2 1 ? 
ATOM   852  C  CZ  . TYR A 1 98  ? 6.318   6.483   7.314   1.000 12.935 ? 137 TYR AAA CZ  1 ? 
ATOM   853  O  OH  . TYR A 1 98  ? 6.701   6.961   6.091   1.000 14.893 ? 137 TYR AAA OH  1 ? 
ATOM   854  N  N   . ILE A 1 99  ? 4.093   2.318   12.823  1.000 11.772 ? 138 ILE AAA N   1 ? 
ATOM   855  C  CA  . ILE A 1 99  ? 3.573   1.783   14.084  1.000 12.466 ? 138 ILE AAA CA  1 ? 
ATOM   856  C  C   . ILE A 1 99  ? 4.399   0.594   14.517  1.000 12.409 ? 138 ILE AAA C   1 ? 
ATOM   857  O  O   . ILE A 1 99  ? 4.738   0.492   15.710  1.000 14.674 ? 138 ILE AAA O   1 ? 
ATOM   858  C  CB  . ILE A 1 99  ? 2.080   1.400   13.939  1.000 15.326 ? 138 ILE AAA CB  1 ? 
ATOM   859  C  CG1 . ILE A 1 99  ? 1.200   2.652   13.820  1.000 17.057 ? 138 ILE AAA CG1 1 ? 
ATOM   860  C  CG2 . ILE A 1 99  ? 1.619   0.523   15.105  1.000 15.947 ? 138 ILE AAA CG2 1 ? 
ATOM   861  C  CD1 . ILE A 1 99  ? -0.219  2.316   13.487  1.000 24.809 ? 138 ILE AAA CD1 1 ? 
ATOM   862  N  N   . TYR A 1 100 ? 4.716   -0.320  13.608  1.000 11.189 ? 139 TYR AAA N   1 ? 
ATOM   863  C  CA  . TYR A 1 100 ? 5.344   -1.565  14.004  1.000 11.031 ? 139 TYR AAA CA  1 ? 
ATOM   864  C  C   . TYR A 1 100 ? 6.820   -1.367  14.317  1.000 11.673 ? 139 TYR AAA C   1 ? 
ATOM   865  O  O   . TYR A 1 100 ? 7.355   -2.093  15.164  1.000 12.458 ? 139 TYR AAA O   1 ? 
ATOM   866  C  CB  . TYR A 1 100 ? 5.138   -2.641  12.932  1.000 10.903 ? 139 TYR AAA CB  1 ? 
ATOM   867  C  CG  . TYR A 1 100 ? 5.658   -3.975  13.387  1.000 10.815 ? 139 TYR AAA CG  1 ? 
ATOM   868  C  CD1 . TYR A 1 100 ? 4.926   -4.746  14.288  1.000 12.134 ? 139 TYR AAA CD1 1 ? 
ATOM   869  C  CD2 . TYR A 1 100 ? 6.883   -4.444  12.946  1.000 11.054 ? 139 TYR AAA CD2 1 ? 
ATOM   870  C  CE1 . TYR A 1 100 ? 5.403   -5.948  14.751  1.000 13.148 ? 139 TYR AAA CE1 1 ? 
ATOM   871  C  CE2 . TYR A 1 100 ? 7.367   -5.645  13.426  1.000 12.461 ? 139 TYR AAA CE2 1 ? 
ATOM   872  C  CZ  . TYR A 1 100 ? 6.617   -6.395  14.312  1.000 12.725 ? 139 TYR AAA CZ  1 ? 
ATOM   873  O  OH  . TYR A 1 100 ? 7.114   -7.611  14.767  1.000 16.259 ? 139 TYR AAA OH  1 ? 
ATOM   874  N  N   . ASN A 1 101 ? 7.502   -0.513  13.570  1.000 11.283 ? 140 ASN AAA N   1 ? 
ATOM   875  C  CA  . ASN A 1 101 ? 8.959   -0.479  13.574  1.000 12.203 ? 140 ASN AAA CA  1 ? 
ATOM   876  C  C   . ASN A 1 101 ? 9.468   0.697   14.393  1.000 14.056 ? 140 ASN AAA C   1 ? 
ATOM   877  O  O   . ASN A 1 101 ? 8.792   1.718   14.519  1.000 17.827 ? 140 ASN AAA O   1 ? 
ATOM   878  C  CB  . ASN A 1 101 ? 9.485   -0.453  12.142  1.000 12.041 ? 140 ASN AAA CB  1 ? 
ATOM   879  C  CG  . ASN A 1 101 ? 9.107   -1.701  11.387  1.000 12.246 ? 140 ASN AAA CG  1 ? 
ATOM   880  O  OD1 . ASN A 1 101 ? 9.739   -2.737  11.566  1.000 14.854 ? 140 ASN AAA OD1 1 ? 
ATOM   881  N  ND2 . ASN A 1 101 ? 8.103   -1.610  10.529  1.000 13.823 ? 140 ASN AAA ND2 1 ? 
ATOM   882  N  N   . LYS A 1 102 ? 10.732  0.615   14.788  1.000 15.818 ? 141 LYS AAA N   1 ? 
ATOM   883  C  CA  . LYS A 1 102 ? 11.373  1.684   15.557  1.000 17.040 ? 141 LYS AAA CA  1 ? 
ATOM   884  C  C   . LYS A 1 102 ? 11.712  2.830   14.612  1.000 15.914 ? 141 LYS AAA C   1 ? 
ATOM   885  O  O   . LYS A 1 102 ? 12.138  2.645   13.458  1.000 15.085 ? 141 LYS AAA O   1 ? 
ATOM   886  C  CB  . LYS A 1 102 ? 12.652  1.192   16.241  1.000 19.509 ? 141 LYS AAA CB  1 ? 
ATOM   887  C  CG  . LYS A 1 102 ? 12.428  0.142   17.326  1.000 26.100 ? 141 LYS AAA CG  1 ? 
ATOM   888  C  CD  . LYS A 1 102 ? 13.686  -0.328  18.030  0.500 27.274 ? 141 LYS AAA CD  1 ? 
ATOM   889  C  CE  . LYS A 1 102 ? 13.644  -1.804  18.366  0.500 31.000 ? 141 LYS AAA CE  1 ? 
ATOM   890  N  NZ  . LYS A 1 102 ? 14.266  -2.081  19.682  1.000 36.470 ? 141 LYS AAA NZ  1 ? 
ATOM   891  N  N   . PRO A 1 103 ? 11.608  4.104   15.034  1.000 15.584 ? 142 PRO AAA N   1 ? 
ATOM   892  C  CA  . PRO A 1 103 ? 12.037  5.217   14.181  1.000 17.098 ? 142 PRO AAA CA  1 ? 
ATOM   893  C  C   . PRO A 1 103 ? 13.495  5.048   13.771  1.000 19.663 ? 142 PRO AAA C   1 ? 
ATOM   894  O  O   . PRO A 1 103 ? 14.292  4.505   14.532  1.000 20.297 ? 142 PRO AAA O   1 ? 
ATOM   895  C  CB  . PRO A 1 103 ? 11.851  6.496   15.023  1.000 18.827 ? 142 PRO AAA CB  1 ? 
ATOM   896  C  CG  . PRO A 1 103 ? 11.274  6.036   16.334  1.000 20.581 ? 142 PRO AAA CG  1 ? 
ATOM   897  C  CD  . PRO A 1 103 ? 11.039  4.539   16.327  1.000 16.299 ? 142 PRO AAA CD  1 ? 
ATOM   898  N  N   . GLY A 1 104 ? 13.831  5.447   12.553  1.000 21.603 ? 143 GLY AAA N   1 ? 
ATOM   899  C  CA  . GLY A 1 104 ? 15.213  5.209   12.156  1.000 21.428 ? 143 GLY AAA CA  1 ? 
ATOM   900  C  C   . GLY A 1 104 ? 15.598  3.769   11.742  1.000 21.275 ? 143 GLY AAA C   1 ? 
ATOM   901  O  O   . GLY A 1 104 ? 16.679  3.630   11.147  1.000 23.597 ? 143 GLY AAA O   1 ? 
ATOM   902  N  N   . ASP A 1 105 ? 14.801  2.708   12.044  1.000 17.379 ? 144 ASP AAA N   1 ? 
ATOM   903  C  CA  . ASP A 1 105 ? 14.953  1.402   11.411  1.000 16.073 ? 144 ASP AAA CA  1 ? 
ATOM   904  C  C   . ASP A 1 105 ? 15.007  1.549   9.885   1.000 13.751 ? 144 ASP AAA C   1 ? 
ATOM   905  O  O   . ASP A 1 105 ? 14.368  2.424   9.313   1.000 12.770 ? 144 ASP AAA O   1 ? 
ATOM   906  C  CB  . ASP A 1 105 ? 13.817  0.414   11.736  1.000 17.885 ? 144 ASP AAA CB  1 ? 
ATOM   907  C  CG  . ASP A 1 105 ? 13.891  -0.323  13.067  1.000 22.006 ? 144 ASP AAA CG  1 ? 
ATOM   908  O  OD1 . ASP A 1 105 ? 14.873  -0.111  13.770  1.000 26.286 ? 144 ASP AAA OD1 1 ? 
ATOM   909  O  OD2 . ASP A 1 105 ? 12.933  -1.088  13.392  1.000 26.489 ? 144 ASP AAA OD2 1 ? 
ATOM   910  N  N   . ASP A 1 106 ? 15.795  0.705   9.206   1.000 12.129 ? 145 ASP AAA N   1 ? 
ATOM   911  C  CA  . ASP A 1 106 ? 15.883  0.786   7.772   1.000 11.648 ? 145 ASP AAA CA  1 ? 
ATOM   912  C  C   . ASP A 1 106 ? 14.518  0.796   7.101   1.000 11.020 ? 145 ASP AAA C   1 ? 
ATOM   913  O  O   . ASP A 1 106 ? 14.322  1.596   6.197   1.000 10.431 ? 145 ASP AAA O   1 ? 
ATOM   914  C  CB  . ASP A 1 106 ? 16.670  -0.391  7.215   1.000 12.130 ? 145 ASP AAA CB  1 ? 
ATOM   915  C  CG  . ASP A 1 106 ? 18.172  -0.233  7.363   1.000 14.421 ? 145 ASP AAA CG  1 ? 
ATOM   916  O  OD1 . ASP A 1 106 ? 18.646  0.836   7.663   1.000 15.397 ? 145 ASP AAA OD1 1 ? 
ATOM   917  O  OD2 . ASP A 1 106 ? 18.839  -1.260  7.194   1.000 16.622 ? 145 ASP AAA OD2 1 ? 
ATOM   918  N  N   A ILE A 1 107 ? 13.608  -0.056  7.555   0.500 9.767  ? 146 ILE AAA N   1 ? 
ATOM   919  N  N   B ILE A 1 107 ? 13.592  -0.063  7.513   0.500 10.044 ? 146 ILE AAA N   1 ? 
ATOM   920  C  CA  A ILE A 1 107 ? 12.325  -0.178  6.875   0.500 10.633 ? 146 ILE AAA CA  1 ? 
ATOM   921  C  CA  B ILE A 1 107 ? 12.347  -0.074  6.750   0.500 10.969 ? 146 ILE AAA CA  1 ? 
ATOM   922  C  C   A ILE A 1 107 ? 11.529  1.135   6.988   0.500 9.909  ? 146 ILE AAA C   1 ? 
ATOM   923  C  C   B ILE A 1 107 ? 11.607  1.260   6.911   0.500 10.096 ? 146 ILE AAA C   1 ? 
ATOM   924  O  O   A ILE A 1 107 ? 10.752  1.477   6.091   0.500 9.143  ? 146 ILE AAA O   1 ? 
ATOM   925  O  O   B ILE A 1 107 ? 10.917  1.707   5.996   0.500 9.436  ? 146 ILE AAA O   1 ? 
ATOM   926  C  CB  A ILE A 1 107 ? 11.591  -1.395  7.452   0.500 10.567 ? 146 ILE AAA CB  1 ? 
ATOM   927  C  CB  B ILE A 1 107 ? 11.458  -1.276  7.104   0.500 11.809 ? 146 ILE AAA CB  1 ? 
ATOM   928  C  CG1 A ILE A 1 107 ? 10.357  -1.738  6.618   0.500 10.685 ? 146 ILE AAA CG1 1 ? 
ATOM   929  C  CG1 B ILE A 1 107 ? 10.366  -1.456  6.049   0.500 13.047 ? 146 ILE AAA CG1 1 ? 
ATOM   930  C  CG2 A ILE A 1 107 ? 11.230  -1.189  8.912   0.500 10.281 ? 146 ILE AAA CG2 1 ? 
ATOM   931  C  CG2 B ILE A 1 107 ? 10.913  -1.270  8.535   0.500 11.484 ? 146 ILE AAA CG2 1 ? 
ATOM   932  C  CD1 A ILE A 1 107 ? 10.628  -2.180  5.190   0.500 11.703 ? 146 ILE AAA CD1 1 ? 
ATOM   933  C  CD1 B ILE A 1 107 ? 9.534   -2.659  6.272   0.500 14.564 ? 146 ILE AAA CD1 1 ? 
ATOM   934  N  N   . VAL A 1 108 ? 11.738  1.879   8.091   1.000 9.802  ? 147 VAL AAA N   1 ? 
ATOM   935  C  CA  . VAL A 1 108 ? 11.076  3.151   8.293   1.000 10.321 ? 147 VAL AAA CA  1 ? 
ATOM   936  C  C   . VAL A 1 108 ? 11.704  4.192   7.365   1.000 9.872  ? 147 VAL AAA C   1 ? 
ATOM   937  O  O   . VAL A 1 108 ? 10.997  4.996   6.760   1.000 10.283 ? 147 VAL AAA O   1 ? 
ATOM   938  C  CB  . VAL A 1 108 ? 11.165  3.560   9.752   1.000 10.586 ? 147 VAL AAA CB  1 ? 
ATOM   939  C  CG1 . VAL A 1 108 ? 10.674  4.994   9.948   1.000 11.552 ? 147 VAL AAA CG1 1 ? 
ATOM   940  C  CG2 . VAL A 1 108 ? 10.319  2.618   10.583  1.000 11.962 ? 147 VAL AAA CG2 1 ? 
ATOM   941  N  N   . LEU A 1 109 ? 13.051  4.218   7.237   1.000 9.879  ? 148 LEU AAA N   1 ? 
ATOM   942  C  CA  . LEU A 1 109 ? 13.659  5.181   6.314   1.000 10.722 ? 148 LEU AAA CA  1 ? 
ATOM   943  C  C   . LEU A 1 109 ? 13.199  4.896   4.887   1.000 10.320 ? 148 LEU AAA C   1 ? 
ATOM   944  O  O   . LEU A 1 109 ? 13.000  5.821   4.093   1.000 11.051 ? 148 LEU AAA O   1 ? 
ATOM   945  C  CB  . LEU A 1 109 ? 15.177  5.020   6.383   1.000 12.499 ? 148 LEU AAA CB  1 ? 
ATOM   946  C  CG  . LEU A 1 109 ? 15.764  5.346   7.758   1.000 16.528 ? 148 LEU AAA CG  1 ? 
ATOM   947  C  CD1 . LEU A 1 109 ? 17.264  5.059   7.734   1.000 18.990 ? 148 LEU AAA CD1 1 ? 
ATOM   948  C  CD2 . LEU A 1 109 ? 15.514  6.802   8.129   1.000 21.438 ? 148 LEU AAA CD2 1 ? 
ATOM   949  N  N   . MET A 1 110 ? 12.996  3.623   4.552   1.000 9.971  ? 149 MET AAA N   1 ? 
ATOM   950  C  CA  . MET A 1 110 ? 12.564  3.277   3.207   1.000 10.012 ? 149 MET AAA CA  1 ? 
ATOM   951  C  C   . MET A 1 110 ? 11.132  3.767   2.991   1.000 9.627  ? 149 MET AAA C   1 ? 
ATOM   952  O  O   . MET A 1 110 ? 10.819  4.388   1.959   1.000 10.255 ? 149 MET AAA O   1 ? 
ATOM   953  C  CB  . MET A 1 110 ? 12.642  1.761   3.037   1.000 10.405 ? 149 MET AAA CB  1 ? 
ATOM   954  C  CG  . MET A 1 110 ? 14.115  1.304   3.043   1.000 10.703 ? 149 MET AAA CG  1 ? 
ATOM   955  S  SD  . MET A 1 110 ? 14.316  -0.472  3.218   1.000 12.461 ? 149 MET AAA SD  1 ? 
ATOM   956  C  CE  . MET A 1 110 ? 14.243  -0.886  1.497   1.000 14.220 ? 149 MET AAA CE  1 ? 
ATOM   957  N  N   . ALA A 1 111 ? 10.241  3.480   3.947   1.000 9.178  ? 150 ALA AAA N   1 ? 
ATOM   958  C  CA  . ALA A 1 111 ? 8.878   3.973   3.874   1.000 9.118  ? 150 ALA AAA CA  1 ? 
ATOM   959  C  C   . ALA A 1 111 ? 8.830   5.482   3.775   1.000 10.275 ? 150 ALA AAA C   1 ? 
ATOM   960  O  O   . ALA A 1 111 ? 8.042   6.038   3.011   1.000 10.980 ? 150 ALA AAA O   1 ? 
ATOM   961  C  CB  . ALA A 1 111 ? 8.033   3.480   5.031   1.000 10.100 ? 150 ALA AAA CB  1 ? 
ATOM   962  N  N   . GLU A 1 112 ? 9.630   6.189   4.563   1.000 10.211 ? 151 GLU AAA N   1 ? 
ATOM   963  C  CA  . GLU A 1 112 ? 9.628   7.633   4.519   1.000 11.615 ? 151 GLU AAA CA  1 ? 
ATOM   964  C  C   . GLU A 1 112 ? 10.045  8.169   3.170   1.000 11.240 ? 151 GLU AAA C   1 ? 
ATOM   965  O  O   . GLU A 1 112 ? 9.487   9.191   2.739   1.000 11.501 ? 151 GLU AAA O   1 ? 
ATOM   966  C  CB  . GLU A 1 112 ? 10.539  8.201   5.592   1.000 12.718 ? 151 GLU AAA CB  1 ? 
ATOM   967  C  CG  . GLU A 1 112 ? 9.949   8.036   6.980   1.000 15.480 ? 151 GLU AAA CG  1 ? 
ATOM   968  C  CD  . GLU A 1 112 ? 10.823  8.431   8.153   1.000 21.361 ? 151 GLU AAA CD  1 ? 
ATOM   969  O  OE1 . GLU A 1 112 ? 12.057  8.289   8.095   1.000 23.758 ? 151 GLU AAA OE1 1 ? 
ATOM   970  O  OE2 . GLU A 1 112 ? 10.228  8.882   9.148   1.000 28.722 ? 151 GLU AAA OE2 1 ? 
ATOM   971  N  N   . ALA A 1 113 ? 11.024  7.555   2.495   1.000 11.111 ? 152 ALA AAA N   1 ? 
ATOM   972  C  CA  . ALA A 1 113 ? 11.404  7.984   1.149   1.000 11.754 ? 152 ALA AAA CA  1 ? 
ATOM   973  C  C   . ALA A 1 113 ? 10.221  7.796   0.202   1.000 11.323 ? 152 ALA AAA C   1 ? 
ATOM   974  O  O   . ALA A 1 113 ? 9.954   8.658   -0.659  1.000 11.720 ? 152 ALA AAA O   1 ? 
ATOM   975  C  CB  . ALA A 1 113 ? 12.620  7.221   0.708   1.000 12.267 ? 152 ALA AAA CB  1 ? 
ATOM   976  N  N   . LEU A 1 114 ? 9.540   6.631   0.254   1.000 10.371 ? 153 LEU AAA N   1 ? 
ATOM   977  C  CA  . LEU A 1 114 ? 8.383   6.455   -0.621  1.000 10.323 ? 153 LEU AAA CA  1 ? 
ATOM   978  C  C   . LEU A 1 114 ? 7.258   7.421   -0.303  1.000 10.423 ? 153 LEU AAA C   1 ? 
ATOM   979  O  O   . LEU A 1 114 ? 6.615   7.909   -1.229  1.000 10.129 ? 153 LEU AAA O   1 ? 
ATOM   980  C  CB  . LEU A 1 114 ? 7.853   5.024   -0.454  1.000 11.026 ? 153 LEU AAA CB  1 ? 
ATOM   981  C  CG  . LEU A 1 114 ? 8.848   3.929   -0.814  1.000 14.668 ? 153 LEU AAA CG  1 ? 
ATOM   982  C  CD1 . LEU A 1 114 ? 8.390   2.546   -0.424  1.000 17.234 ? 153 LEU AAA CD1 1 ? 
ATOM   983  C  CD2 . LEU A 1 114 ? 9.225   3.965   -2.268  1.000 16.769 ? 153 LEU AAA CD2 1 ? 
ATOM   984  N  N   . GLU A 1 115 ? 7.070   7.725   0.976   1.000 9.934  ? 154 GLU AAA N   1 ? 
ATOM   985  C  CA  . GLU A 1 115 ? 5.988   8.644   1.342   1.000 10.889 ? 154 GLU AAA CA  1 ? 
ATOM   986  C  C   . GLU A 1 115 ? 6.272   10.061  0.861   1.000 10.615 ? 154 GLU AAA C   1 ? 
ATOM   987  O  O   . GLU A 1 115 ? 5.331   10.794  0.468   1.000 10.673 ? 154 GLU AAA O   1 ? 
ATOM   988  C  CB  . GLU A 1 115 ? 5.796   8.602   2.861   1.000 11.427 ? 154 GLU AAA CB  1 ? 
ATOM   989  C  CG  . GLU A 1 115 ? 4.571   9.410   3.266   1.000 13.799 ? 154 GLU AAA CG  1 ? 
ATOM   990  C  CD  . GLU A 1 115 ? 4.328   9.470   4.739   1.000 18.004 ? 154 GLU AAA CD  1 ? 
ATOM   991  O  OE1 . GLU A 1 115 ? 5.243   9.218   5.519   1.000 17.864 ? 154 GLU AAA OE1 1 ? 
ATOM   992  O  OE2 . GLU A 1 115 ? 3.146   9.841   5.062   1.000 23.028 ? 154 GLU AAA OE2 1 ? 
ATOM   993  N  N   . LYS A 1 116 ? 7.536   10.455  0.876   1.000 10.612 ? 155 LYS AAA N   1 ? 
ATOM   994  C  CA  . LYS A 1 116 ? 7.864   11.799  0.423   1.000 11.780 ? 155 LYS AAA CA  1 ? 
ATOM   995  C  C   . LYS A 1 116 ? 7.523   11.905  -1.060  1.000 11.015 ? 155 LYS AAA C   1 ? 
ATOM   996  O  O   . LYS A 1 116 ? 6.961   12.895  -1.520  1.000 11.454 ? 155 LYS AAA O   1 ? 
ATOM   997  C  CB  . LYS A 1 116 ? 9.360   12.047  0.622   1.000 12.990 ? 155 LYS AAA CB  1 ? 
ATOM   998  C  CG  . LYS A 1 116 ? 9.844   13.404  0.113   1.000 16.076 ? 155 LYS AAA CG  1 ? 
ATOM   999  C  CD  . LYS A 1 116 ? 11.263  13.656  0.541   1.000 20.856 ? 155 LYS AAA CD  1 ? 
ATOM   1000 C  CE  . LYS A 1 116 ? 11.852  14.894  -0.109  1.000 24.515 ? 155 LYS AAA CE  1 ? 
ATOM   1001 N  NZ  . LYS A 1 116 ? 13.135  15.259  0.518   1.000 33.249 ? 155 LYS AAA NZ  1 ? 
ATOM   1002 N  N   . LEU A 1 117 ? 7.830   10.877  -1.858  1.000 10.892 ? 156 LEU AAA N   1 ? 
ATOM   1003 C  CA  . LEU A 1 117 ? 7.496   10.868  -3.271  1.000 11.763 ? 156 LEU AAA CA  1 ? 
ATOM   1004 C  C   . LEU A 1 117 ? 5.988   10.857  -3.446  1.000 10.652 ? 156 LEU AAA C   1 ? 
ATOM   1005 O  O   . LEU A 1 117 ? 5.436   11.533  -4.331  1.000 11.370 ? 156 LEU AAA O   1 ? 
ATOM   1006 C  CB  . LEU A 1 117 ? 8.142   9.633   -3.922  1.000 13.893 ? 156 LEU AAA CB  1 ? 
ATOM   1007 C  CG  . LEU A 1 117 ? 9.516   9.935   -4.513  1.000 23.620 ? 156 LEU AAA CG  1 ? 
ATOM   1008 C  CD1 . LEU A 1 117 ? 10.289  8.665   -4.818  1.000 24.164 ? 156 LEU AAA CD1 1 ? 
ATOM   1009 C  CD2 . LEU A 1 117 ? 9.272   10.731  -5.798  1.000 26.225 ? 156 LEU AAA CD2 1 ? 
ATOM   1010 N  N   . PHE A 1 118 ? 5.330   10.002  -2.655  1.000 10.457 ? 157 PHE AAA N   1 ? 
ATOM   1011 C  CA  . PHE A 1 118 ? 3.884   9.913   -2.703  1.000 10.268 ? 157 PHE AAA CA  1 ? 
ATOM   1012 C  C   . PHE A 1 118 ? 3.252   11.284  -2.538  1.000 10.226 ? 157 PHE AAA C   1 ? 
ATOM   1013 O  O   . PHE A 1 118 ? 2.348   11.620  -3.310  1.000 10.863 ? 157 PHE AAA O   1 ? 
ATOM   1014 C  CB  . PHE A 1 118 ? 3.407   8.899   -1.654  1.000 10.436 ? 157 PHE AAA CB  1 ? 
ATOM   1015 C  CG  . PHE A 1 118 ? 1.914   8.761   -1.576  1.000 10.684 ? 157 PHE AAA CG  1 ? 
ATOM   1016 C  CD1 . PHE A 1 118 ? 1.233   8.043   -2.544  1.000 11.982 ? 157 PHE AAA CD1 1 ? 
ATOM   1017 C  CD2 . PHE A 1 118 ? 1.211   9.326   -0.508  1.000 14.123 ? 157 PHE AAA CD2 1 ? 
ATOM   1018 C  CE1 . PHE A 1 118 ? -0.158  7.897   -2.469  1.000 12.917 ? 157 PHE AAA CE1 1 ? 
ATOM   1019 C  CE2 . PHE A 1 118 ? -0.172  9.125   -0.424  1.000 15.901 ? 157 PHE AAA CE2 1 ? 
ATOM   1020 C  CZ  . PHE A 1 118 ? -0.824  8.442   -1.418  1.000 15.945 ? 157 PHE AAA CZ  1 ? 
ATOM   1021 N  N   . LEU A 1 119 ? 3.633   11.995  -1.513  1.000 9.875  ? 158 LEU AAA N   1 ? 
ATOM   1022 C  CA  . LEU A 1 119 ? 3.016   13.285  -1.214  1.000 12.499 ? 158 LEU AAA CA  1 ? 
ATOM   1023 C  C   . LEU A 1 119 ? 3.220   14.248  -2.387  1.000 11.910 ? 158 LEU AAA C   1 ? 
ATOM   1024 O  O   . LEU A 1 119 ? 2.296   15.000  -2.746  1.000 12.695 ? 158 LEU AAA O   1 ? 
ATOM   1025 C  CB  . LEU A 1 119 ? 3.592   13.848  0.091   1.000 15.131 ? 158 LEU AAA CB  1 ? 
ATOM   1026 C  CG  . LEU A 1 119 ? 3.059   15.203  0.582   1.000 19.928 ? 158 LEU AAA CG  1 ? 
ATOM   1027 C  CD1 . LEU A 1 119 ? 1.544   15.109  0.713   1.000 21.821 ? 158 LEU AAA CD1 1 ? 
ATOM   1028 C  CD2 . LEU A 1 119 ? 3.703   15.528  1.928   1.000 21.341 ? 158 LEU AAA CD2 1 ? 
ATOM   1029 N  N   . GLN A 1 120 ? 4.420   14.272  -2.950  1.000 11.635 ? 159 GLN AAA N   1 ? 
ATOM   1030 C  CA  . GLN A 1 120 ? 4.672   15.152  -4.090  1.000 12.858 ? 159 GLN AAA CA  1 ? 
ATOM   1031 C  C   . GLN A 1 120 ? 3.703   14.817  -5.210  1.000 13.148 ? 159 GLN AAA C   1 ? 
ATOM   1032 O  O   . GLN A 1 120 ? 3.164   15.731  -5.860  1.000 14.984 ? 159 GLN AAA O   1 ? 
ATOM   1033 C  CB  . GLN A 1 120 ? 6.082   14.904  -4.601  1.000 16.467 ? 159 GLN AAA CB  1 ? 
ATOM   1034 C  CG  . GLN A 1 120 ? 7.200   15.548  -3.806  1.000 22.089 ? 159 GLN AAA CG  1 ? 
ATOM   1035 C  CD  . GLN A 1 120 ? 8.582   15.203  -4.323  0.500 21.715 ? 159 GLN AAA CD  1 ? 
ATOM   1036 O  OE1 . GLN A 1 120 ? 8.762   14.526  -5.346  0.500 26.456 ? 159 GLN AAA OE1 1 ? 
ATOM   1037 N  NE2 . GLN A 1 120 ? 9.592   15.716  -3.634  0.500 25.512 ? 159 GLN AAA NE2 1 ? 
ATOM   1038 N  N   . LYS A 1 121 ? 3.512   13.544  -5.519  1.000 11.651 ? 160 LYS AAA N   1 ? 
ATOM   1039 C  CA  . LYS A 1 121 ? 2.602   13.162  -6.589  1.000 12.672 ? 160 LYS AAA CA  1 ? 
ATOM   1040 C  C   . LYS A 1 121 ? 1.158   13.450  -6.234  1.000 13.903 ? 160 LYS AAA C   1 ? 
ATOM   1041 O  O   . LYS A 1 121 ? 0.384   13.913  -7.095  1.000 13.897 ? 160 LYS AAA O   1 ? 
ATOM   1042 C  CB  . LYS A 1 121 ? 2.772   11.698  -6.994  1.000 14.989 ? 160 LYS AAA CB  1 ? 
ATOM   1043 C  CG  . LYS A 1 121 ? 4.179   11.320  -7.384  1.000 17.658 ? 160 LYS AAA CG  1 ? 
ATOM   1044 C  CD  . LYS A 1 121 ? 4.655   12.211  -8.510  1.000 20.834 ? 160 LYS AAA CD  1 ? 
ATOM   1045 C  CE  . LYS A 1 121 ? 5.465   11.415  -9.497  1.000 25.439 ? 160 LYS AAA CE  1 ? 
ATOM   1046 N  NZ  . LYS A 1 121 ? 6.416   12.289  -10.227 1.000 26.396 ? 160 LYS AAA NZ  1 ? 
ATOM   1047 N  N   . ILE A 1 122 ? 0.762   13.262  -4.972  1.000 12.006 ? 161 ILE AAA N   1 ? 
ATOM   1048 C  CA  . ILE A 1 122 ? -0.650  13.462  -4.641  1.000 13.304 ? 161 ILE AAA CA  1 ? 
ATOM   1049 C  C   . ILE A 1 122 ? -1.035  14.935  -4.596  1.000 12.501 ? 161 ILE AAA C   1 ? 
ATOM   1050 O  O   . ILE A 1 122 ? -2.187  15.297  -4.867  1.000 13.405 ? 161 ILE AAA O   1 ? 
ATOM   1051 C  CB  . ILE A 1 122 ? -1.045  12.694  -3.391  1.000 14.595 ? 161 ILE AAA CB  1 ? 
ATOM   1052 C  CG1 . ILE A 1 122 ? -2.396  12.007  -3.591  1.000 20.687 ? 161 ILE AAA CG1 1 ? 
ATOM   1053 C  CG2 . ILE A 1 122 ? -0.797  13.355  -2.062  1.000 19.852 ? 161 ILE AAA CG2 1 ? 
ATOM   1054 C  CD1 . ILE A 1 122 ? -2.208  10.750  -4.420  1.000 20.051 ? 161 ILE AAA CD1 1 ? 
ATOM   1055 N  N   . ASN A 1 123 ? -0.079  15.796  -4.294  1.000 12.986 ? 162 ASN AAA N   1 ? 
ATOM   1056 C  CA  . ASN A 1 123 ? -0.312  17.228  -4.384  1.000 14.469 ? 162 ASN AAA CA  1 ? 
ATOM   1057 C  C   . ASN A 1 123 ? -0.659  17.642  -5.817  1.000 15.455 ? 162 ASN AAA C   1 ? 
ATOM   1058 O  O   . ASN A 1 123 ? -1.315  18.689  -5.962  1.000 15.743 ? 162 ASN AAA O   1 ? 
ATOM   1059 C  CB  . ASN A 1 123 ? 0.857   18.025  -3.782  1.000 17.618 ? 162 ASN AAA CB  1 ? 
ATOM   1060 C  CG  . ASN A 1 123 ? 0.925   17.941  -2.277  1.000 16.631 ? 162 ASN AAA CG  1 ? 
ATOM   1061 O  OD1 . ASN A 1 123 ? -0.034  17.601  -1.616  1.000 20.266 ? 162 ASN AAA OD1 1 ? 
ATOM   1062 N  ND2 . ASN A 1 123 ? 2.054   18.338  -1.717  1.000 21.306 ? 162 ASN AAA ND2 1 ? 
ATOM   1063 N  N   . GLU A 1 124 ? -0.315  16.865  -6.846  1.000 13.449 ? 163 GLU AAA N   1 ? 
ATOM   1064 C  CA  . GLU A 1 124 ? -0.654  17.121  -8.242  1.000 15.306 ? 163 GLU AAA CA  1 ? 
ATOM   1065 C  C   . GLU A 1 124 ? -1.756  16.207  -8.764  1.000 15.319 ? 163 GLU AAA C   1 ? 
ATOM   1066 O  O   . GLU A 1 124 ? -2.020  16.157  -9.961  1.000 17.471 ? 163 GLU AAA O   1 ? 
ATOM   1067 C  CB  . GLU A 1 124 ? 0.601   16.967  -9.105  1.000 17.202 ? 163 GLU AAA CB  1 ? 
ATOM   1068 C  CG  . GLU A 1 124 ? 1.630   18.081  -8.851  1.000 21.789 ? 163 GLU AAA CG  1 ? 
ATOM   1069 C  CD  . GLU A 1 124 ? 1.281   19.458  -9.415  1.000 23.353 ? 163 GLU AAA CD  1 ? 
ATOM   1070 O  OE1 . GLU A 1 124 ? 0.169   19.661  -9.946  1.000 25.878 ? 163 GLU AAA OE1 1 ? 
ATOM   1071 O  OE2 . GLU A 1 124 ? 2.153   20.342  -9.308  1.000 26.855 ? 163 GLU AAA OE2 1 ? 
ATOM   1072 N  N   . LEU A 1 125 ? -2.432  15.484  -7.858  1.000 13.414 ? 164 LEU AAA N   1 ? 
ATOM   1073 C  CA  . LEU A 1 125 ? -3.576  14.690  -8.275  1.000 13.899 ? 164 LEU AAA CA  1 ? 
ATOM   1074 C  C   . LEU A 1 125 ? -4.522  15.596  -9.047  1.000 13.267 ? 164 LEU AAA C   1 ? 
ATOM   1075 O  O   . LEU A 1 125 ? -4.905  16.646  -8.519  1.000 13.689 ? 164 LEU AAA O   1 ? 
ATOM   1076 C  CB  . LEU A 1 125 ? -4.233  14.111  -7.031  1.000 13.827 ? 164 LEU AAA CB  1 ? 
ATOM   1077 C  CG  . LEU A 1 125 ? -5.427  13.181  -7.250  1.000 12.966 ? 164 LEU AAA CG  1 ? 
ATOM   1078 C  CD1 . LEU A 1 125 ? -4.913  11.806  -7.648  1.000 16.056 ? 164 LEU AAA CD1 1 ? 
ATOM   1079 C  CD2 . LEU A 1 125 ? -6.273  13.052  -5.985  1.000 15.331 ? 164 LEU AAA CD2 1 ? 
ATOM   1080 N  N   . PRO A 1 126 ? -4.947  15.217  -10.258 1.000 13.685 ? 165 PRO AAA N   1 ? 
ATOM   1081 C  CA  . PRO A 1 126 ? -5.738  16.132  -11.049 1.000 15.511 ? 165 PRO AAA CA  1 ? 
ATOM   1082 C  C   . PRO A 1 126 ? -7.124  16.305  -10.519 1.000 14.677 ? 165 PRO AAA C   1 ? 
ATOM   1083 O  O   . PRO A 1 126 ? -7.715  15.443  -9.882  1.000 13.951 ? 165 PRO AAA O   1 ? 
ATOM   1084 C  CB  . PRO A 1 126 ? -5.905  15.437  -12.393 1.000 17.550 ? 165 PRO AAA CB  1 ? 
ATOM   1085 C  CG  . PRO A 1 126 ? -5.829  14.012  -11.999 1.000 19.067 ? 165 PRO AAA CG  1 ? 
ATOM   1086 C  CD  . PRO A 1 126 ? -4.714  13.935  -10.960 1.000 16.386 ? 165 PRO AAA CD  1 ? 
ATOM   1087 N  N   . THR A 1 127 ? -7.646  17.472  -10.891 1.000 16.093 ? 166 THR AAA N   1 ? 
ATOM   1088 C  CA  . THR A 1 127 ? -9.038  17.729  -10.622 1.000 16.847 ? 166 THR AAA CA  1 ? 
ATOM   1089 C  C   . THR A 1 127 ? -9.881  16.614  -11.263 1.000 15.984 ? 166 THR AAA C   1 ? 
ATOM   1090 O  O   . THR A 1 127 ? -9.603  16.194  -12.383 1.000 18.133 ? 166 THR AAA O   1 ? 
ATOM   1091 C  CB  . THR A 1 127 ? -9.425  19.096  -11.194 1.000 19.971 ? 166 THR AAA CB  1 ? 
ATOM   1092 O  OG1 . THR A 1 127 ? -8.462  20.022  -10.678 1.000 20.668 ? 166 THR AAA OG1 1 ? 
ATOM   1093 C  CG2 . THR A 1 127 ? -10.823 19.481  -10.752 1.000 22.101 ? 166 THR AAA CG2 1 ? 
ATOM   1094 N  N   . GLU A 1 128 ? -10.873 16.134  -10.514 1.000 19.228 ? 167 GLU AAA N   1 ? 
ATOM   1095 C  CA  . GLU A 1 128 ? -11.756 15.100  -11.041 1.000 23.525 ? 167 GLU AAA CA  1 ? 
ATOM   1096 C  C   . GLU A 1 128 ? -12.581 15.622  -12.218 1.000 28.726 ? 167 GLU AAA C   1 ? 
ATOM   1097 O  O   . GLU A 1 128 ? -13.306 16.611  -12.099 1.000 31.005 ? 167 GLU AAA O   1 ? 
ATOM   1098 C  CB  . GLU A 1 128 ? -12.642 14.549  -9.918  1.000 27.689 ? 167 GLU AAA CB  1 ? 
ATOM   1099 C  CG  . GLU A 1 128 ? -13.644 13.506  -10.376 1.000 32.476 ? 167 GLU AAA CG  1 ? 
ATOM   1100 C  CD  . GLU A 1 128 ? -14.348 12.778  -9.241  1.000 36.101 ? 167 GLU AAA CD  1 ? 
ATOM   1101 O  OE1 . GLU A 1 128 ? -14.260 13.261  -8.087  1.000 40.346 ? 167 GLU AAA OE1 1 ? 
ATOM   1102 O  OE2 . GLU A 1 128 ? -14.982 11.726  -9.506  1.000 38.079 ? 167 GLU AAA OE2 1 ? 
ATOM   1103 N  N   . GLU A 1 129 ? -12.487 14.934  -13.360 1.000 31.224 ? 168 GLU AAA N   1 ? 
ATOM   1104 C  CA  . GLU A 1 129 ? -13.320 15.322  -14.487 1.000 38.668 ? 168 GLU AAA CA  1 ? 
ATOM   1105 C  C   . GLU A 1 129 ? -14.348 14.215  -14.747 1.000 48.619 ? 168 GLU AAA C   1 ? 
ATOM   1106 O  O   . GLU A 1 129 ? -14.413 13.210  -14.019 1.000 52.855 ? 168 GLU AAA O   1 ? 
ATOM   1107 C  CB  . GLU A 1 129 ? -12.483 15.743  -15.698 1.000 42.299 ? 168 GLU AAA CB  1 ? 
ATOM   1108 C  CG  . GLU A 1 129 ? -11.819 14.586  -16.422 1.000 48.385 ? 168 GLU AAA CG  1 ? 
ATOM   1109 C  CD  . GLU A 1 129 ? -10.393 14.833  -16.882 1.000 51.104 ? 168 GLU AAA CD  1 ? 
ATOM   1110 O  OE1 . GLU A 1 129 ? -9.863  15.955  -16.642 1.000 48.307 ? 168 GLU AAA OE1 1 ? 
ATOM   1111 O  OE2 . GLU A 1 129 ? -9.806  13.900  -17.474 1.000 53.777 ? 168 GLU AAA OE2 1 ? 
ATOM   1112 O  OXT . GLU A 1 129 ? -15.147 14.322  -15.680 1.000 54.607 ? 168 GLU AAA OXT 1 ? 
HETATM 1113 C  C1  . GOL B 2 .   ? -4.189  -2.016  13.557  1.000 24.208 ? 201 GOL AAA C1  1 ? 
HETATM 1114 O  O1  . GOL B 2 .   ? -3.345  -2.997  14.127  1.000 40.967 ? 201 GOL AAA O1  1 ? 
HETATM 1115 C  C2  . GOL B 2 .   ? -3.387  -0.807  13.138  1.000 27.309 ? 201 GOL AAA C2  1 ? 
HETATM 1116 O  O2  . GOL B 2 .   ? -2.071  -0.841  13.682  1.000 36.674 ? 201 GOL AAA O2  1 ? 
HETATM 1117 C  C3  . GOL B 2 .   ? -3.333  -0.627  11.643  1.000 25.850 ? 201 GOL AAA C3  1 ? 
HETATM 1118 O  O3  . GOL B 2 .   ? -2.925  -1.809  10.958  1.000 17.397 ? 201 GOL AAA O3  1 ? 
HETATM 1119 C  C4  . IJF C 3 .   ? 8.493   -5.784  5.505   1.000 40.545 ? 202 IJF AAA C4  1 ? 
HETATM 1120 C  C5  . IJF C 3 .   ? 7.710   -4.809  4.908   1.000 35.842 ? 202 IJF AAA C5  1 ? 
HETATM 1121 C  C6  . IJF C 3 .   ? 7.005   -3.955  5.727   1.000 32.823 ? 202 IJF AAA C6  1 ? 
HETATM 1122 N  N1  . IJF C 3 .   ? 7.050   -4.044  7.070   1.000 28.567 ? 202 IJF AAA N1  1 ? 
HETATM 1123 C  C3  . IJF C 3 .   ? 8.542   -5.885  6.887   1.000 28.641 ? 202 IJF AAA C3  1 ? 
HETATM 1124 O  O1  . IJF C 3 .   ? 9.076   -5.074  9.758   1.000 30.921 ? 202 IJF AAA O1  1 ? 
HETATM 1125 C  C1  . IJF C 3 .   ? 7.784   -5.012  9.149   1.000 27.533 ? 202 IJF AAA C1  1 ? 
HETATM 1126 C  C2  . IJF C 3 .   ? 7.818   -4.981  7.641   1.000 27.868 ? 202 IJF AAA C2  1 ? 
HETATM 1127 BR BR1 . IJF C 3 .   ? 9.472   -6.967  4.403   1.000 70.068 ? 202 IJF AAA BR1 1 ? 
HETATM 1128 O  O   . HOH D 4 .   ? 11.323  7.701   -10.853 1.000 40.213 ? 301 HOH AAA O   1 ? 
HETATM 1129 O  O   . HOH D 4 .   ? -5.796  8.164   5.356   1.000 34.345 ? 302 HOH AAA O   1 ? 
HETATM 1130 O  O   . HOH D 4 .   ? -17.269 0.854   -3.977  1.000 24.871 ? 303 HOH AAA O   1 ? 
HETATM 1131 O  O   . HOH D 4 .   ? 11.527  -14.448 0.103   1.000 26.253 ? 304 HOH AAA O   1 ? 
HETATM 1132 O  O   . HOH D 4 .   ? -15.153 1.606   0.239   1.000 36.637 ? 305 HOH AAA O   1 ? 
HETATM 1133 O  O   . HOH D 4 .   ? 18.597  2.359   10.075  1.000 32.762 ? 306 HOH AAA O   1 ? 
HETATM 1134 O  O   . HOH D 4 .   ? -1.969  17.309  -12.238 1.000 46.716 ? 307 HOH AAA O   1 ? 
HETATM 1135 O  O   . HOH D 4 .   ? -13.956 -12.609 -6.632  1.000 34.685 ? 308 HOH AAA O   1 ? 
HETATM 1136 O  O   . HOH D 4 .   ? -5.014  2.640   8.292   1.000 34.723 ? 309 HOH AAA O   1 ? 
HETATM 1137 O  O   . HOH D 4 .   ? 1.719   -14.280 10.628  1.000 24.050 ? 310 HOH AAA O   1 ? 
HETATM 1138 O  O   . HOH D 4 .   ? 4.623   -2.655  8.156   1.000 18.376 ? 311 HOH AAA O   1 ? 
HETATM 1139 O  O   . HOH D 4 .   ? -23.500 -8.266  -7.337  1.000 30.145 ? 312 HOH AAA O   1 ? 
HETATM 1140 O  O   . HOH D 4 .   ? -2.671  -5.307  19.171  1.000 42.322 ? 313 HOH AAA O   1 ? 
HETATM 1141 O  O   . HOH D 4 .   ? 7.171   2.477   16.439  1.000 33.151 ? 314 HOH AAA O   1 ? 
HETATM 1142 O  O   . HOH D 4 .   ? 15.693  2.451   15.415  1.000 64.785 ? 315 HOH AAA O   1 ? 
HETATM 1143 O  O   . HOH D 4 .   ? 12.600  -17.595 7.576   1.000 23.939 ? 316 HOH AAA O   1 ? 
HETATM 1144 O  O   . HOH D 4 .   ? -3.878  -8.633  -1.793  1.000 26.287 ? 317 HOH AAA O   1 ? 
HETATM 1145 O  O   . HOH D 4 .   ? -11.609 -9.071  -9.485  1.000 42.320 ? 318 HOH AAA O   1 ? 
HETATM 1146 O  O   . HOH D 4 .   ? 21.218  1.407   7.993   1.000 16.320 ? 319 HOH AAA O   1 ? 
HETATM 1147 O  O   . HOH D 4 .   ? 11.690  -2.297  15.404  1.000 34.882 ? 320 HOH AAA O   1 ? 
HETATM 1148 O  O   . HOH D 4 .   ? 12.769  -10.144 10.347  1.000 27.173 ? 321 HOH AAA O   1 ? 
HETATM 1149 O  O   . HOH D 4 .   ? -8.557  17.431  -14.498 1.000 28.827 ? 322 HOH AAA O   1 ? 
HETATM 1150 O  O   . HOH D 4 .   ? 12.664  -2.839  11.399  1.000 24.984 ? 323 HOH AAA O   1 ? 
HETATM 1151 O  O   . HOH D 4 .   ? 2.300   14.757  -11.341 1.000 23.364 ? 324 HOH AAA O   1 ? 
HETATM 1152 O  O   . HOH D 4 .   ? -0.494  22.250  -10.169 1.000 41.155 ? 325 HOH AAA O   1 ? 
HETATM 1153 O  O   . HOH D 4 .   ? -13.155 10.848  -14.191 1.000 24.154 ? 326 HOH AAA O   1 ? 
HETATM 1154 O  O   . HOH D 4 .   ? -1.501  -1.417  16.751  1.000 33.395 ? 327 HOH AAA O   1 ? 
HETATM 1155 O  O   . HOH D 4 .   ? -4.282  -9.233  5.188   1.000 15.447 ? 328 HOH AAA O   1 ? 
HETATM 1156 O  O   . HOH D 4 .   ? 13.755  9.752   6.604   1.000 30.953 ? 329 HOH AAA O   1 ? 
HETATM 1157 O  O   . HOH D 4 .   ? 1.305   -4.113  6.318   1.000 18.891 ? 330 HOH AAA O   1 ? 
HETATM 1158 O  O   . HOH D 4 .   ? 3.892   -11.981 0.867   1.000 20.175 ? 331 HOH AAA O   1 ? 
HETATM 1159 O  O   . HOH D 4 .   ? 2.841   -17.485 3.414   1.000 32.680 ? 332 HOH AAA O   1 ? 
HETATM 1160 O  O   . HOH D 4 .   ? -9.384  22.208  -9.362  1.000 25.194 ? 333 HOH AAA O   1 ? 
HETATM 1161 O  O   . HOH D 4 .   ? 3.158   -3.279  4.107   1.000 18.538 ? 334 HOH AAA O   1 ? 
HETATM 1162 O  O   . HOH D 4 .   ? -6.516  -10.431 -2.732  1.000 27.438 ? 335 HOH AAA O   1 ? 
HETATM 1163 O  O   . HOH D 4 .   ? 7.062   1.110   -12.136 1.000 27.583 ? 336 HOH AAA O   1 ? 
HETATM 1164 O  O   . HOH D 4 .   ? -7.884  -9.943  -7.814  1.000 37.978 ? 337 HOH AAA O   1 ? 
HETATM 1165 O  O   . HOH D 4 .   ? -11.812 12.856  -5.326  1.000 33.186 ? 338 HOH AAA O   1 ? 
HETATM 1166 O  O   . HOH D 4 .   ? 8.387   4.382   13.749  1.000 17.059 ? 339 HOH AAA O   1 ? 
HETATM 1167 O  O   . HOH D 4 .   ? -6.424  -3.569  5.351   1.000 31.263 ? 340 HOH AAA O   1 ? 
HETATM 1168 O  O   . HOH D 4 .   ? 13.108  7.470   10.861  1.000 29.763 ? 341 HOH AAA O   1 ? 
HETATM 1169 O  O   . HOH D 4 .   ? 13.872  8.892   -2.797  1.000 28.364 ? 342 HOH AAA O   1 ? 
HETATM 1170 O  O   . HOH D 4 .   ? -6.127  -5.217  5.765   1.000 24.137 ? 343 HOH AAA O   1 ? 
HETATM 1171 O  O   . HOH D 4 .   ? -14.099 10.701  -7.110  1.000 22.849 ? 344 HOH AAA O   1 ? 
HETATM 1172 O  O   . HOH D 4 .   ? 4.105   19.131  -3.361  1.000 49.293 ? 345 HOH AAA O   1 ? 
HETATM 1173 O  O   . HOH D 4 .   ? -8.247  -12.423 0.460   1.000 28.177 ? 346 HOH AAA O   1 ? 
HETATM 1174 O  O   . HOH D 4 .   ? 7.351   -11.041 17.205  1.000 23.813 ? 347 HOH AAA O   1 ? 
HETATM 1175 O  O   . HOH D 4 .   ? -13.783 19.068  -13.258 1.000 52.045 ? 348 HOH AAA O   1 ? 
HETATM 1176 O  O   . HOH D 4 .   ? -1.971  -15.353 2.968   1.000 29.758 ? 349 HOH AAA O   1 ? 
HETATM 1177 O  O   . HOH D 4 .   ? -1.388  -11.776 3.777   1.000 16.041 ? 350 HOH AAA O   1 ? 
HETATM 1178 O  O   . HOH D 4 .   ? -10.018 -8.670  2.590   1.000 31.222 ? 351 HOH AAA O   1 ? 
HETATM 1179 O  O   . HOH D 4 .   ? 8.492   11.112  4.470   1.000 17.488 ? 352 HOH AAA O   1 ? 
HETATM 1180 O  O   . HOH D 4 .   ? -0.595  -16.036 13.056  1.000 28.683 ? 353 HOH AAA O   1 ? 
HETATM 1181 O  O   . HOH D 4 .   ? 1.604   1.613   -13.266 1.000 30.989 ? 354 HOH AAA O   1 ? 
HETATM 1182 O  O   . HOH D 4 .   ? -5.523  10.733  -15.396 1.000 23.832 ? 355 HOH AAA O   1 ? 
HETATM 1183 O  O   . HOH D 4 .   ? 6.981   15.383  -0.269  1.000 18.437 ? 356 HOH AAA O   1 ? 
HETATM 1184 O  O   . HOH D 4 .   ? -3.245  6.062   8.367   1.000 37.418 ? 357 HOH AAA O   1 ? 
HETATM 1185 O  O   . HOH D 4 .   ? -6.619  1.054   3.919   1.000 20.791 ? 358 HOH AAA O   1 ? 
HETATM 1186 O  O   . HOH D 4 .   ? 6.522   -10.022 -4.789  1.000 33.598 ? 359 HOH AAA O   1 ? 
HETATM 1187 O  O   . HOH D 4 .   ? -2.277  1.993   9.902   1.000 28.714 ? 360 HOH AAA O   1 ? 
HETATM 1188 O  O   . HOH D 4 .   ? 6.739   -7.771  2.097   1.000 24.150 ? 361 HOH AAA O   1 ? 
HETATM 1189 O  O   . HOH D 4 .   ? 17.874  -3.868  6.903   1.000 27.026 ? 362 HOH AAA O   1 ? 
HETATM 1190 O  O   . HOH D 4 .   ? -6.482  2.996   -12.032 1.000 22.136 ? 363 HOH AAA O   1 ? 
HETATM 1191 O  O   . HOH D 4 .   ? 8.108   -5.334  -10.910 1.000 39.236 ? 364 HOH AAA O   1 ? 
HETATM 1192 O  O   . HOH D 4 .   ? -1.153  -24.483 13.618  1.000 23.585 ? 365 HOH AAA O   1 ? 
HETATM 1193 O  O   . HOH D 4 .   ? 9.647   -7.721  -3.929  1.000 21.292 ? 366 HOH AAA O   1 ? 
HETATM 1194 O  O   . HOH D 4 .   ? 4.770   -5.034  2.704   1.000 14.528 ? 367 HOH AAA O   1 ? 
HETATM 1195 O  O   . HOH D 4 .   ? -5.757  8.950   3.258   1.000 31.520 ? 368 HOH AAA O   1 ? 
HETATM 1196 O  O   . HOH D 4 .   ? 12.639  -11.435 13.667  1.000 32.361 ? 369 HOH AAA O   1 ? 
HETATM 1197 O  O   . HOH D 4 .   ? -11.614 9.736   -7.838  1.000 15.089 ? 370 HOH AAA O   1 ? 
HETATM 1198 O  O   . HOH D 4 .   ? 3.879   -1.414  5.818   1.000 18.785 ? 371 HOH AAA O   1 ? 
HETATM 1199 O  O   . HOH D 4 .   ? 13.352  -0.375  -10.227 1.000 27.766 ? 372 HOH AAA O   1 ? 
HETATM 1200 O  O   . HOH D 4 .   ? 1.288   -12.570 4.541   1.000 15.562 ? 373 HOH AAA O   1 ? 
HETATM 1201 O  O   . HOH D 4 .   ? -1.018  -6.556  3.153   1.000 14.402 ? 374 HOH AAA O   1 ? 
HETATM 1202 O  O   . HOH D 4 .   ? 0.498   -6.976  -7.496  1.000 28.352 ? 375 HOH AAA O   1 ? 
HETATM 1203 O  O   . HOH D 4 .   ? 17.424  -1.103  10.668  1.000 26.244 ? 376 HOH AAA O   1 ? 
HETATM 1204 O  O   . HOH D 4 .   ? 14.015  8.474   4.242   1.000 22.513 ? 377 HOH AAA O   1 ? 
HETATM 1205 O  O   . HOH D 4 .   ? 4.307   -7.659  20.771  1.000 37.621 ? 378 HOH AAA O   1 ? 
HETATM 1206 O  O   . HOH D 4 .   ? 12.063  10.354  -1.557  1.000 20.172 ? 379 HOH AAA O   1 ? 
HETATM 1207 O  O   . HOH D 4 .   ? 11.767  -1.357  -7.186  1.000 27.748 ? 380 HOH AAA O   1 ? 
HETATM 1208 O  O   . HOH D 4 .   ? -11.350 17.139  -7.887  1.000 25.803 ? 381 HOH AAA O   1 ? 
HETATM 1209 O  O   . HOH D 4 .   ? -9.432  1.342   0.639   1.000 19.879 ? 382 HOH AAA O   1 ? 
HETATM 1210 O  O   . HOH D 4 .   ? -11.626 -5.674  -8.384  1.000 21.136 ? 383 HOH AAA O   1 ? 
HETATM 1211 O  O   . HOH D 4 .   ? -0.357  -17.333 3.476   1.000 27.138 ? 384 HOH AAA O   1 ? 
HETATM 1212 O  O   . HOH D 4 .   ? 1.775   -15.650 14.977  1.000 34.979 ? 385 HOH AAA O   1 ? 
HETATM 1213 O  O   . HOH D 4 .   ? 9.814   -18.380 11.340  1.000 37.195 ? 386 HOH AAA O   1 ? 
HETATM 1214 O  O   . HOH D 4 .   ? 7.235   -10.168 3.179   1.000 23.972 ? 387 HOH AAA O   1 ? 
HETATM 1215 O  O   . HOH D 4 .   ? -1.898  -9.000  -2.534  1.000 36.089 ? 388 HOH AAA O   1 ? 
HETATM 1216 O  O   . HOH D 4 .   ? -10.062 -10.815 -3.266  1.000 24.743 ? 389 HOH AAA O   1 ? 
HETATM 1217 O  O   . HOH D 4 .   ? -2.150  11.531  1.973   1.000 27.351 ? 390 HOH AAA O   1 ? 
HETATM 1218 O  O   . HOH D 4 .   ? 14.256  -2.411  9.098   1.000 17.499 ? 391 HOH AAA O   1 ? 
HETATM 1219 O  O   . HOH D 4 .   ? 4.724   -8.020  -6.334  1.000 32.904 ? 392 HOH AAA O   1 ? 
HETATM 1220 O  O   . HOH D 4 .   ? 9.797   -7.044  15.711  1.000 30.524 ? 393 HOH AAA O   1 ? 
HETATM 1221 O  O   . HOH D 4 .   ? 15.076  5.005   -6.465  1.000 21.499 ? 394 HOH AAA O   1 ? 
HETATM 1222 O  O   . HOH D 4 .   ? 10.572  -3.832  -8.699  1.000 33.412 ? 395 HOH AAA O   1 ? 
HETATM 1223 O  O   . HOH D 4 .   ? 1.519   -12.364 12.882  1.000 18.748 ? 396 HOH AAA O   1 ? 
HETATM 1224 O  O   . HOH D 4 .   ? -6.741  13.893  -15.546 1.000 28.879 ? 397 HOH AAA O   1 ? 
HETATM 1225 O  O   . HOH D 4 .   ? 12.884  -1.911  -4.952  1.000 20.447 ? 398 HOH AAA O   1 ? 
HETATM 1226 O  O   . HOH D 4 .   ? 2.457   18.414  1.176   1.000 46.873 ? 399 HOH AAA O   1 ? 
HETATM 1227 O  O   . HOH D 4 .   ? -8.278  -9.956  4.244   1.000 16.481 ? 400 HOH AAA O   1 ? 
HETATM 1228 O  O   . HOH D 4 .   ? -14.517 7.931   -0.005  1.000 26.478 ? 401 HOH AAA O   1 ? 
HETATM 1229 O  O   . HOH D 4 .   ? 9.144   -18.268 0.729   1.000 43.037 ? 402 HOH AAA O   1 ? 
HETATM 1230 O  O   . HOH D 4 .   ? -11.953 10.476  -3.796  1.000 15.853 ? 403 HOH AAA O   1 ? 
HETATM 1231 O  O   . HOH D 4 .   ? -13.665 -5.083  -11.307 1.000 35.083 ? 404 HOH AAA O   1 ? 
HETATM 1232 O  O   . HOH D 4 .   ? 1.186   -6.594  4.787   1.000 19.118 ? 405 HOH AAA O   1 ? 
HETATM 1233 O  O   . HOH D 4 .   ? -8.536  1.713   -11.259 1.000 29.756 ? 406 HOH AAA O   1 ? 
HETATM 1234 O  O   . HOH D 4 .   ? -16.231 3.344   -14.928 1.000 25.458 ? 407 HOH AAA O   1 ? 
HETATM 1235 O  O   . HOH D 4 .   ? -20.222 -5.965  -10.474 1.000 38.947 ? 408 HOH AAA O   1 ? 
HETATM 1236 O  O   . HOH D 4 .   ? -3.688  -7.362  19.800  1.000 46.792 ? 409 HOH AAA O   1 ? 
HETATM 1237 O  O   . HOH D 4 .   ? 13.614  4.462   -9.664  1.000 28.846 ? 410 HOH AAA O   1 ? 
HETATM 1238 O  O   . HOH D 4 .   ? -9.155  -2.495  2.393   1.000 30.385 ? 411 HOH AAA O   1 ? 
HETATM 1239 O  O   . HOH D 4 .   ? 6.988   -2.965  3.918   1.000 22.844 ? 412 HOH AAA O   1 ? 
HETATM 1240 O  O   . HOH D 4 .   ? -16.403 -5.377  -0.250  1.000 32.730 ? 413 HOH AAA O   1 ? 
HETATM 1241 O  O   . HOH D 4 .   ? -19.191 9.343   -5.734  1.000 15.554 ? 414 HOH AAA O   1 ? 
HETATM 1242 O  O   . HOH D 4 .   ? -1.160  -13.564 13.703  1.000 30.703 ? 415 HOH AAA O   1 ? 
HETATM 1243 O  O   . HOH D 4 .   ? -10.786 1.438   -9.613  1.000 20.879 ? 416 HOH AAA O   1 ? 
HETATM 1244 O  O   . HOH D 4 .   ? 6.821   11.746  -13.180 1.000 27.286 ? 417 HOH AAA O   1 ? 
HETATM 1245 O  O   . HOH D 4 .   ? -18.454 -11.765 -3.313  1.000 26.937 ? 418 HOH AAA O   1 ? 
HETATM 1246 O  O   . HOH D 4 .   ? -12.762 -1.906  0.411   1.000 31.803 ? 419 HOH AAA O   1 ? 
HETATM 1247 O  O   . HOH D 4 .   ? -10.130 7.381   3.629   1.000 35.707 ? 420 HOH AAA O   1 ? 
HETATM 1248 O  O   . HOH D 4 .   ? 15.207  13.076  -0.416  1.000 33.516 ? 421 HOH AAA O   1 ? 
HETATM 1249 O  O   . HOH D 4 .   ? 9.865   -4.029  15.283  1.000 31.886 ? 422 HOH AAA O   1 ? 
HETATM 1250 O  O   . HOH D 4 .   ? -9.844  -6.213  2.573   1.000 24.979 ? 423 HOH AAA O   1 ? 
HETATM 1251 O  O   . HOH D 4 .   ? -1.559  -9.117  4.462   1.000 16.419 ? 424 HOH AAA O   1 ? 
HETATM 1252 O  O   . HOH D 4 .   ? 9.258   10.926  -9.493  1.000 40.242 ? 425 HOH AAA O   1 ? 
HETATM 1253 O  O   . HOH D 4 .   ? 5.888   16.578  -7.502  1.000 46.714 ? 426 HOH AAA O   1 ? 
HETATM 1254 O  O   . HOH D 4 .   ? -9.574  4.367   -13.320 1.000 24.940 ? 427 HOH AAA O   1 ? 
HETATM 1255 O  O   . HOH D 4 .   ? -11.837 6.893   1.258   1.000 32.217 ? 428 HOH AAA O   1 ? 
HETATM 1256 O  O   . HOH D 4 .   ? 10.505  12.981  -7.806  1.000 31.590 ? 429 HOH AAA O   1 ? 
HETATM 1257 O  O   . HOH D 4 .   ? 8.682   18.825  -4.624  1.000 37.828 ? 430 HOH AAA O   1 ? 
HETATM 1258 O  O   . HOH D 4 .   ? -12.359 -11.610 -1.084  1.000 38.830 ? 431 HOH AAA O   1 ? 
HETATM 1259 O  O   . HOH D 4 .   ? -12.122 -10.279 1.765   1.000 24.059 ? 432 HOH AAA O   1 ? 
HETATM 1260 O  O   . HOH D 4 .   ? 5.264   17.281  -1.004  1.000 30.034 ? 433 HOH AAA O   1 ? 
HETATM 1261 O  O   . HOH D 4 .   ? -5.041  11.697  2.852   1.000 37.541 ? 434 HOH AAA O   1 ? 
HETATM 1262 O  O   . HOH D 4 .   ? -16.917 8.469   -13.581 1.000 39.814 ? 435 HOH AAA O   1 ? 
HETATM 1263 O  O   . HOH D 4 .   ? 12.872  10.695  2.873   1.000 24.690 ? 436 HOH AAA O   1 ? 
HETATM 1264 O  O   . HOH D 4 .   ? 6.561   12.810  3.534   1.000 23.184 ? 437 HOH AAA O   1 ? 
HETATM 1265 O  O   . HOH D 4 .   ? 10.967  -8.916  -1.576  1.000 30.182 ? 438 HOH AAA O   1 ? 
HETATM 1266 O  O   . HOH D 4 .   ? 11.541  12.492  -3.211  1.000 36.776 ? 439 HOH AAA O   1 ? 
HETATM 1267 O  O   . HOH D 4 .   ? 10.945  12.347  4.344   1.000 25.503 ? 440 HOH AAA O   1 ? 
HETATM 1268 O  O   . HOH D 4 .   ? -2.021  -1.870  -16.015 1.000 39.986 ? 441 HOH AAA O   1 ? 
HETATM 1269 O  O   . HOH D 4 .   ? -11.378 0.148   -0.683  1.000 25.543 ? 442 HOH AAA O   1 ? 
HETATM 1270 O  O   . HOH D 4 .   ? -3.965  -10.549 -3.289  1.000 30.937 ? 443 HOH AAA O   1 ? 
HETATM 1271 O  O   . HOH D 4 .   ? 14.176  0.971   -12.386 1.000 27.052 ? 444 HOH AAA O   1 ? 
HETATM 1272 O  O   . HOH D 4 .   ? -7.635  -1.504  4.654   1.000 29.018 ? 445 HOH AAA O   1 ? 
HETATM 1273 O  O   . HOH D 4 .   ? -0.705  -13.038 1.427   1.000 24.075 ? 446 HOH AAA O   1 ? 
HETATM 1274 O  O   . HOH D 4 .   ? -6.220  -19.272 6.932   1.000 35.957 ? 447 HOH AAA O   1 ? 
HETATM 1275 O  O   . HOH D 4 .   ? -18.199 11.997  -6.614  1.000 36.177 ? 448 HOH AAA O   1 ? 
HETATM 1276 O  O   . HOH D 4 .   ? 2.131   -13.627 2.248   1.000 24.407 ? 449 HOH AAA O   1 ? 
HETATM 1277 O  O   . HOH D 4 .   ? 4.007   -0.652  -11.610 1.000 38.491 ? 450 HOH AAA O   1 ? 
HETATM 1278 O  O   . HOH D 4 .   ? 13.760  10.785  0.553   1.000 23.994 ? 451 HOH AAA O   1 ? 
HETATM 1279 O  O   . HOH D 4 .   ? 12.724  -7.975  10.350  1.000 47.949 ? 452 HOH AAA O   1 ? 
HETATM 1280 O  O   . HOH D 4 .   ? -16.380 -13.723 -7.091  1.000 26.235 ? 453 HOH AAA O   1 ? 
HETATM 1281 O  O   . HOH D 4 .   ? 3.700   -12.630 -1.739  1.000 38.044 ? 454 HOH AAA O   1 ? 
HETATM 1282 O  O   . HOH D 4 .   ? -0.963  -12.525 -1.300  1.000 33.999 ? 455 HOH AAA O   1 ? 
HETATM 1283 O  O   . HOH D 4 .   ? 15.901  8.917   0.901   1.000 33.967 ? 456 HOH AAA O   1 ? 
# 
